data_8RVX
#
_entry.id   8RVX
#
_cell.length_a   135.873
_cell.length_b   135.873
_cell.length_c   355.644
_cell.angle_alpha   90.000
_cell.angle_beta   90.000
_cell.angle_gamma   90.000
#
_symmetry.space_group_name_H-M   'P 43 21 2'
#
loop_
_entity.id
_entity.type
_entity.pdbx_description
1 polymer 'Phytochrome-like protein Cph1'
2 non-polymer PHYCOCYANOBILIN
3 water water
#
_entity_poly.entity_id   1
_entity_poly.type   'polypeptide(L)'
_entity_poly.pdbx_seq_one_letter_code
;MATTVQLSDQSLRQLETLAIHTAHLIQPHGLVVVLQEPDLTISQISANCTGILGRSPEDLLGRTLGEVFDSFQIDPIQSR
LTAGQISSLNPSKLWARVMGDDFVIFDGVFHRNSDGLLVCELEPAYTSDNLPFLGFYHMARAALNRLRQQANLRDFYDVI
VEEVRRMTGFDRVMLHRFDENNHGDVIAEDKRDDMEPYLGLHYPESDIPQPARRLFIHNPIRVIPDVYGVAVPLTPAVNP
STNRAVDLTESILRSAYHCHLTYLKNMGVGASLTISLIKDGHLWGLIACHHQTPKVIPFELRKACEFFGRVVFSNISAQE
DTETFDYRVQLAEHEAVLLDKMTTAADFVEGLTNHPDRLLGLTGSQGAAICFGEKLILVGETPDEKAVQYLLQWLENREV
QDVFFTSSLSQIYPDAVNFKSVASGLLAIPIARHNFLLWFRPEVLQTVNWGGDPNHAYEATQEDGKIELHPRQSFDLWKE
IVRLQSLPWQSVEIQSALALKKAIVNLILRQAEEHHHHHH
;
_entity_poly.pdbx_strand_id   A,B,C,D
#
loop_
_chem_comp.id
_chem_comp.type
_chem_comp.name
_chem_comp.formula
CYC non-polymer PHYCOCYANOBILIN 'C33 H40 N4 O6'
#
# COMPACT_ATOMS: atom_id res chain seq x y z
N ALA A 19 -9.63 11.57 -31.42
CA ALA A 19 -9.77 10.14 -31.06
C ALA A 19 -8.47 9.67 -30.42
N ILE A 20 -8.12 8.39 -30.67
CA ILE A 20 -7.06 7.71 -29.94
C ILE A 20 -5.69 8.34 -30.22
N HIS A 21 -5.42 8.75 -31.47
CA HIS A 21 -4.09 9.12 -31.90
C HIS A 21 -3.61 10.41 -31.24
N THR A 22 -4.55 11.27 -30.81
CA THR A 22 -4.24 12.50 -30.09
C THR A 22 -2.93 13.12 -30.62
N ALA A 23 -2.94 13.45 -31.92
CA ALA A 23 -1.91 14.29 -32.53
C ALA A 23 -1.89 15.65 -31.84
N HIS A 24 -0.81 15.94 -31.08
CA HIS A 24 -0.82 17.06 -30.16
C HIS A 24 -0.42 18.37 -30.83
N LEU A 25 -1.43 19.12 -31.30
CA LEU A 25 -1.18 20.39 -31.96
C LEU A 25 -1.67 21.54 -31.09
N ILE A 26 -1.34 22.74 -31.54
CA ILE A 26 -1.56 23.97 -30.80
C ILE A 26 -2.55 24.86 -31.55
N GLN A 27 -3.45 25.49 -30.76
CA GLN A 27 -4.27 26.57 -31.29
C GLN A 27 -3.29 27.66 -31.70
N PRO A 28 -3.45 28.31 -32.87
CA PRO A 28 -2.35 29.02 -33.51
C PRO A 28 -2.05 30.42 -33.00
N HIS A 29 -2.87 30.90 -32.06
CA HIS A 29 -2.76 32.26 -31.54
C HIS A 29 -1.61 32.39 -30.54
N GLY A 30 -1.25 31.28 -29.89
CA GLY A 30 -0.23 31.29 -28.85
C GLY A 30 0.94 30.40 -29.20
N LEU A 31 2.04 30.59 -28.47
CA LEU A 31 3.27 29.86 -28.70
C LEU A 31 3.46 28.86 -27.58
N VAL A 32 3.95 27.67 -27.93
CA VAL A 32 4.36 26.70 -26.94
C VAL A 32 5.84 26.42 -27.14
N VAL A 33 6.57 26.48 -26.03
CA VAL A 33 7.97 26.17 -26.02
C VAL A 33 8.21 25.09 -24.99
N VAL A 34 9.24 24.30 -25.27
CA VAL A 34 9.68 23.29 -24.34
C VAL A 34 11.09 23.65 -23.90
N LEU A 35 11.26 23.82 -22.59
CA LEU A 35 12.51 24.29 -22.03
C LEU A 35 13.30 23.11 -21.48
N GLN A 36 14.53 22.97 -21.98
CA GLN A 36 15.46 21.98 -21.49
C GLN A 36 16.01 22.41 -20.14
N GLU A 37 16.33 21.46 -19.27
CA GLU A 37 16.83 21.77 -17.95
C GLU A 37 18.20 21.13 -17.75
N PRO A 38 19.10 21.76 -16.96
CA PRO A 38 18.79 22.94 -16.16
C PRO A 38 18.99 24.30 -16.82
N ASP A 39 19.25 24.31 -18.14
CA ASP A 39 19.82 25.47 -18.81
C ASP A 39 18.72 26.36 -19.40
N LEU A 40 17.47 25.87 -19.44
CA LEU A 40 16.30 26.66 -19.82
C LEU A 40 16.44 27.21 -21.24
N THR A 41 16.99 26.35 -22.10
CA THR A 41 17.03 26.56 -23.54
C THR A 41 15.81 25.90 -24.18
N ILE A 42 15.42 26.39 -25.36
CA ILE A 42 14.21 25.92 -26.02
C ILE A 42 14.53 24.66 -26.82
N SER A 43 14.08 23.49 -26.33
CA SER A 43 14.31 22.23 -27.02
C SER A 43 13.35 22.08 -28.21
N GLN A 44 12.10 22.52 -28.03
CA GLN A 44 11.12 22.49 -29.10
C GLN A 44 10.28 23.77 -29.03
N ILE A 45 9.73 24.16 -30.20
CA ILE A 45 8.87 25.33 -30.28
C ILE A 45 7.75 25.07 -31.29
N SER A 46 6.60 25.69 -31.03
CA SER A 46 5.48 25.69 -31.95
C SER A 46 5.90 26.37 -33.25
N ALA A 47 5.31 25.92 -34.37
CA ALA A 47 5.77 26.29 -35.70
C ALA A 47 5.29 27.69 -36.09
N ASN A 48 4.30 28.22 -35.34
CA ASN A 48 3.73 29.53 -35.61
C ASN A 48 4.68 30.64 -35.16
N CYS A 49 5.80 30.28 -34.50
CA CYS A 49 6.73 31.23 -33.95
C CYS A 49 7.27 32.18 -35.01
N THR A 50 7.40 31.71 -36.26
CA THR A 50 7.87 32.57 -37.34
C THR A 50 6.91 33.73 -37.52
N GLY A 51 5.62 33.39 -37.69
CA GLY A 51 4.57 34.34 -37.96
C GLY A 51 4.30 35.28 -36.78
N ILE A 52 4.49 34.82 -35.55
CA ILE A 52 4.07 35.55 -34.37
C ILE A 52 5.23 36.36 -33.77
N LEU A 53 6.43 35.76 -33.77
CA LEU A 53 7.60 36.38 -33.16
C LEU A 53 8.53 36.91 -34.25
N GLY A 54 8.19 36.70 -35.51
CA GLY A 54 8.99 37.18 -36.61
C GLY A 54 10.37 36.52 -36.66
N ARG A 55 10.59 35.51 -35.81
CA ARG A 55 11.83 34.74 -35.87
C ARG A 55 11.48 33.28 -36.05
N SER A 56 12.28 32.56 -36.85
CA SER A 56 11.94 31.22 -37.31
C SER A 56 12.22 30.21 -36.21
N PRO A 57 11.75 28.95 -36.35
CA PRO A 57 12.04 27.92 -35.35
C PRO A 57 13.54 27.60 -35.32
N GLU A 58 14.16 27.62 -36.52
CA GLU A 58 15.58 27.33 -36.62
C GLU A 58 16.38 28.35 -35.82
N ASP A 59 15.93 29.61 -35.86
CA ASP A 59 16.56 30.72 -35.17
C ASP A 59 16.44 30.58 -33.66
N LEU A 60 15.23 30.18 -33.22
CA LEU A 60 14.84 30.27 -31.83
C LEU A 60 15.25 29.01 -31.08
N LEU A 61 15.18 27.87 -31.76
CA LEU A 61 15.59 26.61 -31.15
C LEU A 61 17.00 26.76 -30.60
N GLY A 62 17.18 26.45 -29.31
CA GLY A 62 18.47 26.48 -28.66
C GLY A 62 18.72 27.74 -27.83
N ARG A 63 17.90 28.78 -28.05
CA ARG A 63 18.04 30.03 -27.32
C ARG A 63 17.33 29.92 -25.97
N THR A 64 17.88 30.57 -24.96
CA THR A 64 17.20 30.61 -23.67
C THR A 64 16.05 31.60 -23.78
N LEU A 65 15.02 31.37 -22.96
CA LEU A 65 13.81 32.15 -23.03
C LEU A 65 14.15 33.61 -22.76
N GLY A 66 15.00 33.84 -21.75
CA GLY A 66 15.39 35.19 -21.38
C GLY A 66 15.92 35.97 -22.58
N GLU A 67 16.69 35.29 -23.43
CA GLU A 67 17.30 35.91 -24.58
C GLU A 67 16.21 36.39 -25.53
N VAL A 68 15.22 35.54 -25.75
CA VAL A 68 14.22 35.82 -26.76
C VAL A 68 13.32 36.98 -26.32
N PHE A 69 12.84 36.91 -25.08
CA PHE A 69 11.82 37.85 -24.62
C PHE A 69 12.37 38.94 -23.71
N ASP A 70 13.68 39.11 -23.64
CA ASP A 70 14.26 40.16 -22.82
C ASP A 70 13.69 40.13 -21.39
N SER A 71 13.33 38.94 -20.92
CA SER A 71 12.67 38.74 -19.63
C SER A 71 13.57 37.91 -18.73
N PHE A 72 13.68 38.34 -17.47
CA PHE A 72 14.57 37.71 -16.49
C PHE A 72 14.53 36.20 -16.69
N GLN A 73 15.65 35.67 -17.16
CA GLN A 73 15.83 34.23 -17.22
C GLN A 73 16.09 33.80 -15.78
N ILE A 74 15.23 32.90 -15.26
CA ILE A 74 15.36 32.42 -13.89
C ILE A 74 16.81 31.98 -13.69
N ASP A 75 17.42 32.43 -12.59
CA ASP A 75 18.80 32.06 -12.29
C ASP A 75 18.93 30.55 -12.45
N PRO A 76 19.87 30.03 -13.28
CA PRO A 76 19.85 28.63 -13.71
C PRO A 76 19.75 27.70 -12.49
N ILE A 77 18.62 27.00 -12.40
CA ILE A 77 18.25 26.24 -11.22
C ILE A 77 19.31 25.18 -10.93
N GLN A 78 19.54 24.92 -9.63
CA GLN A 78 20.40 23.84 -9.18
C GLN A 78 20.13 22.53 -9.93
N SER A 79 18.84 22.20 -10.07
CA SER A 79 18.40 20.98 -10.74
C SER A 79 17.32 21.30 -11.76
N ARG A 80 16.05 21.27 -11.32
CA ARG A 80 14.91 21.56 -12.15
C ARG A 80 14.07 22.57 -11.39
N LEU A 81 13.22 23.30 -12.12
CA LEU A 81 12.35 24.29 -11.51
C LEU A 81 11.30 23.60 -10.63
N THR A 82 11.38 23.79 -9.31
CA THR A 82 10.42 23.22 -8.40
C THR A 82 9.03 23.76 -8.73
N ALA A 83 7.97 23.03 -8.38
CA ALA A 83 6.63 23.48 -8.73
C ALA A 83 6.28 24.75 -7.98
N GLY A 84 6.98 25.04 -6.86
CA GLY A 84 6.90 26.35 -6.23
C GLY A 84 7.39 27.46 -7.17
N GLN A 85 8.56 27.23 -7.78
CA GLN A 85 9.17 28.20 -8.66
C GLN A 85 8.31 28.32 -9.92
N ILE A 86 7.77 27.20 -10.40
CA ILE A 86 6.94 27.18 -11.58
C ILE A 86 5.64 27.94 -11.32
N SER A 87 5.08 27.77 -10.12
CA SER A 87 3.76 28.29 -9.82
C SER A 87 3.82 29.77 -9.44
N SER A 88 4.97 30.20 -8.89
CA SER A 88 5.18 31.60 -8.59
C SER A 88 5.39 32.40 -9.88
N LEU A 89 5.98 31.77 -10.90
CA LEU A 89 6.18 32.37 -12.22
C LEU A 89 4.85 32.69 -12.91
N ASN A 90 3.78 32.00 -12.52
CA ASN A 90 2.54 32.07 -13.26
C ASN A 90 1.65 33.18 -12.70
N PRO A 91 1.16 34.11 -13.54
CA PRO A 91 1.70 34.34 -14.89
C PRO A 91 2.81 35.38 -14.88
N SER A 92 3.64 35.36 -15.93
CA SER A 92 4.69 36.34 -16.12
C SER A 92 4.52 37.00 -17.48
N LYS A 93 4.84 38.30 -17.55
CA LYS A 93 4.64 39.12 -18.72
C LYS A 93 6.00 39.34 -19.43
N LEU A 94 6.12 38.73 -20.61
CA LEU A 94 7.36 38.73 -21.37
C LEU A 94 7.11 39.60 -22.60
N TRP A 95 8.07 40.50 -22.88
CA TRP A 95 7.95 41.32 -24.05
C TRP A 95 9.28 41.44 -24.78
N ALA A 96 9.19 41.49 -26.11
CA ALA A 96 10.37 41.58 -26.94
C ALA A 96 10.09 42.43 -28.17
N ARG A 97 11.10 43.23 -28.53
CA ARG A 97 11.24 43.77 -29.88
C ARG A 97 11.76 42.65 -30.79
N VAL A 98 11.21 42.55 -32.01
CA VAL A 98 11.65 41.57 -32.99
C VAL A 98 11.72 42.26 -34.36
N MET A 99 12.29 41.55 -35.34
CA MET A 99 12.76 42.13 -36.61
C MET A 99 11.65 42.91 -37.33
N GLY A 100 11.79 44.24 -37.37
CA GLY A 100 10.82 45.13 -38.00
C GLY A 100 10.17 46.10 -37.01
N ASP A 101 10.82 46.34 -35.87
CA ASP A 101 10.35 47.28 -34.86
C ASP A 101 9.30 46.64 -33.94
N ASP A 102 9.01 45.35 -34.12
CA ASP A 102 7.83 44.73 -33.52
C ASP A 102 8.05 44.58 -32.02
N PHE A 103 7.24 45.25 -31.18
CA PHE A 103 7.40 45.20 -29.73
C PHE A 103 6.18 44.53 -29.05
N VAL A 104 6.33 43.25 -28.63
CA VAL A 104 5.19 42.35 -28.49
C VAL A 104 5.13 41.84 -27.05
N ILE A 105 3.94 41.86 -26.43
CA ILE A 105 3.78 41.41 -25.06
C ILE A 105 3.08 40.05 -25.07
N PHE A 106 3.56 39.15 -24.19
CA PHE A 106 2.95 37.85 -23.98
C PHE A 106 2.68 37.57 -22.50
N ASP A 107 1.56 36.90 -22.20
CA ASP A 107 1.39 36.19 -20.94
C ASP A 107 2.14 34.86 -21.05
N GLY A 108 3.11 34.61 -20.17
CA GLY A 108 3.78 33.31 -20.10
C GLY A 108 3.29 32.48 -18.92
N VAL A 109 3.15 31.17 -19.13
CA VAL A 109 2.54 30.28 -18.14
C VAL A 109 3.18 28.90 -18.23
N PHE A 110 3.79 28.47 -17.11
CA PHE A 110 4.64 27.30 -17.08
C PHE A 110 3.95 26.14 -16.38
N HIS A 111 3.95 24.96 -17.01
CA HIS A 111 3.61 23.75 -16.31
C HIS A 111 4.67 22.70 -16.58
N ARG A 112 4.71 21.59 -15.83
CA ARG A 112 5.49 20.48 -16.30
C ARG A 112 4.53 19.36 -16.67
N ASN A 113 4.85 18.76 -17.81
CA ASN A 113 4.11 17.69 -18.44
C ASN A 113 4.00 16.49 -17.53
N SER A 114 2.98 15.66 -17.80
CA SER A 114 2.90 14.34 -17.20
C SER A 114 4.19 13.56 -17.46
N ASP A 115 4.89 13.86 -18.57
CA ASP A 115 6.17 13.27 -18.90
C ASP A 115 7.29 13.88 -18.06
N GLY A 116 7.02 15.03 -17.44
CA GLY A 116 7.97 15.64 -16.52
C GLY A 116 8.66 16.87 -17.13
N LEU A 117 8.67 16.96 -18.46
CA LEU A 117 9.35 18.01 -19.19
C LEU A 117 8.64 19.36 -18.99
N LEU A 118 9.42 20.44 -18.97
CA LEU A 118 8.91 21.77 -18.69
C LEU A 118 8.30 22.39 -19.95
N VAL A 119 7.18 23.08 -19.80
CA VAL A 119 6.51 23.73 -20.92
C VAL A 119 6.17 25.17 -20.55
N CYS A 120 6.32 26.08 -21.53
CA CYS A 120 5.85 27.44 -21.37
C CYS A 120 4.93 27.83 -22.51
N GLU A 121 3.76 28.40 -22.19
CA GLU A 121 2.80 28.85 -23.20
C GLU A 121 2.67 30.37 -23.19
N LEU A 122 2.73 30.96 -24.39
CA LEU A 122 2.81 32.40 -24.56
C LEU A 122 1.60 32.89 -25.33
N GLU A 123 0.64 33.50 -24.63
CA GLU A 123 -0.53 34.09 -25.24
C GLU A 123 -0.28 35.58 -25.40
N PRO A 124 -0.45 36.15 -26.61
CA PRO A 124 -0.21 37.58 -26.78
C PRO A 124 -1.18 38.39 -25.93
N ALA A 125 -0.64 39.40 -25.26
CA ALA A 125 -1.41 40.20 -24.32
C ALA A 125 -1.34 41.66 -24.75
N TYR A 126 -2.19 42.50 -24.14
CA TYR A 126 -2.40 43.84 -24.66
C TYR A 126 -1.49 44.84 -23.94
N THR A 127 -1.40 44.74 -22.61
CA THR A 127 -0.51 45.62 -21.85
C THR A 127 0.49 44.77 -21.07
N SER A 128 1.47 45.46 -20.45
CA SER A 128 2.45 44.81 -19.60
C SER A 128 1.90 44.61 -18.20
N ASP A 129 1.19 45.61 -17.66
CA ASP A 129 0.84 45.58 -16.24
C ASP A 129 -0.35 44.65 -16.03
N ASN A 130 -0.48 44.20 -14.79
CA ASN A 130 -1.48 43.21 -14.41
C ASN A 130 -2.87 43.80 -14.56
N LEU A 131 -3.84 42.94 -14.85
CA LEU A 131 -5.24 43.30 -14.70
C LEU A 131 -5.84 42.46 -13.57
N PRO A 132 -6.14 43.04 -12.39
CA PRO A 132 -7.06 42.41 -11.45
C PRO A 132 -8.46 42.63 -11.99
N PHE A 133 -9.24 41.58 -12.11
CA PHE A 133 -10.52 41.70 -12.79
C PHE A 133 -11.58 42.17 -11.80
N LEU A 134 -11.47 43.43 -11.40
CA LEU A 134 -12.27 43.92 -10.28
C LEU A 134 -13.74 43.90 -10.68
N GLY A 135 -14.01 44.43 -11.88
CA GLY A 135 -15.36 44.43 -12.41
C GLY A 135 -16.00 43.05 -12.26
N PHE A 136 -15.32 42.05 -12.83
CA PHE A 136 -15.79 40.66 -12.79
C PHE A 136 -16.06 40.25 -11.35
N TYR A 137 -15.11 40.60 -10.47
CA TYR A 137 -15.19 40.19 -9.09
C TYR A 137 -16.38 40.85 -8.41
N HIS A 138 -16.63 42.13 -8.72
CA HIS A 138 -17.75 42.84 -8.11
C HIS A 138 -19.08 42.25 -8.58
N MET A 139 -19.15 41.87 -9.86
CA MET A 139 -20.37 41.32 -10.42
C MET A 139 -20.60 39.92 -9.87
N ALA A 140 -19.49 39.23 -9.59
CA ALA A 140 -19.53 37.86 -9.10
C ALA A 140 -20.08 37.83 -7.68
N ARG A 141 -19.52 38.71 -6.84
CA ARG A 141 -20.00 38.91 -5.49
C ARG A 141 -21.50 39.13 -5.49
N ALA A 142 -21.96 40.01 -6.39
CA ALA A 142 -23.37 40.38 -6.49
C ALA A 142 -24.18 39.24 -7.09
N ALA A 143 -23.57 38.44 -7.97
CA ALA A 143 -24.23 37.25 -8.49
C ALA A 143 -24.55 36.28 -7.36
N LEU A 144 -23.60 36.12 -6.45
CA LEU A 144 -23.73 35.13 -5.40
C LEU A 144 -24.80 35.54 -4.41
N ASN A 145 -25.05 36.83 -4.24
CA ASN A 145 -26.11 37.32 -3.36
C ASN A 145 -27.47 37.06 -4.00
N ARG A 146 -27.53 37.23 -5.32
CA ARG A 146 -28.75 36.96 -6.06
C ARG A 146 -29.05 35.47 -5.92
N LEU A 147 -28.03 34.63 -6.14
CA LEU A 147 -28.21 33.19 -6.10
C LEU A 147 -28.73 32.72 -4.75
N ARG A 148 -28.14 33.24 -3.67
CA ARG A 148 -28.47 32.78 -2.31
C ARG A 148 -29.90 33.18 -1.93
N GLN A 149 -30.49 34.11 -2.68
CA GLN A 149 -31.80 34.64 -2.39
C GLN A 149 -32.90 34.00 -3.25
N GLN A 150 -32.54 32.98 -4.04
CA GLN A 150 -33.45 32.35 -4.99
C GLN A 150 -34.21 31.21 -4.31
N ALA A 151 -35.50 31.07 -4.63
CA ALA A 151 -36.35 30.09 -3.98
C ALA A 151 -36.32 28.77 -4.74
N ASN A 152 -36.63 28.85 -6.04
CA ASN A 152 -36.70 27.67 -6.90
C ASN A 152 -35.29 27.30 -7.35
N LEU A 153 -35.05 26.01 -7.54
CA LEU A 153 -33.79 25.56 -8.11
C LEU A 153 -33.69 25.99 -9.58
N ARG A 154 -34.84 26.01 -10.27
CA ARG A 154 -34.86 26.53 -11.64
C ARG A 154 -34.39 27.98 -11.62
N ASP A 155 -35.15 28.85 -10.94
CA ASP A 155 -34.74 30.24 -10.81
C ASP A 155 -33.25 30.31 -10.49
N PHE A 156 -32.81 29.45 -9.58
CA PHE A 156 -31.41 29.39 -9.17
C PHE A 156 -30.49 29.17 -10.37
N TYR A 157 -30.72 28.10 -11.13
CA TYR A 157 -29.91 27.78 -12.30
C TYR A 157 -29.96 28.91 -13.34
N ASP A 158 -31.16 29.43 -13.59
CA ASP A 158 -31.40 30.45 -14.60
C ASP A 158 -30.58 31.70 -14.26
N VAL A 159 -30.32 31.92 -12.96
CA VAL A 159 -29.58 33.09 -12.54
C VAL A 159 -28.10 32.88 -12.81
N ILE A 160 -27.61 31.65 -12.59
CA ILE A 160 -26.21 31.35 -12.79
C ILE A 160 -25.84 31.79 -14.21
N VAL A 161 -26.54 31.24 -15.19
CA VAL A 161 -26.23 31.42 -16.60
C VAL A 161 -26.33 32.90 -16.96
N GLU A 162 -27.38 33.55 -16.48
CA GLU A 162 -27.64 34.95 -16.77
C GLU A 162 -26.47 35.82 -16.30
N GLU A 163 -26.01 35.58 -15.07
CA GLU A 163 -25.00 36.42 -14.43
C GLU A 163 -23.61 36.08 -14.98
N VAL A 164 -23.37 34.81 -15.27
CA VAL A 164 -22.16 34.39 -15.95
C VAL A 164 -22.09 35.12 -17.28
N ARG A 165 -23.17 35.07 -18.05
CA ARG A 165 -23.19 35.70 -19.35
C ARG A 165 -22.96 37.19 -19.21
N ARG A 166 -23.56 37.82 -18.20
CA ARG A 166 -23.34 39.24 -18.01
C ARG A 166 -21.87 39.48 -17.73
N MET A 167 -21.35 38.74 -16.77
CA MET A 167 -19.99 38.94 -16.29
C MET A 167 -18.99 38.72 -17.41
N THR A 168 -19.26 37.71 -18.25
CA THR A 168 -18.32 37.22 -19.23
C THR A 168 -18.59 37.89 -20.59
N GLY A 169 -19.84 38.01 -20.99
CA GLY A 169 -20.19 38.76 -22.19
C GLY A 169 -20.24 37.86 -23.42
N PHE A 170 -20.28 36.55 -23.18
CA PHE A 170 -20.45 35.58 -24.24
C PHE A 170 -21.81 35.80 -24.89
N ASP A 171 -21.85 35.49 -26.19
CA ASP A 171 -23.06 35.57 -26.99
C ASP A 171 -24.02 34.50 -26.45
N ARG A 172 -23.48 33.39 -25.93
CA ARG A 172 -24.29 32.35 -25.30
C ARG A 172 -23.52 31.71 -24.14
N VAL A 173 -24.23 31.55 -23.01
CA VAL A 173 -23.79 30.74 -21.89
C VAL A 173 -24.89 29.73 -21.60
N MET A 174 -24.49 28.49 -21.29
CA MET A 174 -25.45 27.47 -20.89
C MET A 174 -24.87 26.58 -19.81
N LEU A 175 -25.80 26.00 -19.05
CA LEU A 175 -25.52 25.12 -17.95
C LEU A 175 -25.88 23.69 -18.33
N HIS A 176 -24.86 22.82 -18.36
CA HIS A 176 -25.02 21.40 -18.62
C HIS A 176 -24.87 20.61 -17.32
N ARG A 177 -25.88 19.79 -17.01
CA ARG A 177 -25.77 18.85 -15.91
C ARG A 177 -25.78 17.46 -16.50
N PHE A 178 -24.96 16.57 -15.96
CA PHE A 178 -24.94 15.19 -16.42
C PHE A 178 -25.87 14.35 -15.55
N ASP A 179 -26.61 13.44 -16.20
CA ASP A 179 -27.55 12.57 -15.52
C ASP A 179 -26.78 11.33 -15.05
N GLU A 180 -27.53 10.27 -14.71
CA GLU A 180 -26.95 9.20 -13.92
C GLU A 180 -26.09 8.31 -14.80
N ASN A 181 -26.12 8.54 -16.11
CA ASN A 181 -25.23 7.86 -17.03
C ASN A 181 -24.28 8.84 -17.73
N ASN A 182 -24.35 10.11 -17.30
CA ASN A 182 -23.49 11.16 -17.79
C ASN A 182 -23.96 11.70 -19.14
N HIS A 183 -25.18 11.34 -19.55
CA HIS A 183 -25.77 11.99 -20.70
C HIS A 183 -26.05 13.44 -20.32
N GLY A 184 -25.88 14.36 -21.28
CA GLY A 184 -26.03 15.77 -21.04
C GLY A 184 -27.50 16.18 -20.95
N ASP A 185 -27.74 17.30 -20.25
CA ASP A 185 -29.04 17.93 -20.15
C ASP A 185 -28.79 19.43 -20.00
N VAL A 186 -29.19 20.21 -21.01
CA VAL A 186 -28.96 21.64 -20.96
C VAL A 186 -30.06 22.21 -20.06
N ILE A 187 -29.70 22.49 -18.80
CA ILE A 187 -30.71 22.73 -17.78
C ILE A 187 -31.00 24.22 -17.70
N ALA A 188 -30.07 25.06 -18.17
CA ALA A 188 -30.30 26.49 -18.21
C ALA A 188 -29.48 27.10 -19.34
N GLU A 189 -29.83 28.33 -19.73
CA GLU A 189 -29.27 28.93 -20.94
C GLU A 189 -29.64 30.42 -21.00
N ASP A 190 -28.63 31.22 -21.38
CA ASP A 190 -28.82 32.63 -21.70
C ASP A 190 -28.08 32.88 -23.02
N LYS A 191 -28.75 33.56 -23.94
CA LYS A 191 -28.26 33.69 -25.30
C LYS A 191 -28.81 34.99 -25.88
N ARG A 192 -28.24 35.36 -27.03
CA ARG A 192 -28.76 36.44 -27.83
C ARG A 192 -30.13 36.02 -28.31
N ASP A 193 -31.02 36.99 -28.45
CA ASP A 193 -32.44 36.69 -28.57
C ASP A 193 -32.65 35.82 -29.80
N ASP A 194 -31.86 36.09 -30.84
CA ASP A 194 -32.08 35.52 -32.18
C ASP A 194 -31.06 34.42 -32.47
N MET A 195 -30.35 33.93 -31.45
CA MET A 195 -29.56 32.71 -31.57
C MET A 195 -30.47 31.52 -31.29
N GLU A 196 -30.11 30.35 -31.80
CA GLU A 196 -30.93 29.15 -31.70
C GLU A 196 -30.86 28.64 -30.26
N PRO A 197 -32.00 28.24 -29.65
CA PRO A 197 -31.99 27.79 -28.26
C PRO A 197 -31.58 26.33 -28.19
N TYR A 198 -30.71 26.01 -27.22
CA TYR A 198 -30.25 24.66 -26.98
C TYR A 198 -30.80 24.16 -25.65
N LEU A 199 -31.73 24.90 -25.05
CA LEU A 199 -32.23 24.55 -23.72
C LEU A 199 -33.07 23.27 -23.83
N GLY A 200 -32.84 22.34 -22.89
CA GLY A 200 -33.59 21.09 -22.83
C GLY A 200 -33.01 20.01 -23.74
N LEU A 201 -31.98 20.39 -24.52
CA LEU A 201 -31.25 19.46 -25.37
C LEU A 201 -30.60 18.42 -24.49
N HIS A 202 -30.77 17.14 -24.84
CA HIS A 202 -30.03 16.10 -24.15
C HIS A 202 -29.09 15.43 -25.14
N TYR A 203 -27.80 15.39 -24.77
CA TYR A 203 -26.82 14.80 -25.66
C TYR A 203 -26.26 13.54 -25.03
N PRO A 204 -25.92 12.53 -25.85
CA PRO A 204 -25.35 11.28 -25.33
C PRO A 204 -24.02 11.52 -24.61
N GLU A 205 -23.73 10.71 -23.59
CA GLU A 205 -22.48 10.82 -22.86
C GLU A 205 -21.31 10.79 -23.85
N SER A 206 -21.48 10.05 -24.96
CA SER A 206 -20.44 9.88 -25.98
C SER A 206 -19.95 11.23 -26.56
N ASP A 207 -20.82 12.25 -26.58
CA ASP A 207 -20.50 13.53 -27.20
C ASP A 207 -19.40 14.26 -26.44
N ILE A 208 -19.15 13.87 -25.18
CA ILE A 208 -17.95 14.28 -24.46
C ILE A 208 -17.27 13.01 -23.97
N PRO A 209 -16.30 12.46 -24.73
CA PRO A 209 -15.64 11.20 -24.37
C PRO A 209 -14.99 11.23 -22.99
N GLN A 210 -14.95 10.03 -22.38
CA GLN A 210 -14.49 9.85 -21.00
C GLN A 210 -13.10 10.43 -20.77
N PRO A 211 -12.14 10.41 -21.75
CA PRO A 211 -10.92 11.21 -21.62
C PRO A 211 -11.13 12.68 -21.26
N ALA A 212 -11.94 13.36 -22.07
CA ALA A 212 -12.12 14.79 -21.93
C ALA A 212 -12.72 15.09 -20.55
N ARG A 213 -13.59 14.20 -20.10
CA ARG A 213 -14.21 14.29 -18.79
C ARG A 213 -13.15 14.14 -17.69
N ARG A 214 -12.41 13.03 -17.72
CA ARG A 214 -11.48 12.75 -16.63
C ARG A 214 -10.36 13.79 -16.64
N LEU A 215 -10.25 14.52 -17.75
CA LEU A 215 -9.25 15.56 -17.90
C LEU A 215 -9.72 16.84 -17.19
N PHE A 216 -11.04 17.05 -17.09
CA PHE A 216 -11.58 18.29 -16.51
C PHE A 216 -11.30 18.37 -15.02
N ILE A 217 -11.04 17.22 -14.37
CA ILE A 217 -10.81 17.22 -12.93
C ILE A 217 -9.41 17.80 -12.67
N HIS A 218 -8.45 17.57 -13.58
CA HIS A 218 -7.12 18.15 -13.43
C HIS A 218 -7.04 19.50 -14.11
N ASN A 219 -7.69 19.63 -15.26
CA ASN A 219 -7.69 20.86 -16.02
C ASN A 219 -9.12 21.43 -16.06
N PRO A 220 -9.49 22.34 -15.13
CA PRO A 220 -10.87 22.75 -14.92
C PRO A 220 -11.49 23.69 -15.95
N ILE A 221 -10.64 24.30 -16.78
CA ILE A 221 -11.13 25.28 -17.76
C ILE A 221 -10.59 24.96 -19.16
N ARG A 222 -11.50 25.00 -20.14
CA ARG A 222 -11.14 24.79 -21.54
C ARG A 222 -11.48 26.01 -22.35
N VAL A 223 -10.46 26.57 -23.01
CA VAL A 223 -10.67 27.75 -23.83
C VAL A 223 -10.23 27.46 -25.27
N ILE A 224 -11.13 27.76 -26.22
CA ILE A 224 -10.88 27.68 -27.64
C ILE A 224 -11.29 29.03 -28.25
N PRO A 225 -10.43 30.07 -28.19
CA PRO A 225 -10.85 31.40 -28.64
C PRO A 225 -10.99 31.50 -30.16
N ASP A 226 -10.30 30.61 -30.91
CA ASP A 226 -10.52 30.53 -32.34
C ASP A 226 -10.84 29.10 -32.76
N VAL A 227 -12.10 28.88 -33.12
CA VAL A 227 -12.59 27.56 -33.47
C VAL A 227 -12.10 27.22 -34.87
N TYR A 228 -11.89 28.26 -35.70
CA TYR A 228 -11.57 28.04 -37.10
C TYR A 228 -10.05 28.05 -37.27
N GLY A 229 -9.32 28.47 -36.24
CA GLY A 229 -7.87 28.55 -36.32
C GLY A 229 -7.20 27.22 -36.67
N VAL A 230 -6.24 27.29 -37.59
CA VAL A 230 -5.53 26.12 -38.07
C VAL A 230 -4.43 25.75 -37.07
N ALA A 231 -4.51 24.51 -36.58
CA ALA A 231 -3.62 24.04 -35.54
C ALA A 231 -2.21 23.83 -36.09
N VAL A 232 -1.22 24.19 -35.27
CA VAL A 232 0.18 24.06 -35.66
C VAL A 232 0.86 23.05 -34.74
N PRO A 233 1.87 22.28 -35.20
CA PRO A 233 2.64 21.38 -34.34
C PRO A 233 3.90 22.05 -33.79
N LEU A 234 4.65 21.30 -32.98
CA LEU A 234 5.98 21.74 -32.56
C LEU A 234 7.00 21.24 -33.55
N THR A 235 8.11 21.98 -33.66
CA THR A 235 9.26 21.51 -34.39
C THR A 235 10.46 21.62 -33.46
N PRO A 236 11.25 20.55 -33.25
CA PRO A 236 10.98 19.25 -33.85
C PRO A 236 9.72 18.71 -33.18
N ALA A 237 9.07 17.76 -33.86
CA ALA A 237 7.86 17.17 -33.31
C ALA A 237 8.23 16.26 -32.15
N VAL A 238 9.40 15.62 -32.23
CA VAL A 238 9.80 14.65 -31.22
C VAL A 238 10.69 15.33 -30.18
N ASN A 239 10.25 15.27 -28.93
CA ASN A 239 11.05 15.84 -27.87
C ASN A 239 12.34 15.04 -27.74
N PRO A 240 13.51 15.68 -27.73
CA PRO A 240 14.78 14.96 -27.65
C PRO A 240 14.99 14.13 -26.37
N SER A 241 14.39 14.59 -25.26
CA SER A 241 14.53 13.96 -23.97
C SER A 241 13.64 12.74 -23.80
N THR A 242 12.55 12.61 -24.58
CA THR A 242 11.73 11.42 -24.53
C THR A 242 11.81 10.65 -25.84
N ASN A 243 12.33 11.25 -26.91
CA ASN A 243 12.25 10.65 -28.23
C ASN A 243 10.77 10.28 -28.43
N ARG A 244 9.91 11.16 -27.90
CA ARG A 244 8.48 10.98 -27.91
C ARG A 244 7.86 12.35 -28.15
N ALA A 245 6.74 12.39 -28.89
CA ALA A 245 6.00 13.64 -29.05
C ALA A 245 5.46 14.08 -27.69
N VAL A 246 5.09 15.36 -27.58
CA VAL A 246 4.98 15.97 -26.26
C VAL A 246 3.52 16.03 -25.84
N ASP A 247 3.27 15.72 -24.57
CA ASP A 247 1.92 15.62 -24.04
C ASP A 247 1.43 17.03 -23.71
N LEU A 248 0.44 17.51 -24.48
CA LEU A 248 -0.09 18.83 -24.27
C LEU A 248 -1.32 18.79 -23.37
N THR A 249 -1.61 17.63 -22.78
CA THR A 249 -2.78 17.51 -21.92
C THR A 249 -2.87 18.71 -21.00
N GLU A 250 -1.71 19.16 -20.48
CA GLU A 250 -1.68 20.13 -19.41
C GLU A 250 -1.77 21.55 -19.99
N SER A 251 -1.65 21.69 -21.33
CA SER A 251 -1.63 23.00 -21.99
C SER A 251 -3.04 23.59 -22.16
N ILE A 252 -3.11 24.92 -22.18
CA ILE A 252 -4.31 25.68 -22.45
C ILE A 252 -4.48 25.76 -23.95
N LEU A 253 -3.31 25.74 -24.61
CA LEU A 253 -3.24 25.94 -26.05
C LEU A 253 -3.39 24.61 -26.78
N ARG A 254 -3.65 23.54 -26.04
CA ARG A 254 -3.87 22.26 -26.69
C ARG A 254 -5.05 22.40 -27.64
N SER A 255 -4.83 22.07 -28.91
CA SER A 255 -5.89 22.18 -29.90
C SER A 255 -6.86 21.01 -29.70
N ALA A 256 -8.14 21.30 -29.88
CA ALA A 256 -9.17 20.29 -29.72
C ALA A 256 -9.29 19.48 -31.00
N TYR A 257 -9.80 18.25 -30.87
CA TYR A 257 -9.86 17.30 -31.96
C TYR A 257 -10.93 17.74 -32.95
N HIS A 258 -10.63 17.58 -34.25
CA HIS A 258 -11.40 18.18 -35.33
C HIS A 258 -12.87 17.76 -35.20
N CYS A 259 -13.11 16.54 -34.71
CA CYS A 259 -14.45 16.07 -34.41
C CYS A 259 -15.27 17.16 -33.73
N HIS A 260 -14.73 17.68 -32.62
CA HIS A 260 -15.45 18.60 -31.75
C HIS A 260 -15.51 19.97 -32.40
N LEU A 261 -14.42 20.38 -33.07
CA LEU A 261 -14.38 21.66 -33.77
C LEU A 261 -15.48 21.68 -34.83
N THR A 262 -15.64 20.58 -35.57
CA THR A 262 -16.73 20.42 -36.50
C THR A 262 -18.04 20.72 -35.77
N TYR A 263 -18.29 20.03 -34.67
CA TYR A 263 -19.49 20.22 -33.88
C TYR A 263 -19.72 21.73 -33.63
N LEU A 264 -18.68 22.42 -33.16
CA LEU A 264 -18.73 23.85 -32.87
C LEU A 264 -18.97 24.66 -34.15
N LYS A 265 -18.29 24.28 -35.23
CA LYS A 265 -18.35 25.02 -36.49
C LYS A 265 -19.78 24.99 -37.04
N ASN A 266 -20.36 23.79 -37.09
CA ASN A 266 -21.68 23.54 -37.65
C ASN A 266 -22.76 24.10 -36.72
N MET A 267 -22.33 24.46 -35.52
CA MET A 267 -23.20 25.06 -34.53
C MET A 267 -23.10 26.58 -34.63
N GLY A 268 -22.08 27.09 -35.34
CA GLY A 268 -21.97 28.51 -35.64
C GLY A 268 -21.09 29.26 -34.66
N VAL A 269 -20.16 28.51 -34.05
CA VAL A 269 -19.34 29.01 -32.96
C VAL A 269 -18.01 29.53 -33.50
N GLY A 270 -17.58 30.69 -32.99
CA GLY A 270 -16.25 31.23 -33.27
C GLY A 270 -15.26 31.07 -32.10
N ALA A 271 -15.79 31.09 -30.86
CA ALA A 271 -14.98 30.88 -29.66
C ALA A 271 -15.77 30.15 -28.57
N SER A 272 -15.08 29.28 -27.82
CA SER A 272 -15.72 28.52 -26.75
C SER A 272 -14.93 28.66 -25.46
N LEU A 273 -15.64 28.83 -24.33
CA LEU A 273 -15.10 28.63 -23.00
C LEU A 273 -15.94 27.57 -22.28
N THR A 274 -15.27 26.81 -21.41
CA THR A 274 -15.95 25.78 -20.66
C THR A 274 -15.37 25.73 -19.25
N ILE A 275 -16.27 25.77 -18.26
CA ILE A 275 -15.90 25.63 -16.87
C ILE A 275 -16.47 24.32 -16.36
N SER A 276 -15.59 23.47 -15.84
CA SER A 276 -16.00 22.20 -15.24
C SER A 276 -16.71 22.49 -13.91
N LEU A 277 -17.68 21.64 -13.56
CA LEU A 277 -18.30 21.66 -12.24
C LEU A 277 -18.07 20.31 -11.58
N ILE A 278 -17.17 20.27 -10.60
CA ILE A 278 -16.64 19.02 -10.07
C ILE A 278 -17.20 18.80 -8.67
N LYS A 279 -17.80 17.63 -8.43
CA LYS A 279 -18.20 17.23 -7.10
C LYS A 279 -17.41 15.98 -6.69
N ASP A 280 -16.72 16.04 -5.54
CA ASP A 280 -16.12 14.84 -4.97
C ASP A 280 -15.21 14.20 -6.01
N GLY A 281 -14.67 14.98 -6.96
CA GLY A 281 -13.77 14.45 -7.98
C GLY A 281 -14.49 13.81 -9.18
N HIS A 282 -15.82 13.95 -9.26
CA HIS A 282 -16.57 13.48 -10.41
C HIS A 282 -17.20 14.72 -11.07
N LEU A 283 -17.13 14.79 -12.40
CA LEU A 283 -17.66 15.91 -13.14
C LEU A 283 -19.19 15.92 -13.12
N TRP A 284 -19.74 16.98 -12.53
CA TRP A 284 -21.17 17.10 -12.30
C TRP A 284 -21.84 17.76 -13.49
N GLY A 285 -21.15 18.71 -14.11
CA GLY A 285 -21.75 19.52 -15.15
C GLY A 285 -20.76 20.56 -15.66
N LEU A 286 -21.23 21.37 -16.63
CA LEU A 286 -20.39 22.36 -17.29
C LEU A 286 -21.11 23.70 -17.30
N ILE A 287 -20.32 24.77 -17.34
CA ILE A 287 -20.77 26.05 -17.84
C ILE A 287 -20.12 26.23 -19.21
N ALA A 288 -20.92 26.02 -20.27
CA ALA A 288 -20.44 26.01 -21.64
C ALA A 288 -20.78 27.33 -22.33
N CYS A 289 -19.73 28.06 -22.72
CA CYS A 289 -19.87 29.39 -23.27
C CYS A 289 -19.45 29.41 -24.72
N HIS A 290 -20.26 30.08 -25.55
CA HIS A 290 -20.08 30.17 -26.98
C HIS A 290 -20.06 31.66 -27.38
N HIS A 291 -19.25 31.98 -28.39
CA HIS A 291 -19.27 33.30 -29.00
C HIS A 291 -19.30 33.10 -30.52
N GLN A 292 -20.01 34.00 -31.23
CA GLN A 292 -20.08 33.94 -32.69
C GLN A 292 -18.79 34.48 -33.29
N THR A 293 -18.23 35.51 -32.66
CA THR A 293 -16.94 36.07 -33.01
C THR A 293 -15.85 35.46 -32.14
N PRO A 294 -14.57 35.47 -32.58
CA PRO A 294 -13.45 35.13 -31.70
C PRO A 294 -13.42 35.93 -30.41
N LYS A 295 -13.01 35.29 -29.31
CA LYS A 295 -13.06 35.90 -27.99
C LYS A 295 -12.11 35.17 -27.06
N VAL A 296 -11.04 35.87 -26.67
CA VAL A 296 -9.98 35.31 -25.86
C VAL A 296 -10.33 35.52 -24.39
N ILE A 297 -9.80 34.63 -23.54
CA ILE A 297 -9.90 34.77 -22.10
C ILE A 297 -8.52 34.65 -21.48
N PRO A 298 -7.97 35.74 -20.91
CA PRO A 298 -6.63 35.75 -20.33
C PRO A 298 -6.45 34.87 -19.10
N PHE A 299 -5.18 34.61 -18.74
CA PHE A 299 -4.90 33.85 -17.53
C PHE A 299 -5.71 34.41 -16.38
N GLU A 300 -5.57 35.72 -16.18
CA GLU A 300 -6.15 36.44 -15.06
C GLU A 300 -7.62 36.09 -14.89
N LEU A 301 -8.35 36.10 -16.02
CA LEU A 301 -9.79 36.01 -16.05
C LEU A 301 -10.22 34.55 -16.00
N ARG A 302 -9.32 33.64 -16.39
CA ARG A 302 -9.58 32.23 -16.21
C ARG A 302 -9.51 31.92 -14.73
N LYS A 303 -8.48 32.42 -14.07
CA LYS A 303 -8.29 32.14 -12.66
C LYS A 303 -9.49 32.62 -11.86
N ALA A 304 -10.02 33.79 -12.26
CA ALA A 304 -11.19 34.36 -11.60
C ALA A 304 -12.42 33.51 -11.91
N CYS A 305 -12.54 33.07 -13.16
CA CYS A 305 -13.64 32.20 -13.56
C CYS A 305 -13.58 30.87 -12.81
N GLU A 306 -12.37 30.34 -12.65
CA GLU A 306 -12.15 29.06 -12.00
C GLU A 306 -12.68 29.12 -10.58
N PHE A 307 -12.34 30.19 -9.87
CA PHE A 307 -12.71 30.35 -8.48
C PHE A 307 -14.20 30.60 -8.37
N PHE A 308 -14.76 31.34 -9.35
CA PHE A 308 -16.18 31.66 -9.35
C PHE A 308 -17.01 30.40 -9.50
N GLY A 309 -16.63 29.54 -10.47
CA GLY A 309 -17.34 28.31 -10.76
C GLY A 309 -17.34 27.33 -9.59
N ARG A 310 -16.27 27.35 -8.80
CA ARG A 310 -16.19 26.50 -7.62
C ARG A 310 -17.29 26.88 -6.64
N VAL A 311 -17.38 28.18 -6.33
CA VAL A 311 -18.31 28.66 -5.33
C VAL A 311 -19.73 28.62 -5.87
N VAL A 312 -19.88 28.87 -7.17
CA VAL A 312 -21.17 28.72 -7.81
C VAL A 312 -21.61 27.27 -7.66
N PHE A 313 -20.73 26.34 -7.98
CA PHE A 313 -21.07 24.93 -7.86
C PHE A 313 -21.32 24.55 -6.40
N SER A 314 -20.55 25.12 -5.48
CA SER A 314 -20.74 24.82 -4.07
C SER A 314 -22.17 25.09 -3.66
N ASN A 315 -22.75 26.20 -4.14
CA ASN A 315 -24.14 26.57 -3.85
C ASN A 315 -25.11 25.70 -4.63
N ILE A 316 -24.70 25.25 -5.82
CA ILE A 316 -25.49 24.31 -6.60
C ILE A 316 -25.66 23.05 -5.77
N SER A 317 -24.56 22.47 -5.29
CA SER A 317 -24.61 21.20 -4.60
C SER A 317 -25.36 21.37 -3.28
N ALA A 318 -25.33 22.58 -2.72
CA ALA A 318 -26.08 22.88 -1.52
C ALA A 318 -27.58 22.82 -1.81
N GLN A 319 -28.02 23.55 -2.85
CA GLN A 319 -29.40 23.53 -3.30
C GLN A 319 -29.81 22.11 -3.69
N GLU A 320 -28.98 21.43 -4.47
CA GLU A 320 -29.30 20.08 -4.94
C GLU A 320 -29.50 19.17 -3.73
N ASP A 321 -28.63 19.29 -2.73
CA ASP A 321 -28.65 18.41 -1.58
C ASP A 321 -29.93 18.67 -0.77
N THR A 322 -30.21 19.93 -0.47
CA THR A 322 -31.35 20.26 0.37
C THR A 322 -32.64 19.80 -0.29
N GLU A 323 -32.75 19.97 -1.61
CA GLU A 323 -33.95 19.57 -2.33
C GLU A 323 -34.11 18.05 -2.21
N THR A 324 -33.01 17.31 -2.32
CA THR A 324 -33.06 15.86 -2.33
C THR A 324 -33.29 15.32 -0.93
N PHE A 325 -33.07 16.15 0.10
CA PHE A 325 -33.45 15.75 1.44
C PHE A 325 -34.89 16.18 1.71
N ASP A 326 -35.40 17.12 0.92
CA ASP A 326 -36.82 17.44 0.97
C ASP A 326 -37.62 16.26 0.42
N TYR A 327 -37.08 15.54 -0.56
CA TYR A 327 -37.74 14.34 -1.05
C TYR A 327 -37.82 13.33 0.09
N ARG A 328 -36.76 13.21 0.90
CA ARG A 328 -36.71 12.23 1.97
C ARG A 328 -37.79 12.55 3.01
N VAL A 329 -38.13 13.83 3.21
CA VAL A 329 -39.13 14.20 4.20
C VAL A 329 -40.52 13.89 3.65
N GLN A 330 -40.72 14.21 2.36
CA GLN A 330 -42.03 14.01 1.74
C GLN A 330 -42.32 12.52 1.65
N LEU A 331 -41.29 11.72 1.39
CA LEU A 331 -41.45 10.28 1.35
C LEU A 331 -41.69 9.73 2.74
N ALA A 332 -41.11 10.37 3.76
CA ALA A 332 -41.40 9.99 5.14
C ALA A 332 -42.86 10.31 5.44
N GLU A 333 -43.33 11.45 4.91
CA GLU A 333 -44.68 11.93 5.12
C GLU A 333 -45.68 10.93 4.56
N HIS A 334 -45.44 10.48 3.31
CA HIS A 334 -46.30 9.50 2.68
C HIS A 334 -46.23 8.21 3.51
N GLU A 335 -45.01 7.78 3.85
CA GLU A 335 -44.80 6.57 4.62
C GLU A 335 -45.67 6.59 5.89
N ALA A 336 -45.76 7.75 6.55
CA ALA A 336 -46.42 7.83 7.84
C ALA A 336 -47.95 7.80 7.70
N VAL A 337 -48.44 8.57 6.70
CA VAL A 337 -49.87 8.69 6.44
C VAL A 337 -50.40 7.34 5.96
N LEU A 338 -49.59 6.64 5.18
CA LEU A 338 -49.95 5.35 4.61
C LEU A 338 -49.93 4.28 5.70
N LEU A 339 -48.99 4.36 6.63
CA LEU A 339 -48.90 3.39 7.71
C LEU A 339 -50.09 3.56 8.66
N ASP A 340 -50.52 4.82 8.83
CA ASP A 340 -51.66 5.16 9.67
C ASP A 340 -52.95 4.60 9.06
N LYS A 341 -53.30 5.07 7.85
CA LYS A 341 -54.59 4.79 7.24
C LYS A 341 -54.69 3.34 6.77
N MET A 342 -53.55 2.66 6.59
CA MET A 342 -53.50 1.26 6.19
C MET A 342 -54.04 0.39 7.33
N THR A 343 -53.75 0.79 8.57
CA THR A 343 -54.19 0.08 9.75
C THR A 343 -55.58 0.57 10.21
N THR A 344 -55.96 1.81 9.88
CA THR A 344 -57.26 2.36 10.28
C THR A 344 -58.39 1.59 9.60
N ALA A 345 -58.42 1.63 8.27
CA ALA A 345 -59.46 0.98 7.48
C ALA A 345 -59.35 -0.53 7.66
N ALA A 346 -60.51 -1.21 7.77
CA ALA A 346 -60.53 -2.62 8.18
C ALA A 346 -59.66 -3.46 7.26
N ASP A 347 -59.82 -3.22 5.94
CA ASP A 347 -58.90 -3.75 4.94
C ASP A 347 -57.72 -2.79 4.85
N PHE A 348 -56.50 -3.33 4.87
CA PHE A 348 -55.31 -2.51 4.71
C PHE A 348 -55.27 -1.99 3.29
N VAL A 349 -55.71 -2.82 2.34
CA VAL A 349 -55.75 -2.47 0.93
C VAL A 349 -56.67 -1.27 0.74
N GLU A 350 -57.79 -1.23 1.47
CA GLU A 350 -58.76 -0.15 1.37
C GLU A 350 -58.15 1.14 1.90
N GLY A 351 -57.19 1.05 2.82
CA GLY A 351 -56.47 2.22 3.31
C GLY A 351 -55.55 2.81 2.24
N LEU A 352 -54.91 1.92 1.46
CA LEU A 352 -53.94 2.28 0.44
C LEU A 352 -54.66 2.98 -0.72
N THR A 353 -55.83 2.45 -1.08
CA THR A 353 -56.54 2.90 -2.26
C THR A 353 -57.34 4.17 -1.95
N ASN A 354 -57.50 4.50 -0.66
CA ASN A 354 -58.20 5.71 -0.27
C ASN A 354 -57.24 6.90 -0.27
N HIS A 355 -55.93 6.62 -0.25
CA HIS A 355 -54.91 7.65 -0.33
C HIS A 355 -53.94 7.27 -1.44
N PRO A 356 -54.37 7.32 -2.73
CA PRO A 356 -53.53 6.88 -3.84
C PRO A 356 -52.44 7.89 -4.22
N ASP A 357 -52.78 9.18 -4.09
CA ASP A 357 -51.80 10.25 -4.11
C ASP A 357 -50.56 9.82 -3.30
N ARG A 358 -50.80 9.37 -2.06
CA ARG A 358 -49.75 9.06 -1.11
C ARG A 358 -49.03 7.77 -1.50
N LEU A 359 -49.76 6.82 -2.11
CA LEU A 359 -49.21 5.51 -2.42
C LEU A 359 -48.24 5.60 -3.60
N LEU A 360 -48.65 6.32 -4.65
CA LEU A 360 -47.78 6.59 -5.79
C LEU A 360 -46.61 7.48 -5.34
N GLY A 361 -46.94 8.45 -4.49
CA GLY A 361 -45.97 9.40 -3.98
C GLY A 361 -44.87 8.70 -3.19
N LEU A 362 -45.14 7.52 -2.65
CA LEU A 362 -44.20 6.86 -1.75
C LEU A 362 -42.96 6.40 -2.51
N THR A 363 -43.08 6.12 -3.81
CA THR A 363 -41.91 5.76 -4.58
C THR A 363 -41.79 6.66 -5.79
N GLY A 364 -42.38 7.86 -5.70
CA GLY A 364 -42.33 8.83 -6.78
C GLY A 364 -42.69 8.20 -8.12
N SER A 365 -43.74 7.37 -8.10
CA SER A 365 -44.19 6.70 -9.30
C SER A 365 -45.48 7.35 -9.79
N GLN A 366 -45.90 6.92 -10.98
CA GLN A 366 -47.04 7.51 -11.64
C GLN A 366 -48.18 6.49 -11.71
N GLY A 367 -47.92 5.24 -11.31
CA GLY A 367 -48.96 4.23 -11.27
C GLY A 367 -48.62 3.11 -10.30
N ALA A 368 -49.61 2.28 -9.97
CA ALA A 368 -49.39 1.19 -9.03
C ALA A 368 -50.48 0.13 -9.15
N ALA A 369 -50.15 -1.09 -8.70
CA ALA A 369 -51.08 -2.20 -8.74
C ALA A 369 -50.97 -3.00 -7.45
N ILE A 370 -52.14 -3.50 -6.99
CA ILE A 370 -52.26 -4.20 -5.72
C ILE A 370 -52.95 -5.54 -5.96
N CYS A 371 -52.19 -6.63 -6.07
CA CYS A 371 -52.81 -7.94 -6.12
C CYS A 371 -52.75 -8.58 -4.75
N PHE A 372 -53.89 -8.64 -4.07
CA PHE A 372 -54.01 -9.32 -2.78
C PHE A 372 -55.04 -10.44 -2.92
N GLY A 373 -54.57 -11.67 -2.69
CA GLY A 373 -55.38 -12.86 -2.87
C GLY A 373 -55.85 -12.99 -4.30
N GLU A 374 -57.15 -12.83 -4.52
CA GLU A 374 -57.75 -12.90 -5.84
C GLU A 374 -57.76 -11.52 -6.48
N LYS A 375 -58.26 -10.53 -5.74
CA LYS A 375 -58.52 -9.20 -6.24
C LYS A 375 -57.23 -8.56 -6.76
N LEU A 376 -57.41 -7.52 -7.60
CA LEU A 376 -56.30 -6.79 -8.20
C LEU A 376 -56.78 -5.37 -8.50
N ILE A 377 -56.09 -4.36 -7.96
CA ILE A 377 -56.51 -2.97 -8.06
C ILE A 377 -55.43 -2.16 -8.77
N LEU A 378 -55.84 -1.47 -9.85
CA LEU A 378 -54.95 -0.59 -10.60
C LEU A 378 -55.16 0.84 -10.14
N VAL A 379 -54.07 1.60 -10.04
CA VAL A 379 -54.10 2.98 -9.58
C VAL A 379 -53.24 3.84 -10.51
N GLY A 380 -53.76 5.01 -10.86
CA GLY A 380 -53.02 5.99 -11.65
C GLY A 380 -52.86 5.57 -13.11
N GLU A 381 -51.63 5.60 -13.60
CA GLU A 381 -51.33 5.22 -14.98
C GLU A 381 -50.67 3.84 -14.95
N THR A 382 -51.42 2.81 -15.37
CA THR A 382 -50.93 1.44 -15.41
C THR A 382 -51.29 0.77 -16.74
N PRO A 383 -50.63 -0.35 -17.13
CA PRO A 383 -51.05 -1.13 -18.30
C PRO A 383 -52.45 -1.73 -18.14
N ASP A 384 -53.04 -2.18 -19.27
CA ASP A 384 -54.37 -2.79 -19.23
C ASP A 384 -54.31 -4.08 -18.40
N GLU A 385 -55.45 -4.47 -17.84
CA GLU A 385 -55.53 -5.54 -16.85
C GLU A 385 -54.92 -6.83 -17.39
N LYS A 386 -55.12 -7.10 -18.70
CA LYS A 386 -54.66 -8.36 -19.29
C LYS A 386 -53.14 -8.43 -19.20
N ALA A 387 -52.46 -7.34 -19.59
CA ALA A 387 -51.02 -7.30 -19.66
C ALA A 387 -50.40 -7.31 -18.27
N VAL A 388 -51.11 -6.68 -17.31
CA VAL A 388 -50.73 -6.66 -15.92
C VAL A 388 -50.79 -8.08 -15.36
N GLN A 389 -51.89 -8.78 -15.62
CA GLN A 389 -52.09 -10.11 -15.08
C GLN A 389 -50.97 -11.05 -15.55
N TYR A 390 -50.61 -10.92 -16.83
CA TYR A 390 -49.51 -11.69 -17.40
C TYR A 390 -48.20 -11.33 -16.72
N LEU A 391 -48.06 -10.05 -16.38
CA LEU A 391 -46.88 -9.54 -15.71
C LEU A 391 -46.74 -10.15 -14.31
N LEU A 392 -47.82 -10.13 -13.52
CA LEU A 392 -47.81 -10.72 -12.18
C LEU A 392 -47.36 -12.18 -12.28
N GLN A 393 -47.93 -12.88 -13.26
CA GLN A 393 -47.59 -14.27 -13.54
C GLN A 393 -46.07 -14.38 -13.64
N TRP A 394 -45.47 -13.50 -14.46
CA TRP A 394 -44.04 -13.48 -14.70
C TRP A 394 -43.26 -13.28 -13.40
N LEU A 395 -43.78 -12.41 -12.53
CA LEU A 395 -43.09 -12.05 -11.31
C LEU A 395 -43.00 -13.23 -10.34
N GLU A 396 -44.03 -14.07 -10.33
CA GLU A 396 -44.00 -15.25 -9.46
C GLU A 396 -42.95 -16.23 -9.98
N ASN A 397 -42.76 -16.26 -11.29
CA ASN A 397 -41.78 -17.13 -11.92
C ASN A 397 -40.37 -16.66 -11.58
N ARG A 398 -40.19 -15.34 -11.45
CA ARG A 398 -38.91 -14.77 -11.07
C ARG A 398 -38.57 -15.19 -9.64
N GLU A 399 -39.60 -15.33 -8.81
CA GLU A 399 -39.42 -15.73 -7.42
C GLU A 399 -38.59 -14.67 -6.71
N VAL A 400 -39.14 -13.45 -6.69
CA VAL A 400 -38.47 -12.28 -6.14
C VAL A 400 -38.32 -12.44 -4.63
N GLN A 401 -37.11 -12.22 -4.10
CA GLN A 401 -36.82 -12.52 -2.70
C GLN A 401 -37.07 -11.29 -1.83
N ASP A 402 -36.37 -10.19 -2.09
CA ASP A 402 -36.56 -9.01 -1.26
C ASP A 402 -37.52 -8.05 -1.97
N VAL A 403 -37.05 -7.54 -3.11
CA VAL A 403 -37.77 -6.55 -3.88
C VAL A 403 -37.18 -6.56 -5.30
N PHE A 404 -38.03 -6.23 -6.26
CA PHE A 404 -37.61 -6.13 -7.63
C PHE A 404 -37.79 -4.70 -8.10
N PHE A 405 -36.79 -4.19 -8.83
CA PHE A 405 -36.90 -2.87 -9.42
C PHE A 405 -35.97 -2.79 -10.62
N THR A 406 -36.46 -2.17 -11.71
CA THR A 406 -35.68 -1.98 -12.92
C THR A 406 -36.08 -0.67 -13.63
N SER A 407 -35.04 0.04 -14.08
CA SER A 407 -35.17 1.29 -14.80
C SER A 407 -35.69 1.04 -16.22
N SER A 408 -35.40 -0.14 -16.79
CA SER A 408 -35.90 -0.54 -18.10
C SER A 408 -36.43 -1.98 -18.05
N LEU A 409 -37.75 -2.12 -17.91
CA LEU A 409 -38.40 -3.42 -17.78
C LEU A 409 -38.42 -4.10 -19.14
N SER A 410 -38.49 -3.29 -20.19
CA SER A 410 -38.64 -3.80 -21.55
C SER A 410 -37.45 -4.69 -21.91
N GLN A 411 -36.32 -4.45 -21.25
CA GLN A 411 -35.06 -5.11 -21.52
C GLN A 411 -35.04 -6.56 -21.04
N ILE A 412 -35.82 -6.88 -20.00
CA ILE A 412 -35.78 -8.21 -19.40
C ILE A 412 -37.14 -8.91 -19.46
N TYR A 413 -38.22 -8.14 -19.64
CA TYR A 413 -39.54 -8.69 -19.93
C TYR A 413 -39.96 -8.14 -21.28
N PRO A 414 -39.77 -8.90 -22.38
CA PRO A 414 -39.97 -8.36 -23.72
C PRO A 414 -41.37 -7.81 -23.98
N ASP A 415 -42.40 -8.45 -23.40
CA ASP A 415 -43.78 -8.06 -23.67
C ASP A 415 -44.04 -6.62 -23.22
N ALA A 416 -43.16 -6.07 -22.36
CA ALA A 416 -43.38 -4.76 -21.77
C ALA A 416 -43.03 -3.63 -22.74
N VAL A 417 -42.51 -4.01 -23.91
CA VAL A 417 -42.29 -3.06 -24.98
C VAL A 417 -43.61 -2.42 -25.39
N ASN A 418 -44.73 -3.14 -25.19
CA ASN A 418 -46.03 -2.66 -25.63
C ASN A 418 -46.48 -1.50 -24.76
N PHE A 419 -46.25 -1.60 -23.45
CA PHE A 419 -46.69 -0.56 -22.52
C PHE A 419 -45.49 0.20 -21.99
N LYS A 420 -44.43 0.31 -22.82
CA LYS A 420 -43.24 1.06 -22.47
C LYS A 420 -43.63 2.43 -21.95
N SER A 421 -44.69 3.00 -22.53
CA SER A 421 -45.02 4.38 -22.29
C SER A 421 -45.76 4.56 -20.96
N VAL A 422 -46.01 3.44 -20.26
CA VAL A 422 -46.69 3.48 -18.97
C VAL A 422 -45.82 2.82 -17.91
N ALA A 423 -45.21 1.69 -18.26
CA ALA A 423 -44.35 0.95 -17.35
C ALA A 423 -43.09 0.48 -18.08
N SER A 424 -42.21 1.44 -18.36
CA SER A 424 -40.83 1.12 -18.74
C SER A 424 -40.05 0.82 -17.48
N GLY A 425 -40.39 1.53 -16.39
CA GLY A 425 -39.81 1.27 -15.08
C GLY A 425 -40.83 0.56 -14.19
N LEU A 426 -40.34 -0.42 -13.42
CA LEU A 426 -41.18 -1.14 -12.49
C LEU A 426 -40.42 -1.44 -11.20
N LEU A 427 -41.12 -1.23 -10.09
CA LEU A 427 -40.68 -1.65 -8.77
C LEU A 427 -41.81 -2.51 -8.17
N ALA A 428 -41.48 -3.76 -7.86
CA ALA A 428 -42.43 -4.71 -7.34
C ALA A 428 -41.92 -5.33 -6.05
N ILE A 429 -42.84 -5.50 -5.10
CA ILE A 429 -42.54 -6.20 -3.86
C ILE A 429 -43.48 -7.38 -3.74
N PRO A 430 -42.93 -8.61 -3.74
CA PRO A 430 -43.76 -9.81 -3.72
C PRO A 430 -44.37 -10.03 -2.35
N ILE A 431 -45.60 -10.53 -2.34
CA ILE A 431 -46.23 -10.99 -1.11
C ILE A 431 -46.52 -12.49 -1.30
N ALA A 432 -46.32 -13.27 -0.23
CA ALA A 432 -46.59 -14.70 -0.32
C ALA A 432 -48.05 -14.89 -0.71
N ARG A 433 -48.38 -16.13 -1.07
CA ARG A 433 -49.68 -16.43 -1.63
C ARG A 433 -49.89 -15.65 -2.92
N HIS A 434 -48.80 -15.31 -3.64
CA HIS A 434 -48.89 -14.75 -4.97
C HIS A 434 -49.46 -13.33 -4.96
N ASN A 435 -49.45 -12.69 -3.78
CA ASN A 435 -49.94 -11.32 -3.67
C ASN A 435 -48.78 -10.40 -3.97
N PHE A 436 -49.00 -9.19 -4.50
CA PHE A 436 -47.90 -8.34 -4.94
C PHE A 436 -48.27 -6.87 -4.86
N LEU A 437 -47.25 -6.00 -4.69
CA LEU A 437 -47.40 -4.57 -4.85
C LEU A 437 -46.53 -4.13 -6.01
N LEU A 438 -47.05 -3.26 -6.88
CA LEU A 438 -46.31 -2.79 -8.04
C LEU A 438 -46.35 -1.27 -8.12
N TRP A 439 -45.24 -0.68 -8.60
CA TRP A 439 -45.24 0.72 -9.02
C TRP A 439 -44.71 0.81 -10.44
N PHE A 440 -45.38 1.63 -11.26
CA PHE A 440 -45.07 1.79 -12.67
C PHE A 440 -44.55 3.19 -12.95
N ARG A 441 -43.52 3.29 -13.81
CA ARG A 441 -43.05 4.56 -14.31
C ARG A 441 -43.05 4.56 -15.83
N PRO A 442 -43.50 5.68 -16.46
CA PRO A 442 -43.47 5.79 -17.91
C PRO A 442 -42.07 6.08 -18.41
N GLU A 443 -41.85 5.72 -19.67
CA GLU A 443 -40.66 6.09 -20.43
C GLU A 443 -40.49 7.59 -20.36
N VAL A 444 -39.24 8.04 -20.30
CA VAL A 444 -38.99 9.46 -20.15
C VAL A 444 -38.87 10.04 -21.56
N LEU A 445 -40.01 10.23 -22.23
CA LEU A 445 -40.03 10.92 -23.51
C LEU A 445 -40.89 12.18 -23.40
N GLN A 446 -41.70 12.29 -22.34
CA GLN A 446 -42.63 13.41 -22.21
C GLN A 446 -42.21 14.32 -21.07
N THR A 447 -41.31 13.87 -20.18
CA THR A 447 -40.72 14.74 -19.16
C THR A 447 -39.88 15.83 -19.85
N VAL A 448 -39.44 15.58 -21.08
CA VAL A 448 -38.60 16.50 -21.81
C VAL A 448 -38.99 16.41 -23.28
N ASN A 449 -39.29 17.56 -23.90
CA ASN A 449 -39.75 17.60 -25.28
C ASN A 449 -39.11 18.80 -26.01
N TRP A 450 -37.77 18.79 -26.12
CA TRP A 450 -37.03 19.87 -26.75
C TRP A 450 -37.54 20.10 -28.17
N GLY A 451 -37.94 19.02 -28.87
CA GLY A 451 -38.52 19.09 -30.20
C GLY A 451 -37.62 19.82 -31.21
N GLY A 452 -36.31 19.50 -31.17
CA GLY A 452 -35.34 20.09 -32.08
C GLY A 452 -35.69 19.86 -33.56
N ASP A 453 -36.06 18.62 -33.90
CA ASP A 453 -36.59 18.31 -35.22
C ASP A 453 -38.01 18.88 -35.30
N PRO A 454 -38.37 19.66 -36.35
CA PRO A 454 -39.72 20.24 -36.45
C PRO A 454 -40.78 19.14 -36.57
N ASN A 455 -41.55 18.95 -35.49
CA ASN A 455 -42.52 17.87 -35.38
C ASN A 455 -41.88 16.57 -35.89
N HIS A 456 -42.57 15.93 -36.85
CA HIS A 456 -42.11 14.74 -37.55
C HIS A 456 -41.37 15.19 -38.80
N ALA A 457 -40.21 15.83 -38.57
CA ALA A 457 -39.28 16.19 -39.63
C ALA A 457 -38.97 14.93 -40.45
N TYR A 458 -39.09 15.03 -41.78
CA TYR A 458 -38.78 13.90 -42.64
C TYR A 458 -37.28 13.88 -42.89
N GLU A 459 -36.50 14.02 -41.81
CA GLU A 459 -35.05 13.97 -41.87
C GLU A 459 -34.60 12.60 -42.34
N ALA A 460 -35.33 11.57 -41.92
CA ALA A 460 -35.03 10.19 -42.31
C ALA A 460 -34.97 10.12 -43.83
N THR A 461 -36.00 10.66 -44.49
CA THR A 461 -35.95 10.78 -45.94
C THR A 461 -34.63 11.49 -46.21
N GLN A 462 -33.85 10.96 -47.16
CA GLN A 462 -32.52 11.48 -47.42
C GLN A 462 -31.67 11.20 -46.17
N GLU A 463 -31.61 9.92 -45.78
CA GLU A 463 -30.81 9.52 -44.63
C GLU A 463 -29.35 9.34 -45.06
N ASP A 464 -28.68 10.46 -45.32
CA ASP A 464 -27.25 10.45 -45.62
C ASP A 464 -26.46 10.82 -44.37
N GLY A 465 -27.11 10.87 -43.21
CA GLY A 465 -26.52 11.39 -41.99
C GLY A 465 -26.04 12.82 -42.16
N LYS A 466 -26.81 13.62 -42.92
CA LYS A 466 -26.49 15.02 -43.16
C LYS A 466 -26.34 15.74 -41.84
N ILE A 467 -27.10 15.29 -40.83
CA ILE A 467 -27.06 15.89 -39.50
C ILE A 467 -25.86 15.36 -38.72
N GLU A 468 -24.94 14.65 -39.41
CA GLU A 468 -23.67 14.23 -38.82
C GLU A 468 -23.03 15.41 -38.09
N LEU A 469 -22.62 15.19 -36.84
CA LEU A 469 -22.12 16.24 -35.96
C LEU A 469 -23.07 17.44 -35.90
N HIS A 470 -24.22 17.29 -35.24
CA HIS A 470 -25.17 18.38 -35.11
C HIS A 470 -25.94 18.16 -33.82
N PRO A 471 -26.30 19.21 -33.04
CA PRO A 471 -27.11 19.04 -31.83
C PRO A 471 -28.31 18.11 -32.02
N ARG A 472 -29.11 18.39 -33.05
CA ARG A 472 -30.27 17.57 -33.37
C ARG A 472 -29.87 16.11 -33.44
N GLN A 473 -28.79 15.85 -34.18
CA GLN A 473 -28.30 14.49 -34.29
C GLN A 473 -28.07 13.91 -32.90
N SER A 474 -27.37 14.68 -32.06
CA SER A 474 -27.04 14.23 -30.72
C SER A 474 -28.33 13.92 -29.97
N PHE A 475 -29.34 14.78 -30.14
CA PHE A 475 -30.62 14.58 -29.48
C PHE A 475 -31.29 13.30 -29.97
N ASP A 476 -31.24 13.07 -31.29
CA ASP A 476 -31.83 11.89 -31.87
C ASP A 476 -31.07 10.65 -31.37
N LEU A 477 -29.76 10.77 -31.17
CA LEU A 477 -28.95 9.68 -30.65
C LEU A 477 -29.34 9.37 -29.21
N TRP A 478 -29.40 10.43 -28.41
CA TRP A 478 -29.78 10.32 -27.01
C TRP A 478 -31.16 9.68 -26.91
N LYS A 479 -32.09 10.13 -27.76
CA LYS A 479 -33.45 9.61 -27.80
C LYS A 479 -33.41 8.10 -27.98
N GLU A 480 -32.57 7.62 -28.89
CA GLU A 480 -32.45 6.20 -29.20
C GLU A 480 -32.01 5.43 -27.96
N ILE A 481 -31.14 6.04 -27.13
CA ILE A 481 -30.57 5.39 -25.96
C ILE A 481 -31.67 5.22 -24.90
N VAL A 482 -32.54 6.22 -24.78
CA VAL A 482 -33.41 6.33 -23.62
C VAL A 482 -34.81 5.78 -23.93
N ARG A 483 -34.99 5.21 -25.10
CA ARG A 483 -36.25 4.51 -25.34
C ARG A 483 -36.35 3.34 -24.36
N LEU A 484 -37.58 2.96 -24.02
CA LEU A 484 -37.87 1.79 -23.20
C LEU A 484 -37.42 2.01 -21.75
N GLN A 485 -37.13 3.26 -21.38
CA GLN A 485 -36.38 3.51 -20.18
C GLN A 485 -37.03 4.63 -19.36
N SER A 486 -37.33 4.30 -18.10
CA SER A 486 -37.94 5.23 -17.15
C SER A 486 -36.85 6.03 -16.46
N LEU A 487 -37.24 6.86 -15.50
CA LEU A 487 -36.31 7.51 -14.59
C LEU A 487 -35.76 6.44 -13.65
N PRO A 488 -34.54 6.64 -13.10
CA PRO A 488 -33.94 5.64 -12.22
C PRO A 488 -34.58 5.63 -10.84
N TRP A 489 -34.67 4.44 -10.25
CA TRP A 489 -35.26 4.27 -8.92
C TRP A 489 -34.27 4.74 -7.86
N GLN A 490 -34.55 5.88 -7.21
CA GLN A 490 -33.65 6.42 -6.20
C GLN A 490 -33.70 5.57 -4.93
N SER A 491 -32.57 5.54 -4.23
CA SER A 491 -32.40 4.71 -3.06
C SER A 491 -33.51 4.98 -2.07
N VAL A 492 -33.76 6.26 -1.79
CA VAL A 492 -34.75 6.67 -0.79
C VAL A 492 -36.10 6.05 -1.13
N GLU A 493 -36.41 5.96 -2.42
CA GLU A 493 -37.71 5.48 -2.89
C GLU A 493 -37.83 3.99 -2.60
N ILE A 494 -36.74 3.25 -2.81
CA ILE A 494 -36.77 1.82 -2.65
C ILE A 494 -36.97 1.51 -1.17
N GLN A 495 -36.17 2.13 -0.30
CA GLN A 495 -36.23 1.92 1.14
C GLN A 495 -37.62 2.27 1.68
N SER A 496 -38.25 3.31 1.11
CA SER A 496 -39.60 3.70 1.51
C SER A 496 -40.62 2.62 1.15
N ALA A 497 -40.34 1.87 0.08
CA ALA A 497 -41.23 0.79 -0.35
C ALA A 497 -41.00 -0.46 0.50
N LEU A 498 -39.73 -0.74 0.84
CA LEU A 498 -39.37 -1.82 1.75
C LEU A 498 -40.04 -1.60 3.11
N ALA A 499 -40.09 -0.34 3.55
CA ALA A 499 -40.72 -0.02 4.81
C ALA A 499 -42.19 -0.45 4.77
N LEU A 500 -42.84 -0.22 3.63
CA LEU A 500 -44.25 -0.57 3.48
C LEU A 500 -44.40 -2.09 3.39
N LYS A 501 -43.43 -2.77 2.77
CA LYS A 501 -43.42 -4.23 2.72
C LYS A 501 -43.44 -4.80 4.14
N LYS A 502 -42.48 -4.38 4.98
CA LYS A 502 -42.33 -4.86 6.34
C LYS A 502 -43.63 -4.61 7.12
N ALA A 503 -44.20 -3.42 6.94
CA ALA A 503 -45.43 -3.02 7.61
C ALA A 503 -46.57 -3.96 7.22
N ILE A 504 -46.68 -4.27 5.92
CA ILE A 504 -47.75 -5.14 5.41
C ILE A 504 -47.59 -6.55 5.99
N VAL A 505 -46.36 -7.07 5.98
CA VAL A 505 -46.08 -8.39 6.55
C VAL A 505 -46.55 -8.43 8.01
N ASN A 506 -46.26 -7.35 8.75
CA ASN A 506 -46.64 -7.25 10.15
C ASN A 506 -48.11 -6.90 10.35
N LEU A 507 -48.86 -6.58 9.28
CA LEU A 507 -50.31 -6.43 9.34
C LEU A 507 -51.02 -7.75 9.02
N ILE A 508 -50.41 -8.57 8.14
CA ILE A 508 -50.91 -9.92 7.89
C ILE A 508 -50.79 -10.77 9.16
N LEU A 509 -49.66 -10.63 9.87
CA LEU A 509 -49.38 -11.37 11.09
C LEU A 509 -50.37 -10.98 12.20
N ARG A 510 -50.66 -9.68 12.31
CA ARG A 510 -51.57 -9.16 13.33
C ARG A 510 -53.03 -9.37 12.96
N GLN A 511 -53.33 -9.64 11.67
CA GLN A 511 -54.69 -9.96 11.23
C GLN A 511 -54.89 -11.48 11.27
N ALA A 512 -54.79 -12.04 12.48
CA ALA A 512 -54.70 -13.47 12.71
C ALA A 512 -56.07 -14.11 12.51
N GLU A 513 -57.12 -13.50 13.07
CA GLU A 513 -58.51 -13.88 12.86
C GLU A 513 -58.71 -15.40 12.87
N LEU B 18 -5.59 2.97 36.64
CA LEU B 18 -6.44 1.75 36.70
C LEU B 18 -7.00 1.44 35.32
N ALA B 19 -7.95 2.25 34.80
CA ALA B 19 -8.72 1.85 33.62
C ALA B 19 -7.80 1.69 32.41
N ILE B 20 -7.88 0.53 31.73
CA ILE B 20 -6.90 0.21 30.69
C ILE B 20 -7.26 0.99 29.44
N HIS B 21 -6.26 1.28 28.60
CA HIS B 21 -6.57 1.93 27.34
C HIS B 21 -7.07 0.93 26.31
N THR B 22 -6.76 -0.36 26.47
CA THR B 22 -7.26 -1.39 25.56
C THR B 22 -8.64 -1.89 26.01
N ALA B 23 -9.58 -0.93 26.00
CA ALA B 23 -10.99 -1.13 26.32
C ALA B 23 -11.79 -0.97 25.03
N HIS B 24 -11.87 -2.04 24.23
CA HIS B 24 -13.05 -2.25 23.39
C HIS B 24 -14.08 -3.07 24.18
N LEU B 25 -14.82 -2.35 25.03
CA LEU B 25 -15.97 -2.89 25.74
C LEU B 25 -17.24 -2.25 25.19
N ILE B 26 -18.39 -2.57 25.83
CA ILE B 26 -19.68 -2.11 25.36
C ILE B 26 -20.30 -1.13 26.36
N GLN B 27 -20.90 -0.06 25.82
CA GLN B 27 -21.78 0.77 26.61
C GLN B 27 -22.93 -0.12 27.05
N PRO B 28 -23.38 -0.05 28.32
CA PRO B 28 -24.15 -1.15 28.91
C PRO B 28 -25.63 -1.20 28.58
N HIS B 29 -26.13 -0.22 27.83
CA HIS B 29 -27.54 -0.11 27.51
C HIS B 29 -27.94 -1.06 26.38
N GLY B 30 -26.98 -1.45 25.53
CA GLY B 30 -27.27 -2.33 24.42
C GLY B 30 -26.52 -3.68 24.52
N LEU B 31 -26.96 -4.64 23.71
CA LEU B 31 -26.33 -5.95 23.66
C LEU B 31 -25.53 -6.09 22.38
N VAL B 32 -24.39 -6.78 22.50
CA VAL B 32 -23.64 -7.24 21.35
C VAL B 32 -23.55 -8.76 21.41
N VAL B 33 -23.87 -9.39 20.28
CA VAL B 33 -23.81 -10.84 20.17
C VAL B 33 -22.96 -11.17 18.97
N VAL B 34 -22.24 -12.30 19.06
CA VAL B 34 -21.43 -12.76 17.97
C VAL B 34 -21.98 -14.11 17.51
N LEU B 35 -22.34 -14.16 16.21
CA LEU B 35 -22.97 -15.31 15.63
C LEU B 35 -21.95 -16.17 14.90
N GLN B 36 -21.87 -17.45 15.27
CA GLN B 36 -21.04 -18.44 14.63
C GLN B 36 -21.63 -18.80 13.27
N GLU B 37 -20.76 -19.10 12.29
CA GLU B 37 -21.22 -19.55 10.99
C GLU B 37 -20.59 -20.92 10.70
N PRO B 38 -21.30 -21.83 10.01
CA PRO B 38 -22.61 -21.55 9.41
C PRO B 38 -23.84 -21.81 10.28
N ASP B 39 -23.63 -22.04 11.59
CA ASP B 39 -24.65 -22.60 12.47
C ASP B 39 -25.53 -21.52 13.10
N LEU B 40 -25.12 -20.25 13.00
CA LEU B 40 -25.91 -19.10 13.42
C LEU B 40 -26.27 -19.17 14.91
N THR B 41 -25.32 -19.70 15.68
CA THR B 41 -25.39 -19.81 17.12
C THR B 41 -24.60 -18.66 17.74
N ILE B 42 -24.85 -18.34 19.01
CA ILE B 42 -24.15 -17.24 19.68
C ILE B 42 -22.82 -17.75 20.24
N SER B 43 -21.71 -17.33 19.60
CA SER B 43 -20.37 -17.72 20.03
C SER B 43 -19.96 -16.89 21.24
N GLN B 44 -20.27 -15.59 21.24
CA GLN B 44 -20.10 -14.81 22.46
C GLN B 44 -21.20 -13.75 22.56
N ILE B 45 -21.37 -13.25 23.78
CA ILE B 45 -22.41 -12.28 24.09
C ILE B 45 -21.89 -11.32 25.14
N SER B 46 -22.41 -10.08 25.06
CA SER B 46 -22.21 -9.05 26.06
C SER B 46 -22.70 -9.53 27.41
N ALA B 47 -22.04 -9.10 28.49
CA ALA B 47 -22.27 -9.65 29.82
C ALA B 47 -23.52 -9.06 30.47
N ASN B 48 -24.03 -7.96 29.91
CA ASN B 48 -25.22 -7.30 30.41
C ASN B 48 -26.49 -8.07 30.02
N CYS B 49 -26.34 -9.14 29.22
CA CYS B 49 -27.46 -9.94 28.75
C CYS B 49 -28.30 -10.48 29.91
N THR B 50 -27.64 -10.76 31.04
CA THR B 50 -28.34 -11.24 32.23
C THR B 50 -29.42 -10.25 32.63
N GLY B 51 -29.05 -8.97 32.77
CA GLY B 51 -30.00 -7.93 33.13
C GLY B 51 -31.01 -7.61 32.03
N ILE B 52 -30.53 -7.44 30.81
CA ILE B 52 -31.35 -6.93 29.73
C ILE B 52 -32.33 -7.99 29.26
N LEU B 53 -31.90 -9.25 29.22
CA LEU B 53 -32.71 -10.34 28.67
C LEU B 53 -33.18 -11.26 29.78
N GLY B 54 -32.79 -10.96 31.03
CA GLY B 54 -33.21 -11.80 32.13
C GLY B 54 -32.62 -13.22 32.06
N ARG B 55 -31.77 -13.47 31.07
CA ARG B 55 -31.13 -14.75 30.89
C ARG B 55 -29.62 -14.57 30.95
N SER B 56 -28.91 -15.59 31.48
CA SER B 56 -27.49 -15.46 31.75
C SER B 56 -26.71 -15.70 30.46
N PRO B 57 -25.40 -15.36 30.41
CA PRO B 57 -24.58 -15.66 29.24
C PRO B 57 -24.42 -17.17 29.06
N GLU B 58 -24.34 -17.90 30.18
CA GLU B 58 -24.20 -19.35 30.13
C GLU B 58 -25.43 -19.96 29.46
N ASP B 59 -26.61 -19.39 29.72
CA ASP B 59 -27.87 -19.82 29.15
C ASP B 59 -27.91 -19.58 27.64
N LEU B 60 -27.42 -18.40 27.25
CA LEU B 60 -27.62 -17.87 25.92
C LEU B 60 -26.54 -18.38 24.97
N LEU B 61 -25.31 -18.51 25.49
CA LEU B 61 -24.19 -19.05 24.74
C LEU B 61 -24.62 -20.37 24.10
N GLY B 62 -24.48 -20.45 22.78
CA GLY B 62 -24.78 -21.66 22.04
C GLY B 62 -26.16 -21.65 21.37
N ARG B 63 -27.02 -20.71 21.77
CA ARG B 63 -28.37 -20.67 21.24
C ARG B 63 -28.41 -19.88 19.95
N THR B 64 -29.25 -20.32 19.00
CA THR B 64 -29.46 -19.57 17.78
C THR B 64 -30.34 -18.38 18.10
N LEU B 65 -30.24 -17.35 17.28
CA LEU B 65 -30.94 -16.10 17.54
C LEU B 65 -32.44 -16.36 17.62
N GLY B 66 -32.95 -17.20 16.70
CA GLY B 66 -34.35 -17.55 16.65
C GLY B 66 -34.85 -18.06 18.00
N GLU B 67 -34.03 -18.85 18.71
CA GLU B 67 -34.52 -19.46 19.94
C GLU B 67 -34.48 -18.46 21.09
N VAL B 68 -33.64 -17.42 20.99
CA VAL B 68 -33.57 -16.43 22.04
C VAL B 68 -34.79 -15.52 21.94
N PHE B 69 -35.11 -15.07 20.73
CA PHE B 69 -36.20 -14.11 20.58
C PHE B 69 -37.49 -14.90 20.44
N ASP B 70 -38.39 -14.76 21.41
CA ASP B 70 -39.39 -15.79 21.69
C ASP B 70 -40.41 -15.84 20.55
N SER B 71 -40.75 -14.68 19.98
CA SER B 71 -41.51 -14.60 18.75
C SER B 71 -40.83 -15.38 17.62
N PHE B 72 -39.59 -15.82 17.87
CA PHE B 72 -38.74 -16.38 16.83
C PHE B 72 -38.73 -15.35 15.70
N GLN B 73 -38.95 -14.08 16.10
CA GLN B 73 -39.01 -12.96 15.16
C GLN B 73 -37.98 -13.18 14.06
N ILE B 74 -36.71 -13.29 14.48
CA ILE B 74 -35.60 -13.35 13.54
C ILE B 74 -35.68 -14.66 12.78
N ASP B 75 -35.70 -14.54 11.44
CA ASP B 75 -35.75 -15.67 10.53
C ASP B 75 -34.48 -15.57 9.69
N PRO B 76 -33.33 -16.05 10.21
CA PRO B 76 -32.08 -16.01 9.43
C PRO B 76 -32.07 -17.21 8.49
N ILE B 77 -32.41 -17.00 7.22
CA ILE B 77 -32.29 -18.07 6.23
C ILE B 77 -30.87 -18.62 6.33
N GLN B 78 -30.73 -19.94 6.45
CA GLN B 78 -29.43 -20.52 6.78
C GLN B 78 -28.51 -20.42 5.57
N SER B 79 -27.20 -20.31 5.85
CA SER B 79 -26.20 -20.30 4.80
C SER B 79 -24.84 -20.71 5.36
N ARG B 80 -23.96 -21.23 4.49
CA ARG B 80 -22.57 -21.46 4.85
C ARG B 80 -21.91 -20.16 5.29
N LEU B 81 -22.13 -19.09 4.52
CA LEU B 81 -21.62 -17.77 4.81
C LEU B 81 -22.70 -16.78 4.38
N THR B 82 -22.92 -15.72 5.17
CA THR B 82 -23.91 -14.72 4.78
C THR B 82 -23.19 -13.50 4.22
N ALA B 83 -23.48 -13.11 2.97
CA ALA B 83 -22.73 -12.03 2.33
C ALA B 83 -23.68 -11.02 1.69
N GLY B 84 -23.68 -9.79 2.21
CA GLY B 84 -24.51 -8.73 1.67
C GLY B 84 -26.00 -9.03 1.86
N GLN B 85 -26.33 -10.27 2.23
CA GLN B 85 -27.65 -10.63 2.72
C GLN B 85 -27.92 -9.80 3.98
N ILE B 86 -26.82 -9.41 4.62
CA ILE B 86 -26.85 -8.60 5.83
C ILE B 86 -27.55 -7.27 5.55
N SER B 87 -27.20 -6.63 4.44
CA SER B 87 -27.79 -5.34 4.12
C SER B 87 -29.30 -5.41 4.23
N SER B 88 -29.89 -6.57 3.90
CA SER B 88 -31.32 -6.74 3.99
C SER B 88 -31.77 -6.69 5.45
N LEU B 89 -30.97 -7.32 6.32
CA LEU B 89 -31.35 -7.48 7.71
C LEU B 89 -30.94 -6.25 8.53
N ASN B 90 -30.34 -5.24 7.90
CA ASN B 90 -29.74 -4.17 8.70
C ASN B 90 -30.76 -3.40 9.51
N PRO B 91 -31.95 -2.99 8.98
CA PRO B 91 -32.99 -2.42 9.84
C PRO B 91 -33.92 -3.53 10.32
N SER B 92 -33.63 -4.12 11.48
CA SER B 92 -34.40 -5.24 12.02
C SER B 92 -34.88 -4.86 13.41
N LYS B 93 -36.15 -5.16 13.72
CA LYS B 93 -36.69 -4.84 15.03
C LYS B 93 -37.07 -6.14 15.72
N LEU B 94 -36.08 -6.84 16.31
CA LEU B 94 -36.32 -8.10 17.00
C LEU B 94 -36.89 -7.84 18.39
N TRP B 95 -37.75 -8.73 18.89
CA TRP B 95 -38.26 -8.59 20.24
C TRP B 95 -38.45 -9.97 20.87
N ALA B 96 -38.42 -10.02 22.21
CA ALA B 96 -38.73 -11.21 22.98
C ALA B 96 -39.26 -10.82 24.35
N ARG B 97 -40.14 -11.67 24.91
CA ARG B 97 -40.64 -11.49 26.26
C ARG B 97 -39.53 -11.69 27.29
N VAL B 98 -39.59 -10.92 28.39
CA VAL B 98 -38.56 -10.95 29.41
C VAL B 98 -39.21 -11.22 30.77
N MET B 99 -39.97 -10.24 31.28
CA MET B 99 -40.41 -10.22 32.65
C MET B 99 -41.91 -9.93 32.64
N GLY B 100 -42.70 -10.82 33.27
CA GLY B 100 -44.16 -10.71 33.24
C GLY B 100 -44.71 -10.60 31.82
N ASP B 101 -43.99 -11.19 30.86
CA ASP B 101 -44.37 -11.19 29.44
C ASP B 101 -44.37 -9.75 28.91
N ASP B 102 -43.39 -8.96 29.38
CA ASP B 102 -43.22 -7.60 28.91
C ASP B 102 -42.85 -7.53 27.43
N PHE B 103 -42.23 -8.58 26.86
CA PHE B 103 -41.95 -8.62 25.43
C PHE B 103 -41.11 -7.40 25.02
N VAL B 104 -39.91 -7.28 25.59
CA VAL B 104 -39.01 -6.15 25.31
C VAL B 104 -38.56 -6.22 23.85
N ILE B 105 -38.48 -5.04 23.20
CA ILE B 105 -38.16 -4.93 21.78
C ILE B 105 -36.73 -4.38 21.63
N PHE B 106 -36.09 -4.61 20.47
CA PHE B 106 -34.74 -4.10 20.21
C PHE B 106 -34.60 -3.71 18.75
N ASP B 107 -33.88 -2.62 18.49
CA ASP B 107 -33.38 -2.31 17.16
C ASP B 107 -32.09 -3.12 16.95
N GLY B 108 -32.10 -3.97 15.92
CA GLY B 108 -31.00 -4.88 15.64
C GLY B 108 -30.23 -4.45 14.39
N VAL B 109 -28.90 -4.62 14.40
CA VAL B 109 -28.07 -4.16 13.30
C VAL B 109 -26.84 -5.05 13.17
N PHE B 110 -26.67 -5.63 11.97
CA PHE B 110 -25.65 -6.63 11.72
C PHE B 110 -24.49 -6.05 10.92
N HIS B 111 -23.27 -6.30 11.41
CA HIS B 111 -22.05 -5.87 10.78
C HIS B 111 -21.14 -7.10 10.68
N ARG B 112 -20.14 -7.00 9.82
CA ARG B 112 -19.05 -7.94 9.81
C ARG B 112 -17.83 -7.24 10.40
N ASN B 113 -17.25 -7.84 11.46
CA ASN B 113 -16.16 -7.16 12.15
C ASN B 113 -14.91 -7.35 11.30
N SER B 114 -13.91 -6.51 11.58
CA SER B 114 -12.66 -6.56 10.83
C SER B 114 -12.06 -7.95 10.95
N ASP B 115 -12.27 -8.62 12.09
CA ASP B 115 -11.82 -9.99 12.26
C ASP B 115 -12.57 -10.92 11.31
N GLY B 116 -13.73 -10.46 10.81
CA GLY B 116 -14.50 -11.23 9.83
C GLY B 116 -15.65 -12.02 10.46
N LEU B 117 -16.00 -11.68 11.70
CA LEU B 117 -17.07 -12.36 12.42
C LEU B 117 -18.38 -11.66 12.11
N LEU B 118 -19.49 -12.37 12.32
CA LEU B 118 -20.81 -11.77 12.24
C LEU B 118 -21.19 -11.20 13.61
N VAL B 119 -21.59 -9.92 13.64
CA VAL B 119 -21.89 -9.27 14.91
C VAL B 119 -23.26 -8.61 14.81
N CYS B 120 -24.05 -8.74 15.89
CA CYS B 120 -25.36 -8.11 15.94
C CYS B 120 -25.48 -7.24 17.18
N GLU B 121 -25.93 -5.98 17.00
CA GLU B 121 -26.05 -5.05 18.11
C GLU B 121 -27.52 -4.70 18.34
N LEU B 122 -27.95 -4.80 19.61
CA LEU B 122 -29.34 -4.68 19.98
C LEU B 122 -29.51 -3.52 20.94
N GLU B 123 -30.06 -2.41 20.46
CA GLU B 123 -30.41 -1.28 21.32
C GLU B 123 -31.89 -1.39 21.64
N PRO B 124 -32.31 -1.37 22.93
CA PRO B 124 -33.72 -1.45 23.25
C PRO B 124 -34.44 -0.24 22.66
N ALA B 125 -35.58 -0.49 22.02
CA ALA B 125 -36.33 0.55 21.35
C ALA B 125 -37.74 0.56 21.92
N TYR B 126 -38.42 1.71 21.75
CA TYR B 126 -39.84 1.81 22.01
C TYR B 126 -40.39 3.02 21.26
N THR B 127 -41.70 3.00 20.99
CA THR B 127 -42.35 4.13 20.32
C THR B 127 -43.19 4.95 21.31
N SER B 128 -42.64 5.16 22.51
CA SER B 128 -43.26 6.00 23.53
C SER B 128 -43.18 7.48 23.16
N ASP B 129 -42.10 7.89 22.49
CA ASP B 129 -41.95 9.27 22.05
C ASP B 129 -42.84 9.47 20.82
N ASN B 130 -44.03 10.05 21.06
CA ASN B 130 -44.98 10.38 20.01
C ASN B 130 -44.36 11.38 19.03
N LEU B 131 -44.73 11.28 17.75
CA LEU B 131 -44.09 12.06 16.71
C LEU B 131 -42.56 11.91 16.83
N PRO B 132 -42.01 10.68 16.88
CA PRO B 132 -40.59 10.49 17.19
C PRO B 132 -39.69 10.94 16.06
N PHE B 133 -40.01 10.56 14.82
CA PHE B 133 -39.09 10.72 13.69
C PHE B 133 -39.60 11.78 12.72
N LEU B 134 -40.90 11.71 12.36
CA LEU B 134 -41.46 12.64 11.40
C LEU B 134 -41.31 14.08 11.91
N GLY B 135 -41.63 14.25 13.20
CA GLY B 135 -41.46 15.54 13.85
C GLY B 135 -40.06 16.08 13.60
N PHE B 136 -39.05 15.26 13.88
CA PHE B 136 -37.66 15.66 13.70
C PHE B 136 -37.44 16.10 12.26
N TYR B 137 -37.98 15.28 11.34
CA TYR B 137 -37.81 15.55 9.92
C TYR B 137 -38.46 16.88 9.55
N HIS B 138 -39.66 17.15 10.08
CA HIS B 138 -40.36 18.38 9.74
C HIS B 138 -39.62 19.60 10.30
N MET B 139 -39.03 19.46 11.50
CA MET B 139 -38.30 20.54 12.12
C MET B 139 -37.00 20.78 11.36
N ALA B 140 -36.45 19.70 10.81
CA ALA B 140 -35.18 19.74 10.12
C ALA B 140 -35.31 20.53 8.81
N ARG B 141 -36.33 20.21 8.01
CA ARG B 141 -36.53 20.96 6.77
C ARG B 141 -36.71 22.44 7.12
N ALA B 142 -37.52 22.69 8.15
CA ALA B 142 -37.83 24.05 8.58
C ALA B 142 -36.59 24.74 9.13
N ALA B 143 -35.67 23.96 9.72
CA ALA B 143 -34.36 24.48 10.09
C ALA B 143 -33.62 24.93 8.83
N LEU B 144 -33.69 24.11 7.78
CA LEU B 144 -32.91 24.34 6.58
C LEU B 144 -33.42 25.57 5.85
N ASN B 145 -34.72 25.88 5.98
CA ASN B 145 -35.29 27.08 5.37
C ASN B 145 -34.82 28.33 6.12
N ARG B 146 -34.76 28.20 7.45
CA ARG B 146 -34.29 29.30 8.27
C ARG B 146 -32.83 29.58 7.93
N LEU B 147 -32.05 28.50 7.85
CA LEU B 147 -30.62 28.56 7.65
C LEU B 147 -30.32 29.28 6.33
N ARG B 148 -31.02 28.88 5.25
CA ARG B 148 -30.66 29.36 3.92
C ARG B 148 -31.03 30.82 3.77
N GLN B 149 -31.89 31.32 4.68
CA GLN B 149 -32.39 32.69 4.58
C GLN B 149 -31.62 33.64 5.50
N GLN B 150 -30.47 33.17 6.03
CA GLN B 150 -29.58 33.99 6.81
C GLN B 150 -28.59 34.73 5.91
N ALA B 151 -28.28 35.99 6.27
CA ALA B 151 -27.33 36.80 5.54
C ALA B 151 -25.92 36.56 6.07
N ASN B 152 -25.73 36.76 7.39
CA ASN B 152 -24.42 36.65 8.00
C ASN B 152 -24.09 35.18 8.26
N LEU B 153 -22.81 34.82 8.13
CA LEU B 153 -22.34 33.47 8.41
C LEU B 153 -22.44 33.19 9.91
N ARG B 154 -22.22 34.22 10.72
CA ARG B 154 -22.44 34.12 12.16
C ARG B 154 -23.87 33.68 12.43
N ASP B 155 -24.82 34.53 12.05
CA ASP B 155 -26.23 34.21 12.19
C ASP B 155 -26.46 32.77 11.73
N PHE B 156 -25.87 32.44 10.57
CA PHE B 156 -25.99 31.13 9.96
C PHE B 156 -25.59 30.02 10.95
N TYR B 157 -24.37 30.11 11.50
CA TYR B 157 -23.88 29.11 12.43
C TYR B 157 -24.75 29.05 13.68
N ASP B 158 -25.13 30.24 14.19
CA ASP B 158 -25.91 30.38 15.41
C ASP B 158 -27.26 29.67 15.25
N VAL B 159 -27.74 29.58 14.03
CA VAL B 159 -29.02 28.97 13.75
C VAL B 159 -28.86 27.46 13.78
N ILE B 160 -27.74 26.96 13.26
CA ILE B 160 -27.51 25.52 13.23
C ILE B 160 -27.69 25.00 14.65
N VAL B 161 -26.90 25.54 15.57
CA VAL B 161 -26.85 25.07 16.95
C VAL B 161 -28.21 25.20 17.60
N GLU B 162 -28.86 26.36 17.39
CA GLU B 162 -30.15 26.66 17.99
C GLU B 162 -31.19 25.61 17.59
N GLU B 163 -31.23 25.28 16.30
CA GLU B 163 -32.28 24.42 15.75
C GLU B 163 -31.97 22.96 16.04
N VAL B 164 -30.67 22.60 16.02
CA VAL B 164 -30.25 21.28 16.44
C VAL B 164 -30.68 21.09 17.89
N ARG B 165 -30.37 22.07 18.74
CA ARG B 165 -30.71 21.96 20.16
C ARG B 165 -32.21 21.87 20.33
N ARG B 166 -32.98 22.62 19.55
CA ARG B 166 -34.42 22.52 19.66
C ARG B 166 -34.86 21.13 19.26
N MET B 167 -34.39 20.68 18.11
CA MET B 167 -34.79 19.40 17.52
C MET B 167 -34.45 18.27 18.48
N THR B 168 -33.27 18.38 19.10
CA THR B 168 -32.66 17.29 19.85
C THR B 168 -33.00 17.42 21.33
N GLY B 169 -32.89 18.63 21.88
CA GLY B 169 -33.31 18.89 23.25
C GLY B 169 -32.16 18.74 24.25
N PHE B 170 -30.94 18.73 23.70
CA PHE B 170 -29.75 18.68 24.52
C PHE B 170 -29.66 19.95 25.35
N ASP B 171 -29.06 19.80 26.54
CA ASP B 171 -28.79 20.88 27.45
C ASP B 171 -27.80 21.84 26.78
N ARG B 172 -26.91 21.29 25.95
CA ARG B 172 -25.97 22.09 25.19
C ARG B 172 -25.69 21.45 23.83
N VAL B 173 -25.72 22.29 22.78
CA VAL B 173 -25.25 21.95 21.45
C VAL B 173 -24.22 22.98 21.04
N MET B 174 -23.12 22.54 20.41
CA MET B 174 -22.10 23.46 19.94
C MET B 174 -21.48 22.97 18.64
N LEU B 175 -20.96 23.95 17.89
CA LEU B 175 -20.36 23.76 16.60
C LEU B 175 -18.85 23.95 16.71
N HIS B 176 -18.12 22.88 16.41
CA HIS B 176 -16.66 22.88 16.39
C HIS B 176 -16.17 22.86 14.95
N ARG B 177 -15.31 23.82 14.60
CA ARG B 177 -14.60 23.80 13.33
C ARG B 177 -13.12 23.56 13.61
N PHE B 178 -12.37 23.19 12.56
CA PHE B 178 -10.97 22.87 12.74
C PHE B 178 -10.04 23.84 11.99
N ASP B 179 -8.98 24.24 12.72
CA ASP B 179 -7.94 25.09 12.21
C ASP B 179 -7.16 24.37 11.15
N GLU B 180 -6.26 25.13 10.52
CA GLU B 180 -5.43 24.60 9.46
C GLU B 180 -4.31 23.77 10.08
N ASN B 181 -4.27 23.69 11.41
CA ASN B 181 -3.37 22.76 12.11
C ASN B 181 -4.14 21.61 12.75
N ASN B 182 -5.44 21.56 12.43
CA ASN B 182 -6.36 20.56 12.93
C ASN B 182 -6.78 20.88 14.37
N HIS B 183 -6.47 22.09 14.85
CA HIS B 183 -6.88 22.45 16.19
C HIS B 183 -8.38 22.66 16.18
N GLY B 184 -8.92 23.08 17.34
CA GLY B 184 -10.36 23.28 17.46
C GLY B 184 -10.73 24.72 17.72
N ASP B 185 -12.00 25.05 17.46
CA ASP B 185 -12.54 26.38 17.64
C ASP B 185 -14.04 26.25 17.78
N VAL B 186 -14.57 26.55 18.96
CA VAL B 186 -16.00 26.48 19.18
C VAL B 186 -16.61 27.72 18.54
N ILE B 187 -17.16 27.56 17.34
CA ILE B 187 -17.52 28.71 16.52
C ILE B 187 -18.97 29.10 16.78
N ALA B 188 -19.77 28.19 17.32
CA ALA B 188 -21.14 28.51 17.70
C ALA B 188 -21.60 27.60 18.83
N GLU B 189 -22.69 28.00 19.50
CA GLU B 189 -23.11 27.34 20.73
C GLU B 189 -24.52 27.79 21.14
N ASP B 190 -25.31 26.82 21.60
CA ASP B 190 -26.57 27.06 22.29
C ASP B 190 -26.59 26.17 23.53
N LYS B 191 -26.97 26.74 24.68
CA LYS B 191 -26.85 26.08 25.96
C LYS B 191 -27.88 26.67 26.90
N ARG B 192 -28.06 26.02 28.07
CA ARG B 192 -28.91 26.56 29.10
C ARG B 192 -28.26 27.82 29.64
N ASP B 193 -29.09 28.79 30.04
CA ASP B 193 -28.62 30.06 30.55
C ASP B 193 -27.58 29.83 31.65
N ASP B 194 -27.76 28.75 32.43
CA ASP B 194 -27.05 28.52 33.67
C ASP B 194 -25.76 27.72 33.47
N MET B 195 -25.53 27.22 32.26
CA MET B 195 -24.35 26.43 31.97
C MET B 195 -23.21 27.38 31.57
N GLU B 196 -21.97 26.90 31.73
CA GLU B 196 -20.78 27.67 31.42
C GLU B 196 -20.65 27.74 29.89
N PRO B 197 -20.32 28.91 29.31
CA PRO B 197 -20.19 29.04 27.86
C PRO B 197 -18.81 28.55 27.43
N TYR B 198 -18.79 27.81 26.31
CA TYR B 198 -17.56 27.27 25.75
C TYR B 198 -17.26 27.97 24.42
N LEU B 199 -18.02 29.03 24.10
CA LEU B 199 -17.86 29.67 22.80
C LEU B 199 -16.50 30.36 22.69
N GLY B 200 -15.82 30.16 21.56
CA GLY B 200 -14.53 30.76 21.29
C GLY B 200 -13.36 29.91 21.81
N LEU B 201 -13.65 29.10 22.83
CA LEU B 201 -12.67 28.16 23.35
C LEU B 201 -11.99 27.45 22.17
N HIS B 202 -10.70 27.64 22.04
CA HIS B 202 -9.95 26.81 21.13
C HIS B 202 -9.42 25.65 21.95
N TYR B 203 -9.23 24.49 21.31
CA TYR B 203 -8.62 23.36 21.98
C TYR B 203 -7.61 22.70 21.05
N PRO B 204 -6.57 22.01 21.60
CA PRO B 204 -5.56 21.37 20.78
C PRO B 204 -6.12 20.26 19.92
N GLU B 205 -5.50 20.05 18.75
CA GLU B 205 -5.83 18.93 17.89
C GLU B 205 -5.75 17.63 18.68
N SER B 206 -4.80 17.54 19.60
CA SER B 206 -4.52 16.34 20.38
C SER B 206 -5.75 15.85 21.15
N ASP B 207 -6.66 16.77 21.53
CA ASP B 207 -7.81 16.44 22.35
C ASP B 207 -8.77 15.50 21.64
N ILE B 208 -8.69 15.47 20.31
CA ILE B 208 -9.36 14.46 19.50
C ILE B 208 -8.30 13.81 18.61
N PRO B 209 -7.66 12.71 19.04
CA PRO B 209 -6.57 12.11 18.27
C PRO B 209 -6.97 11.69 16.86
N GLN B 210 -5.99 11.71 15.94
CA GLN B 210 -6.21 11.47 14.52
C GLN B 210 -6.95 10.15 14.25
N PRO B 211 -6.75 9.05 15.01
CA PRO B 211 -7.65 7.89 14.95
C PRO B 211 -9.13 8.23 15.08
N ALA B 212 -9.50 8.90 16.17
CA ALA B 212 -10.91 9.17 16.44
C ALA B 212 -11.52 9.99 15.30
N ARG B 213 -10.70 10.90 14.74
CA ARG B 213 -11.09 11.71 13.60
C ARG B 213 -11.32 10.84 12.38
N ARG B 214 -10.31 10.04 12.00
CA ARG B 214 -10.39 9.26 10.77
C ARG B 214 -11.50 8.21 10.90
N LEU B 215 -11.89 7.95 12.15
CA LEU B 215 -12.93 6.97 12.44
C LEU B 215 -14.31 7.57 12.25
N PHE B 216 -14.43 8.90 12.33
CA PHE B 216 -15.68 9.61 12.08
C PHE B 216 -16.11 9.48 10.61
N ILE B 217 -15.15 9.15 9.73
CA ILE B 217 -15.43 8.99 8.32
C ILE B 217 -16.28 7.73 8.11
N HIS B 218 -15.98 6.69 8.89
CA HIS B 218 -16.69 5.42 8.80
C HIS B 218 -17.88 5.43 9.76
N ASN B 219 -17.70 6.01 10.94
CA ASN B 219 -18.75 6.08 11.95
C ASN B 219 -19.12 7.56 12.15
N PRO B 220 -20.13 8.10 11.44
CA PRO B 220 -20.39 9.54 11.41
C PRO B 220 -21.07 10.12 12.66
N ILE B 221 -21.61 9.25 13.51
CA ILE B 221 -22.22 9.68 14.75
C ILE B 221 -21.62 8.92 15.94
N ARG B 222 -21.33 9.66 17.00
CA ARG B 222 -20.87 9.09 18.26
C ARG B 222 -21.87 9.40 19.35
N VAL B 223 -22.41 8.33 19.93
CA VAL B 223 -23.42 8.48 20.96
C VAL B 223 -22.92 7.79 22.23
N ILE B 224 -22.92 8.57 23.32
CA ILE B 224 -22.61 8.09 24.66
C ILE B 224 -23.76 8.50 25.57
N PRO B 225 -24.89 7.77 25.57
CA PRO B 225 -26.11 8.25 26.24
C PRO B 225 -26.04 8.09 27.76
N ASP B 226 -25.10 7.28 28.26
CA ASP B 226 -24.75 7.30 29.68
C ASP B 226 -23.22 7.33 29.79
N VAL B 227 -22.70 8.47 30.27
CA VAL B 227 -21.27 8.67 30.44
C VAL B 227 -20.81 7.87 31.65
N TYR B 228 -21.67 7.76 32.67
CA TYR B 228 -21.28 7.12 33.91
C TYR B 228 -21.54 5.62 33.84
N GLY B 229 -22.18 5.18 32.75
CA GLY B 229 -22.48 3.78 32.53
C GLY B 229 -21.22 2.91 32.53
N VAL B 230 -21.32 1.78 33.23
CA VAL B 230 -20.21 0.86 33.40
C VAL B 230 -20.12 -0.04 32.16
N ALA B 231 -18.95 -0.01 31.50
CA ALA B 231 -18.75 -0.75 30.27
C ALA B 231 -18.68 -2.23 30.58
N VAL B 232 -19.30 -3.05 29.72
CA VAL B 232 -19.35 -4.48 29.91
C VAL B 232 -18.57 -5.13 28.78
N PRO B 233 -17.89 -6.26 29.03
CA PRO B 233 -17.23 -7.02 27.98
C PRO B 233 -18.14 -8.09 27.42
N LEU B 234 -17.64 -8.80 26.41
CA LEU B 234 -18.26 -10.02 25.96
C LEU B 234 -17.73 -11.17 26.78
N THR B 235 -18.56 -12.21 26.94
CA THR B 235 -18.10 -13.47 27.51
C THR B 235 -18.47 -14.57 26.53
N PRO B 236 -17.52 -15.43 26.13
CA PRO B 236 -16.12 -15.31 26.53
C PRO B 236 -15.56 -14.07 25.84
N ALA B 237 -14.47 -13.52 26.40
CA ALA B 237 -13.88 -12.32 25.85
C ALA B 237 -13.22 -12.63 24.52
N VAL B 238 -12.66 -13.83 24.42
CA VAL B 238 -11.91 -14.26 23.26
C VAL B 238 -12.84 -15.00 22.31
N ASN B 239 -12.98 -14.51 21.09
CA ASN B 239 -13.77 -15.24 20.11
C ASN B 239 -13.09 -16.59 19.91
N PRO B 240 -13.86 -17.70 19.89
CA PRO B 240 -13.26 -19.02 19.77
C PRO B 240 -12.45 -19.16 18.49
N SER B 241 -13.00 -18.72 17.37
CA SER B 241 -12.37 -18.92 16.06
C SER B 241 -11.10 -18.08 15.95
N THR B 242 -11.23 -16.81 16.34
CA THR B 242 -10.14 -15.88 16.24
C THR B 242 -9.08 -16.15 17.33
N ASN B 243 -9.54 -16.67 18.47
CA ASN B 243 -8.69 -16.74 19.64
C ASN B 243 -8.14 -15.34 19.85
N ARG B 244 -8.94 -14.35 19.47
CA ARG B 244 -8.59 -12.95 19.51
C ARG B 244 -9.85 -12.17 19.87
N ALA B 245 -9.67 -11.01 20.51
CA ALA B 245 -10.82 -10.21 20.93
C ALA B 245 -11.55 -9.69 19.70
N VAL B 246 -12.77 -9.20 19.90
CA VAL B 246 -13.58 -8.69 18.81
C VAL B 246 -13.31 -7.20 18.58
N ASP B 247 -13.35 -6.78 17.32
CA ASP B 247 -13.09 -5.42 16.95
C ASP B 247 -14.44 -4.72 16.89
N LEU B 248 -14.63 -3.70 17.72
CA LEU B 248 -15.94 -3.07 17.79
C LEU B 248 -15.95 -1.78 16.98
N THR B 249 -14.90 -1.57 16.16
CA THR B 249 -14.80 -0.34 15.39
C THR B 249 -16.14 0.01 14.76
N GLU B 250 -16.87 -1.02 14.31
CA GLU B 250 -18.10 -0.88 13.56
C GLU B 250 -19.29 -0.56 14.46
N SER B 251 -19.15 -0.77 15.77
CA SER B 251 -20.27 -0.73 16.69
C SER B 251 -20.60 0.69 17.13
N ILE B 252 -21.89 0.95 17.45
CA ILE B 252 -22.33 2.21 18.03
C ILE B 252 -22.11 2.14 19.52
N LEU B 253 -22.14 0.89 20.00
CA LEU B 253 -22.05 0.59 21.41
C LEU B 253 -20.59 0.45 21.83
N ARG B 254 -19.64 0.72 20.94
CA ARG B 254 -18.25 0.75 21.33
C ARG B 254 -18.09 1.76 22.46
N SER B 255 -17.54 1.30 23.59
CA SER B 255 -17.37 2.18 24.74
C SER B 255 -16.20 3.11 24.49
N ALA B 256 -16.36 4.36 24.93
CA ALA B 256 -15.38 5.39 24.70
C ALA B 256 -14.28 5.29 25.75
N TYR B 257 -13.10 5.80 25.40
CA TYR B 257 -11.88 5.60 26.20
C TYR B 257 -11.97 6.49 27.43
N HIS B 258 -11.53 5.96 28.58
CA HIS B 258 -11.76 6.60 29.87
C HIS B 258 -11.19 8.02 29.85
N CYS B 259 -10.09 8.22 29.11
CA CYS B 259 -9.55 9.55 28.88
C CYS B 259 -10.66 10.57 28.63
N HIS B 260 -11.48 10.27 27.63
CA HIS B 260 -12.48 11.21 27.13
C HIS B 260 -13.64 11.27 28.10
N LEU B 261 -14.02 10.13 28.68
CA LEU B 261 -15.10 10.08 29.67
C LEU B 261 -14.74 10.97 30.85
N THR B 262 -13.48 10.91 31.30
CA THR B 262 -12.97 11.81 32.32
C THR B 262 -13.29 13.25 31.91
N TYR B 263 -12.83 13.63 30.72
CA TYR B 263 -13.04 14.96 30.17
C TYR B 263 -14.51 15.33 30.33
N LEU B 264 -15.42 14.46 29.86
CA LEU B 264 -16.86 14.66 29.93
C LEU B 264 -17.34 14.76 31.39
N LYS B 265 -16.83 13.87 32.24
CA LYS B 265 -17.31 13.77 33.62
C LYS B 265 -17.00 15.06 34.36
N ASN B 266 -15.74 15.53 34.25
CA ASN B 266 -15.32 16.69 35.02
C ASN B 266 -15.78 17.96 34.31
N MET B 267 -16.45 17.78 33.17
CA MET B 267 -17.11 18.87 32.47
C MET B 267 -18.60 18.91 32.86
N GLY B 268 -19.07 17.83 33.52
CA GLY B 268 -20.40 17.79 34.08
C GLY B 268 -21.43 17.12 33.16
N VAL B 269 -20.93 16.30 32.23
CA VAL B 269 -21.70 15.73 31.15
C VAL B 269 -22.16 14.33 31.56
N GLY B 270 -23.43 14.05 31.28
CA GLY B 270 -24.06 12.76 31.51
C GLY B 270 -24.36 12.00 30.23
N ALA B 271 -24.53 12.72 29.11
CA ALA B 271 -24.75 12.11 27.81
C ALA B 271 -24.14 12.98 26.70
N SER B 272 -23.48 12.32 25.74
CA SER B 272 -22.99 13.01 24.55
C SER B 272 -23.74 12.52 23.32
N LEU B 273 -23.84 13.42 22.34
CA LEU B 273 -24.02 13.06 20.95
C LEU B 273 -23.06 13.90 20.11
N THR B 274 -22.55 13.31 19.03
CA THR B 274 -21.59 14.00 18.19
C THR B 274 -21.87 13.65 16.73
N ILE B 275 -22.01 14.68 15.89
CA ILE B 275 -22.20 14.49 14.45
C ILE B 275 -20.96 15.02 13.74
N SER B 276 -20.33 14.15 12.96
CA SER B 276 -19.18 14.52 12.16
C SER B 276 -19.64 15.42 11.02
N LEU B 277 -18.77 16.36 10.63
CA LEU B 277 -19.01 17.17 9.45
C LEU B 277 -17.83 16.95 8.50
N ILE B 278 -18.09 16.18 7.45
CA ILE B 278 -17.04 15.64 6.61
C ILE B 278 -17.08 16.37 5.28
N LYS B 279 -15.93 16.88 4.84
CA LYS B 279 -15.81 17.42 3.49
C LYS B 279 -14.83 16.55 2.71
N ASP B 280 -15.32 15.99 1.60
CA ASP B 280 -14.44 15.31 0.65
C ASP B 280 -13.59 14.27 1.39
N GLY B 281 -14.13 13.70 2.46
CA GLY B 281 -13.46 12.63 3.18
C GLY B 281 -12.56 13.12 4.31
N HIS B 282 -12.45 14.45 4.51
CA HIS B 282 -11.66 14.99 5.62
C HIS B 282 -12.58 15.71 6.60
N LEU B 283 -12.34 15.50 7.90
CA LEU B 283 -13.25 15.98 8.94
C LEU B 283 -13.12 17.50 9.11
N TRP B 284 -14.22 18.22 8.85
CA TRP B 284 -14.24 19.67 8.87
C TRP B 284 -14.55 20.19 10.26
N GLY B 285 -15.43 19.49 10.97
CA GLY B 285 -15.92 19.98 12.24
C GLY B 285 -16.94 19.02 12.83
N LEU B 286 -17.49 19.42 13.99
CA LEU B 286 -18.43 18.59 14.73
C LEU B 286 -19.64 19.42 15.13
N ILE B 287 -20.76 18.71 15.30
CA ILE B 287 -21.85 19.19 16.14
C ILE B 287 -21.82 18.35 17.41
N ALA B 288 -21.29 18.95 18.49
CA ALA B 288 -21.07 18.26 19.76
C ALA B 288 -22.18 18.62 20.73
N CYS B 289 -22.94 17.59 21.14
CA CYS B 289 -24.10 17.77 21.99
C CYS B 289 -23.82 17.14 23.35
N HIS B 290 -24.19 17.89 24.39
CA HIS B 290 -23.97 17.50 25.77
C HIS B 290 -25.31 17.54 26.49
N HIS B 291 -25.51 16.60 27.42
CA HIS B 291 -26.62 16.65 28.34
C HIS B 291 -26.05 16.42 29.75
N GLN B 292 -26.63 17.09 30.74
CA GLN B 292 -26.20 16.91 32.13
C GLN B 292 -26.79 15.61 32.69
N THR B 293 -28.01 15.28 32.26
CA THR B 293 -28.64 14.01 32.54
C THR B 293 -28.31 13.01 31.44
N PRO B 294 -28.25 11.69 31.73
CA PRO B 294 -28.28 10.67 30.68
C PRO B 294 -29.46 10.81 29.73
N LYS B 295 -29.25 10.52 28.45
CA LYS B 295 -30.24 10.78 27.43
C LYS B 295 -29.97 9.92 26.20
N VAL B 296 -30.90 8.99 25.92
CA VAL B 296 -30.72 8.05 24.83
C VAL B 296 -31.28 8.65 23.54
N ILE B 297 -30.70 8.22 22.41
CA ILE B 297 -31.12 8.66 21.09
C ILE B 297 -31.35 7.41 20.24
N PRO B 298 -32.62 7.12 19.87
CA PRO B 298 -32.97 5.89 19.16
C PRO B 298 -32.37 5.77 17.76
N PHE B 299 -32.36 4.54 17.24
CA PHE B 299 -31.86 4.28 15.90
C PHE B 299 -32.48 5.29 14.95
N GLU B 300 -33.81 5.36 15.00
CA GLU B 300 -34.61 6.15 14.07
C GLU B 300 -34.05 7.58 13.95
N LEU B 301 -33.76 8.16 15.12
CA LEU B 301 -33.42 9.57 15.25
C LEU B 301 -31.94 9.78 14.98
N ARG B 302 -31.14 8.72 15.11
CA ARG B 302 -29.73 8.77 14.74
C ARG B 302 -29.64 8.81 13.22
N LYS B 303 -30.43 7.96 12.57
CA LYS B 303 -30.42 7.87 11.11
C LYS B 303 -30.83 9.23 10.55
N ALA B 304 -31.83 9.86 11.16
CA ALA B 304 -32.31 11.16 10.74
C ALA B 304 -31.27 12.25 11.03
N CYS B 305 -30.56 12.13 12.16
CA CYS B 305 -29.50 13.06 12.50
C CYS B 305 -28.35 12.95 11.50
N GLU B 306 -28.04 11.71 11.09
CA GLU B 306 -26.97 11.46 10.14
C GLU B 306 -27.25 12.22 8.84
N PHE B 307 -28.49 12.09 8.36
CA PHE B 307 -28.88 12.67 7.09
C PHE B 307 -28.93 14.19 7.21
N PHE B 308 -29.37 14.68 8.38
CA PHE B 308 -29.52 16.10 8.64
C PHE B 308 -28.14 16.77 8.59
N GLY B 309 -27.15 16.18 9.28
CA GLY B 309 -25.81 16.73 9.36
C GLY B 309 -25.13 16.83 7.99
N ARG B 310 -25.44 15.89 7.10
CA ARG B 310 -24.91 15.91 5.74
C ARG B 310 -25.35 17.19 5.02
N VAL B 311 -26.65 17.45 5.06
CA VAL B 311 -27.24 18.57 4.35
C VAL B 311 -26.90 19.86 5.05
N VAL B 312 -26.86 19.84 6.39
CA VAL B 312 -26.46 21.01 7.15
C VAL B 312 -25.04 21.37 6.74
N PHE B 313 -24.14 20.38 6.70
CA PHE B 313 -22.77 20.66 6.31
C PHE B 313 -22.71 21.14 4.86
N SER B 314 -23.54 20.58 3.99
CA SER B 314 -23.55 20.99 2.59
C SER B 314 -23.72 22.50 2.49
N ASN B 315 -24.65 23.05 3.30
CA ASN B 315 -24.94 24.48 3.32
C ASN B 315 -23.83 25.25 4.02
N ILE B 316 -23.19 24.61 5.01
CA ILE B 316 -22.04 25.18 5.67
C ILE B 316 -20.95 25.45 4.64
N SER B 317 -20.60 24.43 3.87
CA SER B 317 -19.48 24.54 2.95
C SER B 317 -19.84 25.52 1.84
N ALA B 318 -21.14 25.65 1.55
CA ALA B 318 -21.59 26.62 0.57
C ALA B 318 -21.33 28.04 1.08
N GLN B 319 -21.80 28.31 2.31
CA GLN B 319 -21.59 29.60 2.94
C GLN B 319 -20.11 29.88 3.10
N GLU B 320 -19.37 28.88 3.60
CA GLU B 320 -17.94 29.04 3.84
C GLU B 320 -17.24 29.38 2.52
N ASP B 321 -17.64 28.71 1.43
CA ASP B 321 -17.00 28.89 0.13
C ASP B 321 -17.25 30.30 -0.36
N THR B 322 -18.52 30.73 -0.35
CA THR B 322 -18.88 32.03 -0.90
C THR B 322 -18.16 33.14 -0.13
N GLU B 323 -18.07 32.98 1.18
CA GLU B 323 -17.42 34.00 2.00
C GLU B 323 -15.94 34.08 1.64
N THR B 324 -15.31 32.93 1.38
CA THR B 324 -13.89 32.87 1.10
C THR B 324 -13.61 33.33 -0.33
N PHE B 325 -14.64 33.41 -1.18
CA PHE B 325 -14.53 34.05 -2.47
C PHE B 325 -14.67 35.56 -2.29
N ASP B 326 -15.39 35.97 -1.24
CA ASP B 326 -15.48 37.38 -0.92
C ASP B 326 -14.12 37.91 -0.47
N TYR B 327 -13.29 37.07 0.18
CA TYR B 327 -11.94 37.49 0.50
C TYR B 327 -11.18 37.78 -0.80
N ARG B 328 -11.38 36.93 -1.81
CA ARG B 328 -10.65 37.08 -3.06
C ARG B 328 -11.04 38.38 -3.75
N VAL B 329 -12.27 38.87 -3.54
CA VAL B 329 -12.75 40.11 -4.12
C VAL B 329 -12.08 41.29 -3.40
N GLN B 330 -12.02 41.22 -2.07
CA GLN B 330 -11.46 42.30 -1.27
C GLN B 330 -9.97 42.43 -1.57
N LEU B 331 -9.31 41.28 -1.75
CA LEU B 331 -7.89 41.28 -2.10
C LEU B 331 -7.70 41.79 -3.52
N ALA B 332 -8.66 41.55 -4.41
CA ALA B 332 -8.63 42.12 -5.74
C ALA B 332 -8.77 43.63 -5.65
N GLU B 333 -9.62 44.08 -4.73
CA GLU B 333 -9.90 45.49 -4.51
C GLU B 333 -8.62 46.21 -4.10
N HIS B 334 -7.90 45.64 -3.13
CA HIS B 334 -6.65 46.22 -2.67
C HIS B 334 -5.65 46.20 -3.82
N GLU B 335 -5.57 45.06 -4.53
CA GLU B 335 -4.68 44.90 -5.68
C GLU B 335 -4.89 46.05 -6.67
N ALA B 336 -6.15 46.43 -6.89
CA ALA B 336 -6.47 47.41 -7.93
C ALA B 336 -6.13 48.83 -7.49
N VAL B 337 -6.45 49.16 -6.24
CA VAL B 337 -6.19 50.47 -5.65
C VAL B 337 -4.69 50.70 -5.56
N LEU B 338 -3.95 49.63 -5.26
CA LEU B 338 -2.50 49.68 -5.12
C LEU B 338 -1.85 49.82 -6.50
N LEU B 339 -2.39 49.13 -7.50
CA LEU B 339 -1.86 49.20 -8.85
C LEU B 339 -2.07 50.61 -9.42
N ASP B 340 -3.19 51.24 -9.04
CA ASP B 340 -3.54 52.57 -9.50
C ASP B 340 -2.58 53.60 -8.89
N LYS B 341 -2.58 53.69 -7.56
CA LYS B 341 -1.87 54.75 -6.84
C LYS B 341 -0.34 54.56 -6.91
N MET B 342 0.10 53.33 -7.19
CA MET B 342 1.51 53.01 -7.33
C MET B 342 2.09 53.68 -8.56
N THR B 343 1.27 53.76 -9.62
CA THR B 343 1.66 54.36 -10.88
C THR B 343 1.38 55.87 -10.87
N THR B 344 0.42 56.33 -10.07
CA THR B 344 0.08 57.75 -9.98
C THR B 344 1.25 58.53 -9.40
N ALA B 345 1.63 58.20 -8.17
CA ALA B 345 2.67 58.93 -7.46
C ALA B 345 4.02 58.69 -8.14
N ALA B 346 4.85 59.74 -8.19
CA ALA B 346 6.11 59.74 -8.93
C ALA B 346 6.97 58.54 -8.55
N ASP B 347 7.12 58.33 -7.24
CA ASP B 347 7.71 57.12 -6.71
C ASP B 347 6.58 56.10 -6.57
N PHE B 348 6.81 54.87 -7.03
CA PHE B 348 5.81 53.82 -6.88
C PHE B 348 5.70 53.47 -5.40
N VAL B 349 6.85 53.50 -4.70
CA VAL B 349 6.93 53.19 -3.29
C VAL B 349 6.07 54.18 -2.50
N GLU B 350 6.11 55.45 -2.93
CA GLU B 350 5.35 56.50 -2.26
C GLU B 350 3.86 56.30 -2.47
N GLY B 351 3.47 55.63 -3.55
CA GLY B 351 2.07 55.27 -3.77
C GLY B 351 1.57 54.22 -2.79
N LEU B 352 2.45 53.25 -2.49
CA LEU B 352 2.13 52.12 -1.64
C LEU B 352 2.00 52.57 -0.19
N THR B 353 2.88 53.48 0.22
CA THR B 353 2.96 53.92 1.60
C THR B 353 1.91 54.98 1.90
N ASN B 354 1.28 55.54 0.87
CA ASN B 354 0.22 56.52 1.04
C ASN B 354 -1.12 55.83 1.23
N HIS B 355 -1.20 54.54 0.86
CA HIS B 355 -2.39 53.74 1.09
C HIS B 355 -1.99 52.46 1.81
N PRO B 356 -1.57 52.56 3.08
CA PRO B 356 -1.05 51.42 3.84
C PRO B 356 -2.14 50.47 4.33
N ASP B 357 -3.30 51.01 4.68
CA ASP B 357 -4.51 50.23 4.86
C ASP B 357 -4.59 49.16 3.77
N ARG B 358 -4.46 49.58 2.50
CA ARG B 358 -4.65 48.72 1.35
C ARG B 358 -3.47 47.76 1.17
N LEU B 359 -2.27 48.20 1.55
CA LEU B 359 -1.06 47.40 1.35
C LEU B 359 -1.01 46.22 2.32
N LEU B 360 -1.33 46.50 3.59
CA LEU B 360 -1.44 45.47 4.60
C LEU B 360 -2.64 44.57 4.28
N GLY B 361 -3.73 45.19 3.83
CA GLY B 361 -4.94 44.46 3.48
C GLY B 361 -4.71 43.44 2.36
N LEU B 362 -3.69 43.68 1.53
CA LEU B 362 -3.47 42.86 0.35
C LEU B 362 -3.05 41.45 0.74
N THR B 363 -2.42 41.26 1.90
CA THR B 363 -2.08 39.92 2.36
C THR B 363 -2.63 39.68 3.75
N GLY B 364 -3.68 40.42 4.11
CA GLY B 364 -4.32 40.29 5.41
C GLY B 364 -3.30 40.33 6.55
N SER B 365 -2.33 41.22 6.43
CA SER B 365 -1.30 41.36 7.43
C SER B 365 -1.54 42.63 8.25
N GLN B 366 -0.73 42.78 9.30
CA GLN B 366 -0.89 43.86 10.24
C GLN B 366 0.31 44.79 10.16
N GLY B 367 1.33 44.44 9.38
CA GLY B 367 2.46 45.32 9.18
C GLY B 367 3.20 44.97 7.89
N ALA B 368 4.10 45.87 7.45
CA ALA B 368 4.81 45.65 6.21
C ALA B 368 6.07 46.51 6.13
N ALA B 369 7.02 46.07 5.30
CA ALA B 369 8.25 46.80 5.06
C ALA B 369 8.57 46.80 3.56
N ILE B 370 9.11 47.93 3.09
CA ILE B 370 9.46 48.11 1.69
C ILE B 370 10.92 48.54 1.59
N CYS B 371 11.82 47.59 1.28
CA CYS B 371 13.20 47.96 1.02
C CYS B 371 13.40 48.05 -0.49
N PHE B 372 13.54 49.28 -0.98
CA PHE B 372 13.84 49.52 -2.38
C PHE B 372 15.17 50.27 -2.48
N GLY B 373 16.15 49.64 -3.13
CA GLY B 373 17.50 50.17 -3.20
C GLY B 373 18.10 50.30 -1.81
N GLU B 374 18.34 51.55 -1.38
CA GLU B 374 18.86 51.82 -0.06
C GLU B 374 17.71 52.01 0.93
N LYS B 375 16.73 52.84 0.55
CA LYS B 375 15.64 53.23 1.44
C LYS B 375 14.88 52.01 1.97
N LEU B 376 14.14 52.20 3.07
CA LEU B 376 13.39 51.14 3.72
C LEU B 376 12.26 51.80 4.51
N ILE B 377 11.03 51.42 4.21
CA ILE B 377 9.85 52.03 4.82
C ILE B 377 9.08 50.99 5.63
N LEU B 378 8.83 51.31 6.92
CA LEU B 378 8.03 50.48 7.79
C LEU B 378 6.60 51.01 7.82
N VAL B 379 5.63 50.07 7.84
CA VAL B 379 4.23 50.41 7.81
C VAL B 379 3.49 49.54 8.84
N GLY B 380 2.58 50.15 9.58
CA GLY B 380 1.72 49.43 10.51
C GLY B 380 2.46 48.99 11.77
N GLU B 381 2.32 47.71 12.11
CA GLU B 381 3.00 47.14 13.25
C GLU B 381 4.15 46.29 12.75
N THR B 382 5.38 46.78 12.94
CA THR B 382 6.59 46.09 12.52
C THR B 382 7.65 46.13 13.62
N PRO B 383 8.66 45.24 13.59
CA PRO B 383 9.81 45.35 14.51
C PRO B 383 10.60 46.65 14.32
N ASP B 384 11.45 46.98 15.30
CA ASP B 384 12.29 48.17 15.23
C ASP B 384 13.24 48.02 14.04
N GLU B 385 13.66 49.16 13.48
CA GLU B 385 14.34 49.17 12.19
C GLU B 385 15.62 48.34 12.26
N LYS B 386 16.29 48.31 13.42
CA LYS B 386 17.53 47.55 13.58
C LYS B 386 17.28 46.07 13.30
N ALA B 387 16.23 45.52 13.93
CA ALA B 387 15.91 44.09 13.86
C ALA B 387 15.42 43.70 12.47
N VAL B 388 14.72 44.65 11.83
CA VAL B 388 14.24 44.51 10.46
C VAL B 388 15.44 44.42 9.52
N GLN B 389 16.37 45.34 9.68
CA GLN B 389 17.53 45.41 8.80
C GLN B 389 18.33 44.11 8.86
N TYR B 390 18.49 43.57 10.09
CA TYR B 390 19.16 42.29 10.29
C TYR B 390 18.39 41.19 9.56
N LEU B 391 17.06 41.30 9.59
CA LEU B 391 16.20 40.31 8.97
C LEU B 391 16.39 40.30 7.45
N LEU B 392 16.33 41.49 6.83
CA LEU B 392 16.53 41.62 5.40
C LEU B 392 17.85 40.98 5.00
N GLN B 393 18.89 41.28 5.80
CA GLN B 393 20.22 40.74 5.61
C GLN B 393 20.10 39.22 5.49
N TRP B 394 19.39 38.61 6.45
CA TRP B 394 19.21 37.17 6.52
C TRP B 394 18.55 36.64 5.26
N LEU B 395 17.57 37.39 4.74
CA LEU B 395 16.78 36.93 3.62
C LEU B 395 17.61 36.88 2.34
N GLU B 396 18.54 37.82 2.18
CA GLU B 396 19.37 37.79 0.98
C GLU B 396 20.36 36.63 1.07
N ASN B 397 20.73 36.23 2.30
CA ASN B 397 21.60 35.08 2.51
C ASN B 397 20.87 33.79 2.14
N ARG B 398 19.55 33.75 2.40
CA ARG B 398 18.73 32.60 2.06
C ARG B 398 18.66 32.45 0.56
N GLU B 399 18.72 33.59 -0.17
CA GLU B 399 18.70 33.57 -1.62
C GLU B 399 17.35 32.99 -2.06
N VAL B 400 16.25 33.58 -1.59
CA VAL B 400 14.93 33.02 -1.85
C VAL B 400 14.56 33.37 -3.29
N GLN B 401 14.07 32.38 -4.05
CA GLN B 401 13.86 32.54 -5.48
C GLN B 401 12.48 33.13 -5.78
N ASP B 402 11.41 32.51 -5.27
CA ASP B 402 10.08 33.01 -5.55
C ASP B 402 9.64 33.91 -4.41
N VAL B 403 9.51 33.31 -3.23
CA VAL B 403 8.82 33.92 -2.11
C VAL B 403 9.21 33.17 -0.85
N PHE B 404 9.24 33.92 0.25
CA PHE B 404 9.41 33.32 1.55
C PHE B 404 8.17 33.64 2.38
N PHE B 405 7.67 32.63 3.09
CA PHE B 405 6.58 32.84 4.01
C PHE B 405 6.60 31.77 5.09
N THR B 406 6.33 32.17 6.34
CA THR B 406 6.24 31.25 7.45
C THR B 406 5.23 31.70 8.49
N SER B 407 4.44 30.73 8.97
CA SER B 407 3.47 30.91 10.02
C SER B 407 4.15 31.12 11.38
N SER B 408 5.36 30.57 11.53
CA SER B 408 6.19 30.77 12.71
C SER B 408 7.64 31.06 12.30
N LEU B 409 7.98 32.36 12.27
CA LEU B 409 9.30 32.84 11.89
C LEU B 409 10.29 32.54 13.00
N SER B 410 9.80 32.52 14.23
CA SER B 410 10.62 32.32 15.41
C SER B 410 11.40 31.02 15.32
N GLN B 411 10.84 30.04 14.59
CA GLN B 411 11.40 28.70 14.54
C GLN B 411 12.62 28.64 13.63
N ILE B 412 12.66 29.50 12.62
CA ILE B 412 13.60 29.41 11.51
C ILE B 412 14.64 30.53 11.60
N TYR B 413 14.20 31.70 12.09
CA TYR B 413 15.09 32.81 12.39
C TYR B 413 14.99 33.06 13.89
N PRO B 414 15.91 32.51 14.70
CA PRO B 414 15.72 32.45 16.15
C PRO B 414 15.58 33.82 16.80
N ASP B 415 16.28 34.84 16.26
CA ASP B 415 16.28 36.18 16.82
C ASP B 415 14.86 36.76 16.86
N ALA B 416 13.95 36.20 16.07
CA ALA B 416 12.60 36.74 15.91
C ALA B 416 11.68 36.35 17.07
N VAL B 417 12.22 35.55 18.00
CA VAL B 417 11.54 35.24 19.24
C VAL B 417 11.28 36.55 20.00
N ASN B 418 12.14 37.55 19.80
CA ASN B 418 12.05 38.79 20.57
C ASN B 418 10.85 39.59 20.13
N PHE B 419 10.57 39.63 18.83
CA PHE B 419 9.45 40.40 18.31
C PHE B 419 8.34 39.46 17.85
N LYS B 420 8.23 38.29 18.51
CA LYS B 420 7.18 37.33 18.23
C LYS B 420 5.83 38.04 18.18
N SER B 421 5.68 39.05 19.04
CA SER B 421 4.41 39.71 19.27
C SER B 421 4.02 40.63 18.11
N VAL B 422 4.94 40.82 17.15
CA VAL B 422 4.73 41.72 16.04
C VAL B 422 4.91 40.96 14.73
N ALA B 423 5.96 40.12 14.66
CA ALA B 423 6.26 39.31 13.50
C ALA B 423 6.62 37.89 13.92
N SER B 424 5.59 37.14 14.32
CA SER B 424 5.70 35.69 14.42
C SER B 424 5.53 35.10 13.03
N GLY B 425 4.65 35.73 12.23
CA GLY B 425 4.45 35.37 10.84
C GLY B 425 5.11 36.40 9.92
N LEU B 426 5.77 35.91 8.86
CA LEU B 426 6.39 36.78 7.88
C LEU B 426 6.21 36.21 6.47
N LEU B 427 5.88 37.09 5.53
CA LEU B 427 5.88 36.80 4.12
C LEU B 427 6.73 37.86 3.44
N ALA B 428 7.80 37.42 2.75
CA ALA B 428 8.71 38.33 2.08
C ALA B 428 8.94 37.88 0.63
N ILE B 429 9.02 38.86 -0.27
CA ILE B 429 9.17 38.63 -1.69
C ILE B 429 10.34 39.47 -2.20
N PRO B 430 11.35 38.86 -2.84
CA PRO B 430 12.49 39.61 -3.35
C PRO B 430 12.14 40.35 -4.63
N ILE B 431 12.00 41.68 -4.52
CA ILE B 431 11.75 42.53 -5.69
C ILE B 431 12.94 42.51 -6.63
N ALA B 432 14.14 42.52 -6.04
CA ALA B 432 15.37 42.41 -6.80
C ALA B 432 16.39 41.65 -5.94
N ARG B 433 17.68 41.77 -6.28
CA ARG B 433 18.74 41.12 -5.52
C ARG B 433 18.65 41.54 -4.04
N HIS B 434 18.42 42.83 -3.78
CA HIS B 434 18.43 43.35 -2.43
C HIS B 434 17.13 44.07 -2.09
N ASN B 435 16.31 44.40 -3.09
CA ASN B 435 15.04 45.06 -2.82
C ASN B 435 13.99 43.98 -2.49
N PHE B 436 13.30 44.15 -1.34
CA PHE B 436 12.37 43.15 -0.85
C PHE B 436 11.12 43.82 -0.28
N LEU B 437 9.99 43.12 -0.36
CA LEU B 437 8.74 43.54 0.26
C LEU B 437 8.38 42.55 1.35
N LEU B 438 7.90 43.04 2.51
CA LEU B 438 7.71 42.19 3.68
C LEU B 438 6.35 42.48 4.29
N TRP B 439 5.69 41.42 4.77
CA TRP B 439 4.49 41.56 5.57
C TRP B 439 4.67 40.81 6.89
N PHE B 440 4.24 41.45 7.97
CA PHE B 440 4.40 40.94 9.32
C PHE B 440 3.04 40.61 9.94
N ARG B 441 2.97 39.50 10.67
CA ARG B 441 1.79 39.15 11.44
C ARG B 441 2.19 38.90 12.89
N PRO B 442 1.38 39.37 13.86
CA PRO B 442 1.65 39.08 15.26
C PRO B 442 1.16 37.67 15.61
N GLU B 443 1.62 37.19 16.76
CA GLU B 443 1.15 35.92 17.29
C GLU B 443 -0.33 36.08 17.56
N VAL B 444 -1.07 34.98 17.57
CA VAL B 444 -2.51 35.06 17.76
C VAL B 444 -2.84 35.79 19.05
N LEU B 445 -3.54 36.93 18.89
CA LEU B 445 -3.94 37.78 20.00
C LEU B 445 -5.47 37.96 20.01
N GLN B 446 -6.15 37.41 19.00
CA GLN B 446 -7.59 37.46 18.90
C GLN B 446 -8.24 36.36 19.73
N THR B 447 -7.42 35.60 20.47
CA THR B 447 -7.87 34.52 21.32
C THR B 447 -8.64 35.06 22.52
N VAL B 448 -8.74 36.39 22.63
CA VAL B 448 -9.41 37.04 23.76
C VAL B 448 -10.84 36.51 23.85
N ASN B 449 -11.32 35.91 22.75
CA ASN B 449 -12.66 35.36 22.66
C ASN B 449 -12.97 34.48 23.87
N TRP B 450 -12.00 33.65 24.30
CA TRP B 450 -12.22 32.80 25.47
C TRP B 450 -11.65 33.45 26.73
N GLY B 451 -12.32 33.22 27.87
CA GLY B 451 -11.95 33.76 29.16
C GLY B 451 -10.49 33.48 29.54
N GLY B 452 -10.02 32.26 29.25
CA GLY B 452 -8.68 31.85 29.61
C GLY B 452 -8.63 31.44 31.09
N ASP B 453 -9.81 31.29 31.70
CA ASP B 453 -9.92 30.92 33.10
C ASP B 453 -9.00 29.75 33.40
N PRO B 454 -8.21 29.80 34.52
CA PRO B 454 -7.39 28.64 34.90
C PRO B 454 -8.25 27.43 35.30
N GLU B 468 -8.07 18.48 36.10
CA GLU B 468 -6.77 18.92 35.53
C GLU B 468 -6.72 18.67 34.03
N LEU B 469 -7.50 17.73 33.46
CA LEU B 469 -7.79 17.80 32.03
C LEU B 469 -9.25 18.20 31.79
N HIS B 470 -9.45 19.52 31.70
CA HIS B 470 -10.74 20.15 31.46
C HIS B 470 -10.54 21.27 30.43
N PRO B 471 -11.63 21.82 29.82
CA PRO B 471 -11.49 22.79 28.74
C PRO B 471 -10.46 23.88 29.00
N ARG B 472 -10.56 24.53 30.16
CA ARG B 472 -9.67 25.61 30.55
C ARG B 472 -8.20 25.16 30.43
N GLN B 473 -7.95 23.88 30.69
CA GLN B 473 -6.62 23.33 30.53
C GLN B 473 -6.28 23.17 29.06
N SER B 474 -7.23 22.60 28.30
CA SER B 474 -7.02 22.40 26.88
C SER B 474 -6.71 23.73 26.21
N PHE B 475 -7.45 24.77 26.59
CA PHE B 475 -7.26 26.11 26.04
C PHE B 475 -5.86 26.61 26.37
N ASP B 476 -5.43 26.41 27.62
CA ASP B 476 -4.11 26.86 28.04
C ASP B 476 -3.03 26.09 27.26
N LEU B 477 -3.30 24.81 26.97
CA LEU B 477 -2.37 24.01 26.21
C LEU B 477 -2.30 24.49 24.76
N TRP B 478 -3.46 24.74 24.16
CA TRP B 478 -3.56 25.31 22.83
C TRP B 478 -2.79 26.62 22.77
N LYS B 479 -2.95 27.46 23.79
CA LYS B 479 -2.28 28.74 23.86
C LYS B 479 -0.78 28.53 23.77
N GLU B 480 -0.26 27.53 24.50
CA GLU B 480 1.16 27.22 24.51
C GLU B 480 1.65 26.88 23.08
N ILE B 481 0.80 26.17 22.33
CA ILE B 481 1.14 25.68 21.00
C ILE B 481 1.22 26.85 20.02
N VAL B 482 0.30 27.81 20.18
CA VAL B 482 0.17 28.92 19.24
C VAL B 482 1.17 30.03 19.58
N ARG B 483 1.91 29.90 20.69
CA ARG B 483 3.02 30.81 20.97
C ARG B 483 3.99 30.82 19.79
N LEU B 484 4.61 31.98 19.55
CA LEU B 484 5.56 32.15 18.45
C LEU B 484 4.91 32.01 17.08
N GLN B 485 3.58 31.97 17.04
CA GLN B 485 2.89 31.47 15.86
C GLN B 485 1.74 32.40 15.48
N SER B 486 1.80 32.87 14.23
CA SER B 486 0.81 33.77 13.66
C SER B 486 -0.32 32.95 13.08
N LEU B 487 -1.27 33.64 12.43
CA LEU B 487 -2.28 32.95 11.63
C LEU B 487 -1.61 32.42 10.37
N PRO B 488 -2.16 31.37 9.72
CA PRO B 488 -1.53 30.77 8.54
C PRO B 488 -1.71 31.65 7.30
N TRP B 489 -0.69 31.66 6.43
CA TRP B 489 -0.73 32.45 5.20
C TRP B 489 -1.60 31.75 4.16
N GLN B 490 -2.79 32.30 3.89
CA GLN B 490 -3.69 31.67 2.94
C GLN B 490 -3.16 31.86 1.52
N SER B 491 -3.48 30.90 0.67
CA SER B 491 -2.92 30.84 -0.67
C SER B 491 -3.26 32.12 -1.40
N VAL B 492 -4.54 32.54 -1.32
CA VAL B 492 -5.00 33.73 -2.02
C VAL B 492 -4.15 34.94 -1.64
N GLU B 493 -3.72 35.00 -0.38
CA GLU B 493 -2.95 36.13 0.13
C GLU B 493 -1.58 36.16 -0.52
N ILE B 494 -0.97 34.98 -0.65
CA ILE B 494 0.38 34.88 -1.17
C ILE B 494 0.36 35.31 -2.64
N GLN B 495 -0.56 34.70 -3.42
CA GLN B 495 -0.67 34.97 -4.84
C GLN B 495 -0.95 36.44 -5.10
N SER B 496 -1.74 37.08 -4.23
CA SER B 496 -2.05 38.49 -4.40
C SER B 496 -0.83 39.36 -4.11
N ALA B 497 0.12 38.86 -3.31
CA ALA B 497 1.37 39.57 -3.06
C ALA B 497 2.34 39.40 -4.22
N LEU B 498 2.39 38.18 -4.78
CA LEU B 498 3.18 37.90 -5.96
C LEU B 498 2.71 38.77 -7.13
N ALA B 499 1.39 38.96 -7.24
CA ALA B 499 0.81 39.79 -8.27
C ALA B 499 1.31 41.21 -8.12
N LEU B 500 1.49 41.68 -6.90
CA LEU B 500 1.98 43.03 -6.67
C LEU B 500 3.46 43.10 -7.02
N LYS B 501 4.22 42.04 -6.68
CA LYS B 501 5.64 42.02 -6.96
C LYS B 501 5.89 42.14 -8.47
N LYS B 502 5.26 41.23 -9.24
CA LYS B 502 5.43 41.18 -10.69
C LYS B 502 4.97 42.50 -11.30
N ALA B 503 3.88 43.08 -10.78
CA ALA B 503 3.37 44.36 -11.27
C ALA B 503 4.40 45.45 -11.06
N ILE B 504 5.02 45.49 -9.88
CA ILE B 504 6.05 46.48 -9.56
C ILE B 504 7.23 46.35 -10.54
N VAL B 505 7.71 45.11 -10.72
CA VAL B 505 8.84 44.85 -11.58
C VAL B 505 8.52 45.39 -12.97
N ASN B 506 7.33 45.08 -13.48
CA ASN B 506 6.95 45.47 -14.82
C ASN B 506 6.87 46.99 -14.92
N LEU B 507 6.34 47.64 -13.88
CA LEU B 507 6.23 49.10 -13.85
C LEU B 507 7.62 49.71 -13.93
N ILE B 508 8.58 49.16 -13.17
CA ILE B 508 9.95 49.67 -13.14
C ILE B 508 10.57 49.52 -14.54
N LEU B 509 10.33 48.37 -15.18
CA LEU B 509 10.88 48.09 -16.50
C LEU B 509 10.32 49.08 -17.52
N ARG B 510 9.00 49.30 -17.48
CA ARG B 510 8.35 50.27 -18.34
C ARG B 510 8.96 51.66 -18.12
N GLN B 511 9.13 52.04 -16.85
CA GLN B 511 9.69 53.34 -16.50
C GLN B 511 11.07 53.51 -17.12
N ALA B 512 11.93 52.48 -17.01
CA ALA B 512 13.25 52.55 -17.62
C ALA B 512 13.10 52.68 -19.14
N GLU B 513 12.23 51.84 -19.71
CA GLU B 513 11.89 51.85 -21.13
C GLU B 513 11.29 53.20 -21.50
N GLU B 514 10.51 53.80 -20.59
CA GLU B 514 9.95 55.12 -20.77
C GLU B 514 11.08 56.14 -20.85
N HIS C 21 18.67 8.38 21.03
CA HIS C 21 18.94 6.94 21.30
C HIS C 21 18.31 6.53 22.64
N THR C 22 18.10 7.48 23.55
CA THR C 22 17.47 7.19 24.84
C THR C 22 15.95 7.24 24.72
N ALA C 23 15.40 6.39 23.84
CA ALA C 23 13.98 6.02 23.84
C ALA C 23 13.82 4.63 24.46
N HIS C 24 14.58 4.34 25.53
CA HIS C 24 14.42 3.10 26.25
C HIS C 24 13.30 3.24 27.30
N LEU C 25 12.09 3.53 26.83
CA LEU C 25 10.90 3.52 27.66
C LEU C 25 10.02 2.36 27.26
N ILE C 26 8.89 2.22 27.98
CA ILE C 26 7.97 1.11 27.77
C ILE C 26 6.63 1.61 27.22
N GLN C 27 6.07 0.85 26.28
CA GLN C 27 4.69 1.03 25.89
C GLN C 27 3.87 0.73 27.14
N PRO C 28 2.84 1.53 27.48
CA PRO C 28 2.32 1.56 28.85
C PRO C 28 1.35 0.45 29.24
N HIS C 29 1.01 -0.42 28.26
CA HIS C 29 0.04 -1.47 28.46
C HIS C 29 0.62 -2.64 29.25
N GLY C 30 1.94 -2.82 29.18
CA GLY C 30 2.59 -3.95 29.82
C GLY C 30 3.62 -3.50 30.86
N LEU C 31 4.02 -4.45 31.70
CA LEU C 31 4.98 -4.19 32.75
C LEU C 31 6.32 -4.81 32.37
N VAL C 32 7.39 -4.10 32.69
CA VAL C 32 8.74 -4.63 32.56
C VAL C 32 9.39 -4.67 33.94
N VAL C 33 9.97 -5.83 34.24
CA VAL C 33 10.57 -6.10 35.51
C VAL C 33 12.00 -6.57 35.25
N VAL C 34 12.91 -6.20 36.14
CA VAL C 34 14.28 -6.65 36.05
C VAL C 34 14.60 -7.45 37.30
N LEU C 35 14.99 -8.70 37.11
CA LEU C 35 15.27 -9.62 38.20
C LEU C 35 16.78 -9.75 38.35
N GLN C 36 17.33 -9.46 39.52
CA GLN C 36 18.73 -9.77 39.76
C GLN C 36 18.86 -11.17 40.38
N GLU C 37 20.07 -11.73 40.26
CA GLU C 37 20.31 -13.14 40.51
C GLU C 37 21.45 -13.27 41.52
N PRO C 38 21.51 -14.35 42.34
CA PRO C 38 20.56 -15.47 42.24
C PRO C 38 19.29 -15.35 43.09
N ASP C 39 19.04 -14.14 43.60
CA ASP C 39 18.01 -13.91 44.62
C ASP C 39 16.66 -13.59 43.98
N LEU C 40 16.62 -13.27 42.68
CA LEU C 40 15.39 -13.21 41.90
C LEU C 40 14.42 -12.17 42.46
N THR C 41 15.00 -11.06 42.96
CA THR C 41 14.27 -9.90 43.42
C THR C 41 14.18 -8.88 42.30
N ILE C 42 13.22 -7.96 42.40
CA ILE C 42 13.00 -6.96 41.37
C ILE C 42 13.96 -5.79 41.57
N SER C 43 14.98 -5.69 40.71
CA SER C 43 15.91 -4.58 40.73
C SER C 43 15.30 -3.37 40.02
N GLN C 44 14.60 -3.64 38.90
CA GLN C 44 13.99 -2.61 38.07
C GLN C 44 12.51 -2.88 37.86
N ILE C 45 11.68 -1.82 37.80
CA ILE C 45 10.28 -2.01 37.47
C ILE C 45 9.77 -0.82 36.68
N SER C 46 8.86 -1.10 35.74
CA SER C 46 8.22 -0.07 34.96
C SER C 46 7.33 0.75 35.88
N ALA C 47 7.16 2.04 35.55
CA ALA C 47 6.52 3.01 36.44
C ALA C 47 5.01 2.88 36.40
N ASN C 48 4.47 2.17 35.40
CA ASN C 48 3.04 1.98 35.24
C ASN C 48 2.52 0.96 36.24
N CYS C 49 3.42 0.32 37.00
CA CYS C 49 3.04 -0.70 37.96
C CYS C 49 2.04 -0.16 39.00
N THR C 50 2.13 1.13 39.33
CA THR C 50 1.21 1.75 40.26
C THR C 50 -0.20 1.65 39.69
N GLY C 51 -0.38 2.12 38.46
CA GLY C 51 -1.68 2.17 37.81
C GLY C 51 -2.28 0.79 37.53
N ILE C 52 -1.40 -0.19 37.24
CA ILE C 52 -1.85 -1.47 36.72
C ILE C 52 -1.95 -2.53 37.81
N LEU C 53 -1.03 -2.48 38.79
CA LEU C 53 -1.03 -3.42 39.91
C LEU C 53 -1.52 -2.76 41.18
N GLY C 54 -1.84 -1.47 41.09
CA GLY C 54 -2.39 -0.75 42.23
C GLY C 54 -1.37 -0.55 43.33
N ARG C 55 -0.13 -1.06 43.15
CA ARG C 55 0.89 -0.83 44.16
C ARG C 55 2.14 -0.24 43.49
N SER C 56 2.84 0.60 44.26
CA SER C 56 3.79 1.56 43.73
C SER C 56 5.10 0.87 43.40
N PRO C 57 6.02 1.55 42.67
CA PRO C 57 7.34 0.97 42.39
C PRO C 57 8.14 0.81 43.68
N GLU C 58 7.99 1.77 44.58
CA GLU C 58 8.71 1.76 45.84
C GLU C 58 8.31 0.50 46.63
N ASP C 59 7.02 0.14 46.56
CA ASP C 59 6.45 -1.01 47.24
C ASP C 59 7.00 -2.31 46.66
N LEU C 60 7.08 -2.34 45.32
CA LEU C 60 7.30 -3.58 44.59
C LEU C 60 8.79 -3.85 44.46
N LEU C 61 9.58 -2.78 44.29
CA LEU C 61 11.04 -2.89 44.21
C LEU C 61 11.54 -3.70 45.38
N GLY C 62 12.28 -4.78 45.10
CA GLY C 62 12.87 -5.61 46.13
C GLY C 62 12.10 -6.90 46.38
N ARG C 63 10.86 -6.97 45.91
CA ARG C 63 10.04 -8.15 46.14
C ARG C 63 10.37 -9.23 45.11
N THR C 64 10.25 -10.48 45.54
CA THR C 64 10.43 -11.59 44.63
C THR C 64 9.17 -11.69 43.78
N LEU C 65 9.33 -12.14 42.53
CA LEU C 65 8.21 -12.09 41.61
C LEU C 65 7.12 -13.02 42.11
N GLY C 66 7.52 -14.19 42.64
CA GLY C 66 6.59 -15.16 43.19
C GLY C 66 5.65 -14.50 44.21
N GLU C 67 6.24 -13.65 45.05
CA GLU C 67 5.48 -12.89 46.04
C GLU C 67 4.49 -11.98 45.32
N VAL C 68 4.94 -11.33 44.25
CA VAL C 68 4.09 -10.37 43.58
C VAL C 68 2.93 -11.08 42.90
N PHE C 69 3.25 -12.14 42.14
CA PHE C 69 2.22 -12.91 41.48
C PHE C 69 2.05 -14.23 42.21
N ASP C 70 1.04 -14.31 43.08
CA ASP C 70 0.80 -15.50 43.87
C ASP C 70 0.88 -16.77 43.02
N SER C 71 0.50 -16.68 41.75
CA SER C 71 0.56 -17.80 40.83
C SER C 71 2.00 -18.08 40.40
N PHE C 72 2.44 -19.33 40.57
CA PHE C 72 3.79 -19.77 40.22
C PHE C 72 4.73 -18.58 40.00
N LEU C 81 19.95 -18.14 35.68
CA LEU C 81 18.96 -18.85 34.82
C LEU C 81 19.60 -19.23 33.49
N THR C 82 19.68 -20.54 33.21
CA THR C 82 20.16 -20.99 31.92
C THR C 82 19.17 -20.55 30.85
N ALA C 83 19.64 -20.46 29.60
CA ALA C 83 18.79 -20.08 28.48
C ALA C 83 17.71 -21.13 28.27
N GLY C 84 18.01 -22.38 28.65
CA GLY C 84 17.01 -23.43 28.65
C GLY C 84 15.87 -23.12 29.62
N GLN C 85 16.23 -22.70 30.83
CA GLN C 85 15.25 -22.38 31.86
C GLN C 85 14.47 -21.14 31.44
N ILE C 86 15.16 -20.18 30.83
CA ILE C 86 14.52 -18.95 30.38
C ILE C 86 13.53 -19.26 29.26
N SER C 87 13.91 -20.17 28.36
CA SER C 87 13.13 -20.44 27.17
C SER C 87 11.95 -21.35 27.48
N SER C 88 12.11 -22.23 28.48
CA SER C 88 11.04 -23.13 28.90
C SER C 88 9.95 -22.35 29.65
N LEU C 89 10.35 -21.29 30.36
CA LEU C 89 9.42 -20.45 31.09
C LEU C 89 8.49 -19.67 30.17
N ASN C 90 8.88 -19.53 28.90
CA ASN C 90 8.16 -18.68 27.96
C ASN C 90 7.11 -19.52 27.24
N PRO C 91 5.82 -19.10 27.23
CA PRO C 91 5.31 -18.08 28.15
C PRO C 91 4.79 -18.70 29.44
N SER C 92 4.70 -17.85 30.47
CA SER C 92 4.15 -18.23 31.76
C SER C 92 2.97 -17.30 32.08
N LYS C 93 1.94 -17.87 32.72
CA LYS C 93 0.73 -17.12 33.05
C LYS C 93 0.72 -16.79 34.54
N LEU C 94 0.85 -15.50 34.85
CA LEU C 94 0.89 -15.00 36.21
C LEU C 94 -0.38 -14.20 36.46
N TRP C 95 -0.97 -14.31 37.65
CA TRP C 95 -2.13 -13.49 37.97
C TRP C 95 -2.08 -13.01 39.42
N ALA C 96 -2.66 -11.82 39.64
CA ALA C 96 -2.63 -11.15 40.93
C ALA C 96 -3.85 -10.23 41.08
N ARG C 97 -4.30 -9.99 42.32
CA ARG C 97 -5.39 -9.08 42.60
C ARG C 97 -5.00 -7.63 42.32
N VAL C 98 -5.95 -6.83 41.81
CA VAL C 98 -5.80 -5.38 41.79
C VAL C 98 -7.02 -4.74 42.46
N MET C 99 -6.78 -4.16 43.65
CA MET C 99 -7.60 -3.13 44.26
C MET C 99 -9.07 -3.55 44.31
N GLY C 100 -9.31 -4.78 44.73
CA GLY C 100 -10.66 -5.31 44.86
C GLY C 100 -10.67 -6.79 44.54
N ASP C 101 -11.78 -7.26 43.95
CA ASP C 101 -11.93 -8.66 43.59
C ASP C 101 -11.20 -8.98 42.28
N ASP C 102 -10.77 -7.95 41.54
CA ASP C 102 -10.30 -8.16 40.19
C ASP C 102 -8.94 -8.84 40.22
N PHE C 103 -8.84 -10.05 39.66
CA PHE C 103 -7.54 -10.61 39.29
C PHE C 103 -7.15 -10.02 37.95
N VAL C 104 -5.86 -9.74 37.77
CA VAL C 104 -5.31 -9.44 36.45
C VAL C 104 -4.42 -10.61 36.05
N ILE C 105 -4.65 -11.12 34.84
CA ILE C 105 -3.83 -12.19 34.28
C ILE C 105 -2.81 -11.58 33.33
N PHE C 106 -1.57 -12.08 33.39
CA PHE C 106 -0.49 -11.61 32.53
C PHE C 106 0.20 -12.77 31.83
N ASP C 107 0.53 -12.55 30.55
CA ASP C 107 1.50 -13.35 29.84
C ASP C 107 2.88 -12.84 30.25
N GLY C 108 3.71 -13.71 30.83
CA GLY C 108 5.08 -13.37 31.20
C GLY C 108 6.09 -13.98 30.24
N VAL C 109 7.15 -13.21 29.91
CA VAL C 109 8.10 -13.60 28.89
C VAL C 109 9.49 -13.07 29.24
N PHE C 110 10.44 -14.00 29.39
CA PHE C 110 11.74 -13.69 29.96
C PHE C 110 12.81 -13.73 28.87
N HIS C 111 13.61 -12.66 28.80
CA HIS C 111 14.73 -12.61 27.86
C HIS C 111 15.92 -12.03 28.61
N ARG C 112 17.12 -12.31 28.13
CA ARG C 112 18.31 -11.81 28.77
C ARG C 112 18.86 -10.65 27.95
N ASN C 113 19.09 -9.51 28.62
CA ASN C 113 19.55 -8.31 27.96
C ASN C 113 20.91 -8.59 27.32
N SER C 114 21.22 -7.90 26.20
CA SER C 114 22.54 -8.01 25.62
C SER C 114 23.61 -7.64 26.66
N ASP C 115 23.27 -6.71 27.56
CA ASP C 115 24.14 -6.38 28.68
C ASP C 115 24.29 -7.57 29.61
N GLY C 116 23.44 -8.59 29.48
CA GLY C 116 23.65 -9.87 30.15
C GLY C 116 22.67 -10.07 31.31
N LEU C 117 21.82 -9.07 31.59
CA LEU C 117 20.91 -9.13 32.73
C LEU C 117 19.58 -9.75 32.29
N LEU C 118 18.76 -10.12 33.28
CA LEU C 118 17.49 -10.80 33.03
C LEU C 118 16.35 -9.79 33.01
N VAL C 119 15.34 -10.04 32.16
CA VAL C 119 14.18 -9.15 32.06
C VAL C 119 12.94 -10.01 31.92
N CYS C 120 11.83 -9.53 32.49
CA CYS C 120 10.53 -10.16 32.36
C CYS C 120 9.50 -9.14 31.89
N GLU C 121 8.70 -9.48 30.87
CA GLU C 121 7.68 -8.58 30.36
C GLU C 121 6.30 -9.18 30.56
N LEU C 122 5.38 -8.36 31.09
CA LEU C 122 4.06 -8.83 31.47
C LEU C 122 3.00 -8.08 30.66
N GLU C 123 2.41 -8.78 29.68
CA GLU C 123 1.31 -8.24 28.90
C GLU C 123 0.02 -8.79 29.49
N PRO C 124 -0.97 -7.95 29.82
CA PRO C 124 -2.25 -8.44 30.33
C PRO C 124 -2.92 -9.33 29.31
N ALA C 125 -3.45 -10.46 29.79
CA ALA C 125 -4.14 -11.42 28.96
C ALA C 125 -5.57 -11.60 29.46
N TYR C 126 -6.39 -12.27 28.65
CA TYR C 126 -7.81 -12.40 28.92
C TYR C 126 -8.09 -13.67 29.69
N THR C 127 -7.47 -14.80 29.30
CA THR C 127 -7.77 -16.08 29.94
C THR C 127 -6.51 -16.62 30.60
N SER C 128 -6.68 -17.50 31.61
CA SER C 128 -5.55 -18.05 32.33
C SER C 128 -4.92 -19.19 31.55
N ASP C 129 -5.73 -20.02 30.89
CA ASP C 129 -5.23 -21.14 30.12
C ASP C 129 -4.67 -20.63 28.80
N ASN C 130 -3.70 -21.39 28.25
CA ASN C 130 -3.05 -21.03 27.00
C ASN C 130 -4.04 -21.22 25.86
N LEU C 131 -3.84 -20.44 24.79
CA LEU C 131 -4.67 -20.52 23.61
C LEU C 131 -3.84 -21.00 22.43
N PRO C 132 -4.09 -22.21 21.89
CA PRO C 132 -3.55 -22.58 20.58
C PRO C 132 -4.40 -21.91 19.53
N PHE C 133 -3.78 -21.17 18.61
CA PHE C 133 -4.51 -20.37 17.65
C PHE C 133 -4.74 -21.19 16.39
N LEU C 134 -5.57 -22.24 16.51
CA LEU C 134 -5.76 -23.13 15.38
C LEU C 134 -6.49 -22.39 14.28
N GLY C 135 -7.48 -21.56 14.62
CA GLY C 135 -8.14 -20.75 13.62
C GLY C 135 -7.13 -20.15 12.63
N PHE C 136 -6.16 -19.43 13.22
CA PHE C 136 -5.09 -18.78 12.48
C PHE C 136 -4.32 -19.83 11.71
N TYR C 137 -3.97 -20.93 12.38
CA TYR C 137 -3.15 -21.96 11.78
C TYR C 137 -3.88 -22.62 10.61
N HIS C 138 -5.20 -22.83 10.75
CA HIS C 138 -5.98 -23.46 9.70
C HIS C 138 -6.08 -22.53 8.50
N MET C 139 -6.21 -21.22 8.74
CA MET C 139 -6.30 -20.25 7.65
C MET C 139 -4.94 -20.11 6.96
N ALA C 140 -3.88 -20.27 7.75
CA ALA C 140 -2.52 -20.14 7.27
C ALA C 140 -2.18 -21.28 6.32
N ARG C 141 -2.49 -22.51 6.75
CA ARG C 141 -2.35 -23.69 5.95
C ARG C 141 -3.04 -23.47 4.60
N ALA C 142 -4.27 -22.95 4.64
CA ALA C 142 -5.08 -22.72 3.47
C ALA C 142 -4.54 -21.57 2.65
N ALA C 143 -3.94 -20.57 3.31
CA ALA C 143 -3.28 -19.49 2.61
C ALA C 143 -2.13 -20.02 1.75
N LEU C 144 -1.35 -20.95 2.32
CA LEU C 144 -0.16 -21.44 1.67
C LEU C 144 -0.52 -22.27 0.45
N ASN C 145 -1.68 -22.93 0.46
CA ASN C 145 -2.13 -23.70 -0.70
C ASN C 145 -2.57 -22.75 -1.81
N ARG C 146 -3.23 -21.66 -1.42
CA ARG C 146 -3.66 -20.66 -2.37
C ARG C 146 -2.43 -20.06 -3.04
N LEU C 147 -1.44 -19.72 -2.20
CA LEU C 147 -0.24 -19.06 -2.64
C LEU C 147 0.49 -19.90 -3.67
N ARG C 148 0.66 -21.20 -3.37
CA ARG C 148 1.46 -22.08 -4.18
C ARG C 148 0.79 -22.33 -5.54
N GLN C 149 -0.51 -22.04 -5.64
CA GLN C 149 -1.26 -22.34 -6.85
C GLN C 149 -1.40 -21.10 -7.73
N GLN C 150 -0.67 -20.03 -7.42
CA GLN C 150 -0.65 -18.81 -8.23
C GLN C 150 0.43 -18.92 -9.32
N ALA C 151 0.10 -18.43 -10.52
CA ALA C 151 1.04 -18.41 -11.64
C ALA C 151 1.87 -17.13 -11.62
N ASN C 152 1.18 -15.99 -11.60
CA ASN C 152 1.72 -14.65 -11.51
C ASN C 152 2.55 -14.43 -10.24
N LEU C 153 3.44 -13.46 -10.26
CA LEU C 153 4.05 -12.98 -9.03
C LEU C 153 3.13 -11.93 -8.39
N ARG C 154 2.47 -11.13 -9.22
CA ARG C 154 1.50 -10.17 -8.73
C ARG C 154 0.44 -10.89 -7.92
N ASP C 155 -0.34 -11.75 -8.59
CA ASP C 155 -1.36 -12.52 -7.92
C ASP C 155 -0.78 -13.08 -6.63
N PHE C 156 0.44 -13.62 -6.72
CA PHE C 156 1.13 -14.23 -5.59
C PHE C 156 1.21 -13.26 -4.40
N TYR C 157 1.80 -12.09 -4.64
CA TYR C 157 1.97 -11.10 -3.58
C TYR C 157 0.62 -10.62 -3.04
N ASP C 158 -0.33 -10.38 -3.95
CA ASP C 158 -1.65 -9.87 -3.60
C ASP C 158 -2.37 -10.84 -2.66
N VAL C 159 -2.02 -12.13 -2.76
CA VAL C 159 -2.65 -13.14 -1.93
C VAL C 159 -2.07 -13.07 -0.53
N ILE C 160 -0.76 -12.84 -0.43
CA ILE C 160 -0.11 -12.77 0.87
C ILE C 160 -0.85 -11.77 1.73
N VAL C 161 -0.94 -10.53 1.24
CA VAL C 161 -1.52 -9.43 2.01
C VAL C 161 -2.98 -9.73 2.35
N GLU C 162 -3.72 -10.25 1.36
CA GLU C 162 -5.13 -10.54 1.53
C GLU C 162 -5.35 -11.52 2.68
N GLU C 163 -4.55 -12.59 2.69
CA GLU C 163 -4.74 -13.69 3.62
C GLU C 163 -4.19 -13.33 5.00
N VAL C 164 -3.09 -12.57 5.02
CA VAL C 164 -2.57 -12.01 6.26
C VAL C 164 -3.65 -11.14 6.88
N ARG C 165 -4.23 -10.25 6.08
CA ARG C 165 -5.24 -9.34 6.59
C ARG C 165 -6.44 -10.13 7.09
N ARG C 166 -6.83 -11.18 6.37
CA ARG C 166 -7.94 -11.98 6.84
C ARG C 166 -7.59 -12.60 8.19
N MET C 167 -6.43 -13.25 8.22
CA MET C 167 -6.00 -14.01 9.39
C MET C 167 -5.87 -13.09 10.60
N THR C 168 -5.37 -11.87 10.36
CA THR C 168 -4.99 -10.96 11.43
C THR C 168 -6.13 -9.99 11.72
N GLY C 169 -6.75 -9.43 10.68
CA GLY C 169 -7.92 -8.58 10.85
C GLY C 169 -7.55 -7.11 10.96
N PHE C 170 -6.33 -6.79 10.52
CA PHE C 170 -5.88 -5.42 10.47
C PHE C 170 -6.73 -4.65 9.46
N ASP C 171 -6.89 -3.36 9.73
CA ASP C 171 -7.59 -2.44 8.86
C ASP C 171 -6.78 -2.31 7.57
N ARG C 172 -5.45 -2.44 7.67
CA ARG C 172 -4.56 -2.43 6.51
C ARG C 172 -3.36 -3.33 6.74
N VAL C 173 -3.05 -4.15 5.72
CA VAL C 173 -1.83 -4.94 5.64
C VAL C 173 -1.18 -4.60 4.30
N MET C 174 0.14 -4.44 4.30
CA MET C 174 0.88 -4.18 3.07
C MET C 174 2.24 -4.87 3.10
N LEU C 175 2.71 -5.12 1.87
CA LEU C 175 3.94 -5.85 1.61
C LEU C 175 4.97 -4.86 1.08
N HIS C 176 6.06 -4.71 1.85
CA HIS C 176 7.18 -3.86 1.48
C HIS C 176 8.36 -4.73 1.06
N ARG C 177 8.87 -4.50 -0.16
CA ARG C 177 10.12 -5.09 -0.60
C ARG C 177 11.14 -3.98 -0.69
N PHE C 178 12.38 -4.28 -0.31
CA PHE C 178 13.47 -3.32 -0.43
C PHE C 178 14.20 -3.55 -1.74
N ASP C 179 14.56 -2.45 -2.40
CA ASP C 179 15.23 -2.51 -3.69
C ASP C 179 16.73 -2.57 -3.42
N GLU C 180 17.50 -2.27 -4.45
CA GLU C 180 18.90 -2.60 -4.46
C GLU C 180 19.68 -1.56 -3.64
N ASN C 181 18.98 -0.53 -3.14
CA ASN C 181 19.57 0.43 -2.20
C ASN C 181 18.83 0.38 -0.86
N ASN C 182 17.85 -0.52 -0.75
CA ASN C 182 17.06 -0.71 0.46
C ASN C 182 15.96 0.34 0.56
N HIS C 183 15.73 1.12 -0.52
CA HIS C 183 14.57 1.98 -0.55
C HIS C 183 13.33 1.09 -0.61
N GLY C 184 12.23 1.53 0.03
CA GLY C 184 11.00 0.76 0.08
C GLY C 184 10.24 0.80 -1.25
N ASP C 185 9.42 -0.24 -1.46
CA ASP C 185 8.48 -0.34 -2.57
C ASP C 185 7.28 -1.12 -2.05
N VAL C 186 6.13 -0.47 -1.94
CA VAL C 186 4.93 -1.13 -1.45
C VAL C 186 4.39 -1.95 -2.63
N ILE C 187 4.69 -3.25 -2.61
CA ILE C 187 4.49 -4.07 -3.80
C ILE C 187 3.10 -4.70 -3.74
N ALA C 188 2.49 -4.77 -2.56
CA ALA C 188 1.13 -5.27 -2.43
C ALA C 188 0.48 -4.66 -1.20
N GLU C 189 -0.86 -4.75 -1.16
CA GLU C 189 -1.64 -4.07 -0.14
C GLU C 189 -3.08 -4.59 -0.12
N ASP C 190 -3.60 -4.76 1.11
CA ASP C 190 -5.02 -4.98 1.36
C ASP C 190 -5.45 -4.04 2.49
N LYS C 191 -6.56 -3.34 2.29
CA LYS C 191 -6.99 -2.26 3.15
C LYS C 191 -8.50 -2.14 3.04
N ARG C 192 -9.10 -1.33 3.92
CA ARG C 192 -10.51 -1.02 3.82
C ARG C 192 -10.74 -0.22 2.54
N ASP C 193 -11.90 -0.42 1.90
CA ASP C 193 -12.21 0.23 0.64
C ASP C 193 -12.00 1.74 0.78
N ASP C 194 -12.28 2.26 1.98
CA ASP C 194 -12.40 3.69 2.25
C ASP C 194 -11.08 4.31 2.71
N MET C 195 -10.05 3.49 2.92
CA MET C 195 -8.76 3.99 3.37
C MET C 195 -7.93 4.40 2.14
N GLU C 196 -6.96 5.29 2.33
CA GLU C 196 -6.16 5.78 1.21
C GLU C 196 -5.14 4.71 0.85
N PRO C 197 -4.89 4.46 -0.45
CA PRO C 197 -3.96 3.41 -0.86
C PRO C 197 -2.52 3.90 -0.77
N TYR C 198 -1.64 3.00 -0.32
CA TYR C 198 -0.21 3.26 -0.25
C TYR C 198 0.53 2.40 -1.27
N LEU C 199 -0.22 1.70 -2.15
CA LEU C 199 0.40 0.78 -3.08
C LEU C 199 1.25 1.55 -4.09
N GLY C 200 2.45 1.05 -4.36
CA GLY C 200 3.36 1.63 -5.35
C GLY C 200 4.21 2.75 -4.77
N LEU C 201 3.92 3.12 -3.51
CA LEU C 201 4.70 4.12 -2.81
C LEU C 201 6.13 3.62 -2.65
N HIS C 202 7.09 4.49 -2.95
CA HIS C 202 8.47 4.17 -2.67
C HIS C 202 9.01 5.12 -1.61
N TYR C 203 9.56 4.57 -0.52
CA TYR C 203 10.09 5.41 0.53
C TYR C 203 11.60 5.28 0.61
N PRO C 204 12.33 6.34 0.99
CA PRO C 204 13.78 6.30 1.11
C PRO C 204 14.23 5.30 2.17
N GLU C 205 15.37 4.66 1.95
CA GLU C 205 15.92 3.72 2.91
C GLU C 205 15.98 4.38 4.30
N SER C 206 16.22 5.70 4.32
CA SER C 206 16.39 6.47 5.54
C SER C 206 15.18 6.38 6.47
N ASP C 207 13.98 6.14 5.91
CA ASP C 207 12.74 6.14 6.68
C ASP C 207 12.70 4.98 7.69
N ILE C 208 13.52 3.95 7.44
CA ILE C 208 13.78 2.90 8.41
C ILE C 208 15.29 2.82 8.60
N PRO C 209 15.85 3.54 9.61
CA PRO C 209 17.29 3.59 9.81
C PRO C 209 17.93 2.21 10.00
N GLN C 210 19.21 2.13 9.58
CA GLN C 210 19.97 0.89 9.56
C GLN C 210 19.93 0.19 10.93
N PRO C 211 19.93 0.86 12.10
CA PRO C 211 19.63 0.20 13.37
C PRO C 211 18.37 -0.67 13.37
N ALA C 212 17.23 -0.05 13.02
CA ALA C 212 15.96 -0.72 13.11
C ALA C 212 15.96 -1.95 12.20
N ARG C 213 16.64 -1.83 11.05
CA ARG C 213 16.80 -2.92 10.11
C ARG C 213 17.63 -4.05 10.72
N ARG C 214 18.83 -3.71 11.18
CA ARG C 214 19.77 -4.70 11.68
C ARG C 214 19.18 -5.36 12.92
N LEU C 215 18.17 -4.71 13.50
CA LEU C 215 17.51 -5.20 14.71
C LEU C 215 16.44 -6.23 14.34
N PHE C 216 15.88 -6.16 13.13
CA PHE C 216 14.79 -7.04 12.72
C PHE C 216 15.28 -8.48 12.56
N ILE C 217 16.58 -8.66 12.35
CA ILE C 217 17.16 -9.98 12.16
C ILE C 217 17.09 -10.75 13.48
N HIS C 218 17.30 -10.05 14.60
CA HIS C 218 17.29 -10.66 15.92
C HIS C 218 15.89 -10.58 16.51
N ASN C 219 15.20 -9.46 16.27
CA ASN C 219 13.85 -9.24 16.76
C ASN C 219 12.89 -9.18 15.56
N PRO C 220 12.26 -10.31 15.16
CA PRO C 220 11.56 -10.41 13.87
C PRO C 220 10.20 -9.75 13.78
N ILE C 221 9.61 -9.44 14.94
CA ILE C 221 8.27 -8.87 14.97
C ILE C 221 8.23 -7.63 15.85
N ARG C 222 7.59 -6.57 15.34
CA ARG C 222 7.43 -5.32 16.05
C ARG C 222 5.96 -5.03 16.21
N VAL C 223 5.52 -4.93 17.45
CA VAL C 223 4.13 -4.64 17.76
C VAL C 223 4.05 -3.33 18.56
N ILE C 224 3.21 -2.41 18.07
CA ILE C 224 2.87 -1.16 18.75
C ILE C 224 1.34 -1.08 18.85
N PRO C 225 0.73 -1.76 19.84
CA PRO C 225 -0.73 -1.91 19.86
C PRO C 225 -1.47 -0.66 20.30
N ASP C 226 -0.76 0.29 20.94
CA ASP C 226 -1.29 1.63 21.16
C ASP C 226 -0.22 2.64 20.75
N VAL C 227 -0.50 3.35 19.65
CA VAL C 227 0.41 4.34 19.11
C VAL C 227 0.34 5.59 19.98
N TYR C 228 -0.84 5.87 20.53
CA TYR C 228 -1.03 7.11 21.28
C TYR C 228 -0.64 6.91 22.74
N GLY C 229 -0.34 5.66 23.11
CA GLY C 229 0.04 5.35 24.48
C GLY C 229 1.29 6.11 24.92
N VAL C 230 1.24 6.71 26.13
CA VAL C 230 2.34 7.50 26.64
C VAL C 230 3.34 6.54 27.29
N ALA C 231 4.59 6.60 26.81
CA ALA C 231 5.65 5.70 27.24
C ALA C 231 6.04 6.00 28.68
N VAL C 232 6.29 4.94 29.45
CA VAL C 232 6.67 5.05 30.85
C VAL C 232 8.10 4.56 31.00
N PRO C 233 8.90 5.14 31.92
CA PRO C 233 10.25 4.66 32.18
C PRO C 233 10.27 3.65 33.32
N LEU C 234 11.45 3.06 33.55
CA LEU C 234 11.60 2.15 34.67
C LEU C 234 11.94 3.01 35.89
N THR C 235 11.24 2.76 37.00
CA THR C 235 11.38 3.61 38.18
C THR C 235 12.79 3.57 38.74
N PRO C 236 13.42 2.39 38.89
CA PRO C 236 14.75 2.35 39.46
C PRO C 236 15.74 2.92 38.47
N ALA C 237 15.29 3.18 37.23
CA ALA C 237 16.09 3.87 36.23
C ALA C 237 17.33 3.06 35.85
N VAL C 238 18.52 3.61 36.10
CA VAL C 238 19.76 2.87 35.93
C VAL C 238 19.69 1.59 36.74
N ASN C 239 19.91 0.46 36.07
CA ASN C 239 19.93 -0.83 36.75
C ASN C 239 20.97 -0.75 37.86
N PRO C 240 20.67 -1.19 39.09
CA PRO C 240 21.64 -1.08 40.19
C PRO C 240 22.98 -1.73 39.86
N SER C 241 22.93 -2.93 39.27
CA SER C 241 24.13 -3.64 38.87
C SER C 241 24.86 -2.88 37.77
N THR C 242 24.14 -2.38 36.77
CA THR C 242 24.78 -1.73 35.64
C THR C 242 25.11 -0.28 35.96
N ASN C 243 24.43 0.31 36.95
CA ASN C 243 24.51 1.74 37.16
C ASN C 243 24.37 2.37 35.79
N ARG C 244 23.42 1.84 35.02
CA ARG C 244 23.23 2.31 33.66
C ARG C 244 21.83 1.90 33.20
N ALA C 245 21.34 2.54 32.15
CA ALA C 245 20.04 2.21 31.60
C ALA C 245 20.04 0.78 31.07
N VAL C 246 18.84 0.26 30.82
CA VAL C 246 18.70 -1.11 30.36
C VAL C 246 18.40 -1.09 28.86
N ASP C 247 19.01 -2.04 28.14
CA ASP C 247 18.76 -2.17 26.72
C ASP C 247 17.47 -2.95 26.51
N LEU C 248 16.40 -2.26 26.14
CA LEU C 248 15.11 -2.93 25.98
C LEU C 248 15.01 -3.56 24.60
N THR C 249 16.12 -3.67 23.90
CA THR C 249 16.13 -4.13 22.52
C THR C 249 15.26 -5.38 22.38
N GLU C 250 15.52 -6.36 23.25
CA GLU C 250 14.84 -7.64 23.14
C GLU C 250 13.39 -7.52 23.57
N SER C 251 13.10 -6.56 24.45
CA SER C 251 11.75 -6.30 24.89
C SER C 251 10.79 -6.08 23.72
N ILE C 252 9.58 -6.61 23.86
CA ILE C 252 8.50 -6.43 22.91
C ILE C 252 7.79 -5.14 23.27
N LEU C 253 7.93 -4.78 24.55
CA LEU C 253 7.26 -3.61 25.08
C LEU C 253 8.11 -2.37 24.89
N ARG C 254 9.29 -2.52 24.27
CA ARG C 254 10.15 -1.39 24.01
C ARG C 254 9.36 -0.33 23.25
N SER C 255 9.36 0.89 23.77
CA SER C 255 8.63 1.96 23.12
C SER C 255 9.43 2.44 21.92
N ALA C 256 8.73 2.75 20.84
CA ALA C 256 9.35 3.17 19.60
C ALA C 256 9.68 4.65 19.69
N TYR C 257 10.65 5.06 18.86
CA TYR C 257 11.17 6.41 18.87
C TYR C 257 10.13 7.38 18.27
N HIS C 258 10.01 8.56 18.90
CA HIS C 258 8.91 9.48 18.66
C HIS C 258 8.81 9.80 17.17
N CYS C 259 9.98 9.84 16.51
CA CYS C 259 10.05 10.04 15.06
C CYS C 259 8.98 9.19 14.38
N HIS C 260 9.02 7.89 14.65
CA HIS C 260 8.23 6.91 13.93
C HIS C 260 6.77 7.00 14.39
N LEU C 261 6.55 7.22 15.70
CA LEU C 261 5.20 7.38 16.21
C LEU C 261 4.50 8.54 15.54
N THR C 262 5.23 9.65 15.38
CA THR C 262 4.74 10.80 14.63
C THR C 262 4.25 10.33 13.26
N TYR C 263 5.14 9.66 12.53
CA TYR C 263 4.86 9.14 11.20
C TYR C 263 3.51 8.40 11.24
N LEU C 264 3.38 7.47 12.19
CA LEU C 264 2.16 6.66 12.33
C LEU C 264 0.96 7.53 12.70
N LYS C 265 1.16 8.48 13.61
CA LYS C 265 0.07 9.30 14.13
C LYS C 265 -0.53 10.12 13.00
N ASN C 266 0.33 10.81 12.22
CA ASN C 266 -0.16 11.73 11.21
C ASN C 266 -0.54 10.93 9.95
N MET C 267 -0.33 9.61 10.01
CA MET C 267 -0.81 8.70 9.00
C MET C 267 -2.18 8.14 9.40
N GLY C 268 -2.55 8.33 10.67
CA GLY C 268 -3.88 8.02 11.15
C GLY C 268 -3.95 6.65 11.82
N VAL C 269 -2.80 6.14 12.23
CA VAL C 269 -2.63 4.76 12.68
C VAL C 269 -2.72 4.72 14.20
N GLY C 270 -3.47 3.73 14.72
CA GLY C 270 -3.64 3.53 16.16
C GLY C 270 -2.90 2.32 16.70
N ALA C 271 -2.62 1.34 15.81
CA ALA C 271 -1.83 0.17 16.17
C ALA C 271 -1.04 -0.32 14.96
N SER C 272 0.22 -0.70 15.19
CA SER C 272 1.05 -1.33 14.17
C SER C 272 1.33 -2.78 14.55
N LEU C 273 1.55 -3.60 13.51
CA LEU C 273 2.32 -4.81 13.59
C LEU C 273 3.25 -4.86 12.38
N THR C 274 4.44 -5.44 12.58
CA THR C 274 5.40 -5.54 11.50
C THR C 274 6.10 -6.89 11.60
N ILE C 275 6.12 -7.60 10.47
CA ILE C 275 6.85 -8.85 10.36
C ILE C 275 8.01 -8.66 9.39
N SER C 276 9.22 -8.93 9.88
CA SER C 276 10.41 -8.89 9.05
C SER C 276 10.39 -10.07 8.07
N LEU C 277 10.94 -9.86 6.87
CA LEU C 277 11.16 -10.93 5.91
C LEU C 277 12.66 -11.02 5.62
N ILE C 278 13.30 -12.07 6.15
CA ILE C 278 14.75 -12.14 6.21
C ILE C 278 15.24 -13.18 5.20
N LYS C 279 16.17 -12.78 4.32
CA LYS C 279 16.83 -13.71 3.42
C LYS C 279 18.31 -13.76 3.75
N ASP C 280 18.80 -14.97 4.07
CA ASP C 280 20.23 -15.18 4.21
C ASP C 280 20.79 -14.17 5.21
N GLY C 281 19.97 -13.73 6.18
CA GLY C 281 20.41 -12.81 7.21
C GLY C 281 20.37 -11.33 6.81
N HIS C 282 19.81 -11.02 5.64
CA HIS C 282 19.59 -9.64 5.23
C HIS C 282 18.10 -9.41 5.09
N LEU C 283 17.61 -8.23 5.51
CA LEU C 283 16.18 -7.94 5.49
C LEU C 283 15.71 -7.68 4.05
N TRP C 284 14.79 -8.54 3.59
CA TRP C 284 14.30 -8.49 2.22
C TRP C 284 13.11 -7.55 2.13
N GLY C 285 12.28 -7.55 3.17
CA GLY C 285 11.03 -6.82 3.11
C GLY C 285 10.23 -6.98 4.39
N LEU C 286 9.04 -6.36 4.43
CA LEU C 286 8.20 -6.34 5.60
C LEU C 286 6.77 -6.71 5.22
N ILE C 287 6.06 -7.24 6.21
CA ILE C 287 4.61 -7.21 6.22
C ILE C 287 4.20 -6.19 7.27
N ALA C 288 3.80 -5.00 6.81
CA ALA C 288 3.49 -3.86 7.67
C ALA C 288 1.98 -3.74 7.83
N CYS C 289 1.53 -3.89 9.08
CA CYS C 289 0.11 -3.92 9.39
C CYS C 289 -0.25 -2.69 10.22
N HIS C 290 -1.38 -2.07 9.85
CA HIS C 290 -1.90 -0.86 10.46
C HIS C 290 -3.32 -1.13 10.91
N HIS C 291 -3.70 -0.55 12.05
CA HIS C 291 -5.08 -0.51 12.50
C HIS C 291 -5.39 0.94 12.88
N GLN C 292 -6.64 1.37 12.64
CA GLN C 292 -7.06 2.72 13.00
C GLN C 292 -7.34 2.79 14.50
N THR C 293 -7.90 1.70 15.05
CA THR C 293 -8.08 1.56 16.48
C THR C 293 -6.91 0.79 17.08
N PRO C 294 -6.64 0.95 18.39
CA PRO C 294 -5.72 0.07 19.10
C PRO C 294 -6.04 -1.40 18.94
N LYS C 295 -5.00 -2.25 18.88
CA LYS C 295 -5.17 -3.67 18.57
C LYS C 295 -3.97 -4.45 19.05
N VAL C 296 -4.19 -5.31 20.06
CA VAL C 296 -3.13 -6.04 20.71
C VAL C 296 -2.90 -7.36 19.98
N ILE C 297 -1.65 -7.86 20.06
CA ILE C 297 -1.31 -9.17 19.52
C ILE C 297 -0.57 -9.96 20.60
N PRO C 298 -1.18 -11.04 21.15
CA PRO C 298 -0.57 -11.84 22.22
C PRO C 298 0.68 -12.62 21.82
N PHE C 299 1.41 -13.12 22.82
CA PHE C 299 2.58 -13.94 22.57
C PHE C 299 2.20 -15.00 21.54
N GLU C 300 1.13 -15.74 21.83
CA GLU C 300 0.77 -16.90 21.05
C GLU C 300 0.65 -16.56 19.57
N LEU C 301 0.05 -15.39 19.28
CA LEU C 301 -0.28 -15.00 17.91
C LEU C 301 0.94 -14.37 17.23
N ARG C 302 1.88 -13.86 18.05
CA ARG C 302 3.14 -13.39 17.50
C ARG C 302 3.95 -14.59 17.06
N LYS C 303 4.01 -15.62 17.90
CA LYS C 303 4.78 -16.81 17.61
C LYS C 303 4.25 -17.45 16.33
N ALA C 304 2.93 -17.47 16.17
CA ALA C 304 2.30 -18.03 14.98
C ALA C 304 2.59 -17.18 13.76
N CYS C 305 2.55 -15.86 13.94
CA CYS C 305 2.87 -14.93 12.87
C CYS C 305 4.33 -15.08 12.45
N GLU C 306 5.21 -15.27 13.43
CA GLU C 306 6.64 -15.40 13.19
C GLU C 306 6.88 -16.58 12.25
N PHE C 307 6.25 -17.71 12.57
CA PHE C 307 6.45 -18.94 11.83
C PHE C 307 5.80 -18.83 10.45
N PHE C 308 4.66 -18.14 10.39
CA PHE C 308 3.93 -17.97 9.14
C PHE C 308 4.76 -17.17 8.14
N GLY C 309 5.33 -16.05 8.61
CA GLY C 309 6.13 -15.16 7.77
C GLY C 309 7.38 -15.83 7.22
N ARG C 310 7.94 -16.76 7.99
CA ARG C 310 9.10 -17.51 7.55
C ARG C 310 8.77 -18.33 6.32
N VAL C 311 7.67 -19.08 6.41
CA VAL C 311 7.25 -19.97 5.35
C VAL C 311 6.73 -19.16 4.17
N VAL C 312 6.00 -18.08 4.46
CA VAL C 312 5.51 -17.21 3.41
C VAL C 312 6.70 -16.67 2.63
N PHE C 313 7.71 -16.17 3.36
CA PHE C 313 8.89 -15.65 2.68
C PHE C 313 9.63 -16.75 1.92
N SER C 314 9.67 -17.96 2.48
CA SER C 314 10.33 -19.07 1.81
C SER C 314 9.76 -19.25 0.41
N ASN C 315 8.43 -19.15 0.28
CA ASN C 315 7.76 -19.29 -1.01
C ASN C 315 7.98 -18.05 -1.88
N ILE C 316 8.10 -16.88 -1.23
CA ILE C 316 8.43 -15.66 -1.92
C ILE C 316 9.77 -15.83 -2.65
N SER C 317 10.79 -16.25 -1.90
CA SER C 317 12.13 -16.34 -2.44
C SER C 317 12.17 -17.43 -3.51
N ALA C 318 11.30 -18.43 -3.38
CA ALA C 318 11.20 -19.47 -4.37
C ALA C 318 10.68 -18.90 -5.68
N GLN C 319 9.54 -18.18 -5.61
CA GLN C 319 8.94 -17.52 -6.77
C GLN C 319 9.93 -16.53 -7.36
N GLU C 320 10.54 -15.69 -6.50
CA GLU C 320 11.45 -14.67 -6.96
C GLU C 320 12.59 -15.31 -7.73
N ASP C 321 13.12 -16.42 -7.19
CA ASP C 321 14.28 -17.08 -7.75
C ASP C 321 13.92 -17.66 -9.11
N THR C 322 12.81 -18.40 -9.19
CA THR C 322 12.44 -19.07 -10.42
C THR C 322 12.20 -18.06 -11.53
N GLU C 323 11.59 -16.92 -11.19
CA GLU C 323 11.31 -15.90 -12.18
C GLU C 323 12.62 -15.35 -12.73
N THR C 324 13.60 -15.17 -11.83
CA THR C 324 14.87 -14.55 -12.22
C THR C 324 15.75 -15.57 -12.96
N PHE C 325 15.42 -16.86 -12.87
CA PHE C 325 16.06 -17.87 -13.70
C PHE C 325 15.37 -17.88 -15.05
N ASP C 326 14.09 -17.49 -15.08
CA ASP C 326 13.37 -17.41 -16.33
C ASP C 326 13.93 -16.25 -17.15
N TYR C 327 14.43 -15.17 -16.51
CA TYR C 327 15.11 -14.12 -17.25
C TYR C 327 16.33 -14.71 -17.95
N ARG C 328 17.08 -15.59 -17.25
CA ARG C 328 18.30 -16.13 -17.79
C ARG C 328 18.00 -16.98 -19.03
N VAL C 329 16.84 -17.62 -19.08
CA VAL C 329 16.47 -18.46 -20.20
C VAL C 329 16.09 -17.58 -21.38
N GLN C 330 15.30 -16.53 -21.10
CA GLN C 330 14.80 -15.64 -22.14
C GLN C 330 15.98 -14.89 -22.76
N LEU C 331 16.95 -14.51 -21.93
CA LEU C 331 18.14 -13.85 -22.40
C LEU C 331 19.00 -14.81 -23.20
N ALA C 332 18.99 -16.09 -22.85
CA ALA C 332 19.66 -17.10 -23.64
C ALA C 332 18.97 -17.22 -25.00
N GLU C 333 17.65 -17.13 -24.98
CA GLU C 333 16.82 -17.24 -26.18
C GLU C 333 17.17 -16.13 -27.15
N HIS C 334 17.23 -14.89 -26.65
CA HIS C 334 17.58 -13.74 -27.47
C HIS C 334 19.01 -13.93 -27.98
N GLU C 335 19.92 -14.32 -27.07
CA GLU C 335 21.33 -14.53 -27.41
C GLU C 335 21.43 -15.50 -28.58
N ALA C 336 20.59 -16.54 -28.61
CA ALA C 336 20.71 -17.60 -29.61
C ALA C 336 20.17 -17.13 -30.96
N VAL C 337 19.02 -16.45 -30.93
CA VAL C 337 18.36 -15.95 -32.13
C VAL C 337 19.22 -14.87 -32.77
N LEU C 338 19.89 -14.07 -31.94
CA LEU C 338 20.75 -12.99 -32.40
C LEU C 338 22.03 -13.57 -33.00
N LEU C 339 22.57 -14.63 -32.40
CA LEU C 339 23.79 -15.25 -32.89
C LEU C 339 23.51 -15.93 -34.23
N ASP C 340 22.30 -16.47 -34.38
CA ASP C 340 21.88 -17.15 -35.59
C ASP C 340 21.72 -16.15 -36.74
N LYS C 341 20.84 -15.17 -36.57
CA LYS C 341 20.44 -14.27 -37.65
C LYS C 341 21.56 -13.27 -37.96
N MET C 342 22.48 -13.07 -37.01
CA MET C 342 23.62 -12.17 -37.19
C MET C 342 24.57 -12.75 -38.24
N THR C 343 24.69 -14.08 -38.26
CA THR C 343 25.55 -14.78 -39.20
C THR C 343 24.80 -15.10 -40.50
N THR C 344 23.46 -15.21 -40.46
CA THR C 344 22.66 -15.51 -41.65
C THR C 344 22.76 -14.36 -42.66
N ALA C 345 22.31 -13.18 -42.25
CA ALA C 345 22.29 -12.01 -43.11
C ALA C 345 23.73 -11.58 -43.42
N ALA C 346 23.97 -11.16 -44.68
CA ALA C 346 25.32 -10.92 -45.18
C ALA C 346 26.07 -9.96 -44.26
N ASP C 347 25.40 -8.86 -43.90
CA ASP C 347 25.86 -7.95 -42.87
C ASP C 347 25.37 -8.51 -41.53
N PHE C 348 26.28 -8.56 -40.56
CA PHE C 348 25.91 -9.01 -39.23
C PHE C 348 24.99 -7.98 -38.58
N VAL C 349 25.26 -6.70 -38.88
CA VAL C 349 24.49 -5.59 -38.36
C VAL C 349 23.05 -5.72 -38.84
N GLU C 350 22.89 -6.13 -40.11
CA GLU C 350 21.57 -6.25 -40.71
C GLU C 350 20.78 -7.38 -40.05
N GLY C 351 21.48 -8.37 -39.50
CA GLY C 351 20.82 -9.42 -38.73
C GLY C 351 20.26 -8.93 -37.41
N LEU C 352 21.02 -8.03 -36.75
CA LEU C 352 20.68 -7.50 -35.45
C LEU C 352 19.48 -6.57 -35.56
N THR C 353 19.46 -5.76 -36.63
CA THR C 353 18.45 -4.74 -36.79
C THR C 353 17.16 -5.34 -37.36
N ASN C 354 17.21 -6.57 -37.85
CA ASN C 354 16.02 -7.25 -38.36
C ASN C 354 15.27 -7.91 -37.21
N HIS C 355 15.94 -8.11 -36.06
CA HIS C 355 15.30 -8.63 -34.87
C HIS C 355 15.60 -7.68 -33.71
N PRO C 356 15.02 -6.46 -33.71
CA PRO C 356 15.33 -5.46 -32.70
C PRO C 356 14.67 -5.70 -31.34
N ASP C 357 13.45 -6.26 -31.38
CA ASP C 357 12.80 -6.83 -30.22
C ASP C 357 13.83 -7.65 -29.44
N ARG C 358 14.53 -8.57 -30.13
CA ARG C 358 15.47 -9.49 -29.52
C ARG C 358 16.73 -8.79 -29.04
N LEU C 359 17.16 -7.73 -29.74
CA LEU C 359 18.39 -7.03 -29.43
C LEU C 359 18.24 -6.19 -28.17
N LEU C 360 17.12 -5.47 -28.04
CA LEU C 360 16.79 -4.74 -26.83
C LEU C 360 16.54 -5.72 -25.69
N GLY C 361 15.86 -6.81 -26.02
CA GLY C 361 15.54 -7.86 -25.06
C GLY C 361 16.79 -8.49 -24.46
N LEU C 362 17.91 -8.43 -25.17
CA LEU C 362 19.12 -9.13 -24.76
C LEU C 362 19.71 -8.50 -23.50
N THR C 363 19.47 -7.20 -23.28
CA THR C 363 19.95 -6.59 -22.05
C THR C 363 18.79 -5.91 -21.34
N GLY C 364 17.57 -6.36 -21.61
CA GLY C 364 16.39 -5.81 -20.98
C GLY C 364 16.37 -4.29 -21.04
N SER C 365 16.75 -3.77 -22.21
CA SER C 365 16.78 -2.33 -22.42
C SER C 365 15.62 -1.90 -23.29
N GLN C 366 15.48 -0.57 -23.43
CA GLN C 366 14.36 0.01 -24.13
C GLN C 366 14.84 0.70 -25.39
N GLY C 367 16.16 0.81 -25.57
CA GLY C 367 16.71 1.37 -26.79
C GLY C 367 18.14 0.87 -27.04
N ALA C 368 18.64 1.11 -28.25
CA ALA C 368 19.98 0.66 -28.60
C ALA C 368 20.54 1.41 -29.80
N ALA C 369 21.87 1.43 -29.91
CA ALA C 369 22.56 2.08 -31.02
C ALA C 369 23.71 1.20 -31.49
N ILE C 370 23.92 1.20 -32.81
CA ILE C 370 24.91 0.36 -33.47
C ILE C 370 25.81 1.24 -34.32
N CYS C 371 27.00 1.60 -33.81
CA CYS C 371 27.97 2.31 -34.63
C CYS C 371 28.99 1.32 -35.17
N PHE C 372 28.87 1.00 -36.45
CA PHE C 372 29.83 0.16 -37.14
C PHE C 372 30.43 0.95 -38.30
N GLY C 373 31.75 1.15 -38.23
CA GLY C 373 32.45 1.93 -39.24
C GLY C 373 31.96 3.37 -39.26
N GLU C 374 31.29 3.75 -40.35
CA GLU C 374 30.73 5.09 -40.51
C GLU C 374 29.31 5.13 -39.94
N LYS C 375 28.49 4.16 -40.37
CA LYS C 375 27.07 4.16 -40.09
C LYS C 375 26.83 4.14 -38.57
N LEU C 376 25.59 4.53 -38.23
CA LEU C 376 25.07 4.48 -36.88
C LEU C 376 23.56 4.24 -36.97
N ILE C 377 23.09 3.19 -36.31
CA ILE C 377 21.69 2.78 -36.39
C ILE C 377 21.06 2.87 -35.00
N LEU C 378 19.96 3.63 -34.92
CA LEU C 378 19.22 3.80 -33.67
C LEU C 378 18.04 2.83 -33.67
N VAL C 379 17.77 2.26 -32.49
CA VAL C 379 16.69 1.30 -32.32
C VAL C 379 15.89 1.66 -31.05
N GLY C 380 14.56 1.60 -31.15
CA GLY C 380 13.68 1.77 -30.01
C GLY C 380 13.63 3.22 -29.54
N GLU C 381 13.85 3.43 -28.24
CA GLU C 381 13.83 4.76 -27.64
C GLU C 381 15.26 5.15 -27.36
N THR C 382 15.79 6.10 -28.16
CA THR C 382 17.17 6.58 -28.01
C THR C 382 17.21 8.10 -28.10
N PRO C 383 18.29 8.77 -27.63
CA PRO C 383 18.46 10.20 -27.86
C PRO C 383 18.62 10.55 -29.35
N ASP C 384 18.48 11.84 -29.71
CA ASP C 384 18.62 12.26 -31.10
C ASP C 384 20.06 12.01 -31.55
N GLU C 385 20.24 11.85 -32.87
CA GLU C 385 21.51 11.43 -33.44
C GLU C 385 22.65 12.35 -33.00
N LYS C 386 22.37 13.66 -32.86
CA LYS C 386 23.39 14.63 -32.52
C LYS C 386 23.99 14.28 -31.14
N ALA C 387 23.11 14.03 -30.17
CA ALA C 387 23.50 13.83 -28.79
C ALA C 387 24.18 12.47 -28.62
N VAL C 388 23.74 11.51 -29.43
CA VAL C 388 24.32 10.17 -29.47
C VAL C 388 25.74 10.27 -30.00
N GLN C 389 25.92 10.99 -31.11
CA GLN C 389 27.22 11.11 -31.74
C GLN C 389 28.23 11.73 -30.77
N TYR C 390 27.79 12.75 -30.03
CA TYR C 390 28.62 13.37 -29.00
C TYR C 390 28.98 12.35 -27.92
N LEU C 391 28.01 11.49 -27.61
CA LEU C 391 28.20 10.46 -26.60
C LEU C 391 29.27 9.46 -27.03
N LEU C 392 29.16 8.94 -28.27
CA LEU C 392 30.14 8.01 -28.80
C LEU C 392 31.52 8.63 -28.71
N GLN C 393 31.62 9.90 -29.09
CA GLN C 393 32.86 10.65 -29.02
C GLN C 393 33.43 10.52 -27.61
N TRP C 394 32.58 10.77 -26.60
CA TRP C 394 32.99 10.68 -25.21
C TRP C 394 33.50 9.29 -24.86
N LEU C 395 32.85 8.26 -25.39
CA LEU C 395 33.20 6.88 -25.06
C LEU C 395 34.58 6.52 -25.58
N GLU C 396 34.93 7.03 -26.77
CA GLU C 396 36.26 6.77 -27.31
C GLU C 396 37.32 7.37 -26.40
N ASN C 397 37.01 8.53 -25.82
CA ASN C 397 37.92 9.21 -24.92
C ASN C 397 38.09 8.39 -23.64
N ARG C 398 37.01 7.77 -23.18
CA ARG C 398 37.05 6.91 -22.01
C ARG C 398 37.91 5.68 -22.29
N GLU C 399 37.90 5.22 -23.55
CA GLU C 399 38.80 4.18 -24.00
C GLU C 399 38.45 2.90 -23.24
N VAL C 400 37.20 2.47 -23.34
CA VAL C 400 36.71 1.35 -22.54
C VAL C 400 37.36 0.07 -23.03
N GLN C 401 37.85 -0.74 -22.08
CA GLN C 401 38.56 -1.96 -22.40
C GLN C 401 37.59 -3.13 -22.49
N ASP C 402 36.78 -3.35 -21.44
CA ASP C 402 35.99 -4.57 -21.34
C ASP C 402 34.55 -4.24 -21.72
N VAL C 403 33.96 -3.38 -20.90
CA VAL C 403 32.56 -3.03 -21.03
C VAL C 403 32.35 -1.73 -20.26
N PHE C 404 31.37 -0.95 -20.70
CA PHE C 404 30.95 0.22 -19.94
C PHE C 404 29.48 0.08 -19.63
N PHE C 405 29.11 0.37 -18.38
CA PHE C 405 27.72 0.35 -17.99
C PHE C 405 27.55 1.22 -16.76
N THR C 406 26.48 2.02 -16.74
CA THR C 406 26.17 2.89 -15.62
C THR C 406 24.66 3.02 -15.44
N SER C 407 24.24 2.93 -14.17
CA SER C 407 22.86 3.07 -13.75
C SER C 407 22.43 4.54 -13.85
N SER C 408 23.38 5.48 -13.68
CA SER C 408 23.11 6.92 -13.83
C SER C 408 24.20 7.60 -14.67
N LEU C 409 23.92 7.77 -15.97
CA LEU C 409 24.88 8.32 -16.91
C LEU C 409 25.05 9.81 -16.69
N SER C 410 23.96 10.43 -16.23
CA SER C 410 23.88 11.86 -16.07
C SER C 410 24.97 12.34 -15.11
N GLN C 411 25.40 11.45 -14.18
CA GLN C 411 26.31 11.93 -13.16
C GLN C 411 27.76 11.63 -13.50
N ILE C 412 28.08 11.18 -14.71
CA ILE C 412 29.49 11.14 -15.14
C ILE C 412 29.65 11.77 -16.50
N TYR C 413 28.59 11.78 -17.33
CA TYR C 413 28.58 12.53 -18.58
C TYR C 413 27.48 13.59 -18.45
N PRO C 414 27.84 14.84 -18.08
CA PRO C 414 26.85 15.84 -17.67
C PRO C 414 25.79 16.15 -18.73
N ASP C 415 26.19 16.13 -20.02
CA ASP C 415 25.29 16.49 -21.10
C ASP C 415 24.08 15.54 -21.15
N ALA C 416 24.18 14.37 -20.50
CA ALA C 416 23.15 13.33 -20.57
C ALA C 416 21.96 13.64 -19.66
N VAL C 417 22.08 14.72 -18.90
CA VAL C 417 20.97 15.22 -18.11
C VAL C 417 19.82 15.57 -19.05
N ASN C 418 20.13 15.95 -20.29
CA ASN C 418 19.12 16.42 -21.22
C ASN C 418 18.25 15.26 -21.68
N PHE C 419 18.85 14.09 -21.91
CA PHE C 419 18.08 12.93 -22.37
C PHE C 419 17.97 11.89 -21.25
N LYS C 420 17.96 12.37 -20.01
CA LYS C 420 17.78 11.53 -18.84
C LYS C 420 16.59 10.60 -19.05
N SER C 421 15.56 11.10 -19.74
CA SER C 421 14.30 10.38 -19.79
C SER C 421 14.33 9.27 -20.83
N VAL C 422 15.45 9.15 -21.54
CA VAL C 422 15.61 8.11 -22.55
C VAL C 422 16.83 7.26 -22.22
N ALA C 423 17.92 7.92 -21.82
CA ALA C 423 19.16 7.25 -21.47
C ALA C 423 19.76 7.86 -20.20
N SER C 424 19.12 7.55 -19.06
CA SER C 424 19.75 7.75 -17.77
C SER C 424 20.71 6.59 -17.49
N GLY C 425 20.32 5.40 -17.98
CA GLY C 425 21.19 4.23 -17.94
C GLY C 425 21.75 3.91 -19.32
N LEU C 426 23.02 3.52 -19.35
CA LEU C 426 23.69 3.14 -20.59
C LEU C 426 24.64 1.98 -20.36
N LEU C 427 24.60 1.01 -21.29
CA LEU C 427 25.56 -0.08 -21.33
C LEU C 427 26.16 -0.17 -22.71
N ALA C 428 27.43 0.18 -22.83
CA ALA C 428 28.11 0.21 -24.13
C ALA C 428 29.37 -0.63 -24.11
N ILE C 429 29.53 -1.43 -25.16
CA ILE C 429 30.62 -2.36 -25.31
C ILE C 429 31.33 -2.06 -26.63
N PRO C 430 32.67 -1.88 -26.60
CA PRO C 430 33.42 -1.55 -27.82
C PRO C 430 33.48 -2.71 -28.81
N ILE C 431 33.14 -2.42 -30.06
CA ILE C 431 33.08 -3.42 -31.12
C ILE C 431 34.43 -3.42 -31.83
N ALA C 432 34.86 -2.22 -32.28
CA ALA C 432 36.15 -2.06 -32.91
C ALA C 432 36.75 -0.71 -32.47
N ARG C 433 37.80 -0.26 -33.14
CA ARG C 433 38.54 0.93 -32.72
C ARG C 433 37.60 2.13 -32.58
N HIS C 434 36.67 2.28 -33.53
CA HIS C 434 35.71 3.37 -33.51
C HIS C 434 34.27 2.86 -33.55
N ASN C 435 34.05 1.55 -33.34
CA ASN C 435 32.73 0.94 -33.47
C ASN C 435 32.26 0.46 -32.08
N PHE C 436 31.00 0.75 -31.72
CA PHE C 436 30.46 0.41 -30.41
C PHE C 436 29.00 -0.01 -30.52
N LEU C 437 28.54 -0.83 -29.56
CA LEU C 437 27.12 -1.12 -29.42
C LEU C 437 26.61 -0.57 -28.11
N LEU C 438 25.39 -0.01 -28.13
CA LEU C 438 24.89 0.76 -26.98
C LEU C 438 23.47 0.31 -26.65
N TRP C 439 23.16 0.27 -25.35
CA TRP C 439 21.80 0.06 -24.89
C TRP C 439 21.43 1.19 -23.92
N PHE C 440 20.21 1.73 -24.10
CA PHE C 440 19.71 2.87 -23.35
C PHE C 440 18.55 2.45 -22.46
N ARG C 441 18.54 2.98 -21.23
CA ARG C 441 17.41 2.81 -20.33
C ARG C 441 16.91 4.18 -19.86
N PRO C 442 15.57 4.37 -19.79
CA PRO C 442 15.02 5.63 -19.31
C PRO C 442 15.01 5.67 -17.79
N GLU C 443 14.74 6.87 -17.26
CA GLU C 443 14.65 7.12 -15.83
C GLU C 443 13.58 6.22 -15.23
N VAL C 444 13.81 5.77 -14.00
CA VAL C 444 12.89 4.88 -13.32
C VAL C 444 11.57 5.60 -13.05
N LEU C 445 11.65 6.88 -12.65
CA LEU C 445 10.49 7.62 -12.17
C LEU C 445 9.33 7.53 -13.16
N GLN C 446 9.69 7.29 -14.44
CA GLN C 446 8.70 7.27 -15.50
C GLN C 446 7.78 6.06 -15.34
N THR C 447 8.25 5.02 -14.65
CA THR C 447 7.56 3.73 -14.55
C THR C 447 6.84 3.60 -13.21
N VAL C 448 6.91 4.65 -12.37
CA VAL C 448 6.32 4.61 -11.03
C VAL C 448 5.29 5.71 -10.93
N ASN C 449 4.12 5.37 -10.38
CA ASN C 449 3.13 6.38 -10.07
C ASN C 449 2.39 5.97 -8.81
N TRP C 450 2.39 6.83 -7.79
CA TRP C 450 1.63 6.59 -6.57
C TRP C 450 0.31 7.36 -6.61
N GLY C 451 -0.50 7.26 -5.54
CA GLY C 451 -1.71 8.05 -5.39
C GLY C 451 -1.42 9.53 -5.20
N GLY C 452 -0.77 10.15 -6.19
CA GLY C 452 -0.35 11.54 -6.08
C GLY C 452 -1.17 12.48 -6.95
N ASP C 453 -2.50 12.34 -6.92
CA ASP C 453 -3.38 13.24 -7.66
C ASP C 453 -3.10 14.69 -7.27
N PRO C 454 -3.02 15.02 -5.95
CA PRO C 454 -2.70 16.38 -5.52
C PRO C 454 -1.30 16.81 -5.93
N ASN C 455 -0.40 15.84 -6.15
CA ASN C 455 0.96 16.13 -6.60
C ASN C 455 0.92 17.19 -7.70
N HIS C 456 -0.09 17.09 -8.60
CA HIS C 456 -0.29 18.07 -9.66
C HIS C 456 -0.42 19.50 -9.12
N ALA C 457 -1.23 19.71 -8.06
CA ALA C 457 -1.48 21.03 -7.51
C ALA C 457 -0.17 21.69 -7.08
N TYR C 458 -0.09 23.02 -7.23
CA TYR C 458 1.12 23.78 -6.88
C TYR C 458 1.42 23.64 -5.38
N GLU C 459 2.57 24.17 -4.94
CA GLU C 459 2.99 24.07 -3.55
C GLU C 459 3.17 25.46 -2.93
N ALA C 460 2.58 26.49 -3.57
CA ALA C 460 2.54 27.83 -2.99
C ALA C 460 2.01 27.74 -1.55
N THR C 461 0.97 26.93 -1.35
CA THR C 461 0.43 26.74 -0.01
C THR C 461 1.48 26.19 0.96
N GLN C 462 2.36 25.29 0.51
CA GLN C 462 3.31 24.63 1.40
C GLN C 462 4.15 25.65 2.14
N GLU C 463 4.12 25.61 3.49
CA GLU C 463 4.81 26.63 4.27
C GLU C 463 6.32 26.44 4.17
N ASP C 464 7.01 27.56 3.98
CA ASP C 464 8.45 27.58 3.79
C ASP C 464 9.11 27.21 5.12
N GLY C 465 10.31 26.63 5.01
CA GLY C 465 11.09 26.22 6.18
C GLY C 465 10.37 25.24 7.11
N LYS C 466 9.46 24.43 6.56
CA LYS C 466 8.75 23.40 7.31
C LYS C 466 8.75 22.11 6.49
N ILE C 467 9.02 20.97 7.13
CA ILE C 467 9.04 19.68 6.45
C ILE C 467 8.30 18.64 7.28
N GLU C 468 7.10 18.26 6.82
CA GLU C 468 6.24 17.30 7.48
C GLU C 468 6.76 15.88 7.25
N LEU C 469 6.38 14.95 8.13
CA LEU C 469 6.72 13.54 8.01
C LEU C 469 5.50 12.71 7.63
N HIS C 470 5.19 12.67 6.32
CA HIS C 470 4.08 11.90 5.78
C HIS C 470 4.57 11.07 4.60
N PRO C 471 3.90 9.94 4.26
CA PRO C 471 4.27 9.15 3.09
C PRO C 471 4.53 9.99 1.83
N ARG C 472 3.63 10.90 1.50
CA ARG C 472 3.80 11.69 0.29
C ARG C 472 5.08 12.51 0.34
N GLN C 473 5.57 12.85 1.55
CA GLN C 473 6.88 13.46 1.70
C GLN C 473 7.97 12.44 1.42
N SER C 474 7.83 11.24 2.00
CA SER C 474 8.81 10.20 1.79
C SER C 474 8.95 9.89 0.30
N PHE C 475 7.81 9.84 -0.39
CA PHE C 475 7.80 9.60 -1.83
C PHE C 475 8.52 10.71 -2.57
N ASP C 476 8.26 11.95 -2.17
CA ASP C 476 8.92 13.09 -2.79
C ASP C 476 10.42 13.03 -2.53
N LEU C 477 10.82 12.54 -1.34
CA LEU C 477 12.23 12.40 -1.00
C LEU C 477 12.89 11.35 -1.88
N TRP C 478 12.21 10.19 -1.95
CA TRP C 478 12.69 9.08 -2.75
C TRP C 478 12.83 9.50 -4.21
N LYS C 479 11.83 10.24 -4.70
CA LYS C 479 11.81 10.75 -6.06
C LYS C 479 13.09 11.53 -6.34
N GLU C 480 13.47 12.37 -5.36
CA GLU C 480 14.63 13.23 -5.54
C GLU C 480 15.90 12.40 -5.66
N ILE C 481 15.94 11.26 -4.96
CA ILE C 481 17.12 10.39 -4.95
C ILE C 481 17.28 9.74 -6.32
N VAL C 482 16.15 9.36 -6.94
CA VAL C 482 16.17 8.45 -8.07
C VAL C 482 16.07 9.22 -9.39
N ARG C 483 16.09 10.55 -9.34
CA ARG C 483 16.18 11.31 -10.58
C ARG C 483 17.48 10.93 -11.29
N LEU C 484 17.47 11.02 -12.62
CA LEU C 484 18.66 10.86 -13.46
C LEU C 484 19.14 9.42 -13.48
N GLN C 485 18.29 8.49 -13.00
CA GLN C 485 18.77 7.16 -12.64
C GLN C 485 17.82 6.11 -13.21
N SER C 486 18.41 5.19 -13.97
CA SER C 486 17.69 4.09 -14.60
C SER C 486 17.59 2.93 -13.60
N LEU C 487 17.03 1.80 -14.07
CA LEU C 487 17.07 0.57 -13.32
C LEU C 487 18.51 0.03 -13.38
N PRO C 488 18.95 -0.78 -12.40
CA PRO C 488 20.34 -1.24 -12.36
C PRO C 488 20.57 -2.35 -13.39
N TRP C 489 21.79 -2.38 -13.95
CA TRP C 489 22.16 -3.36 -14.95
C TRP C 489 22.45 -4.69 -14.27
N GLN C 490 21.56 -5.68 -14.47
CA GLN C 490 21.74 -6.98 -13.84
C GLN C 490 22.90 -7.73 -14.48
N SER C 491 23.55 -8.58 -13.67
CA SER C 491 24.74 -9.27 -14.08
C SER C 491 24.45 -10.07 -15.34
N VAL C 492 23.35 -10.81 -15.32
CA VAL C 492 22.94 -11.67 -16.42
C VAL C 492 22.90 -10.87 -17.72
N GLU C 493 22.44 -9.62 -17.63
CA GLU C 493 22.26 -8.77 -18.80
C GLU C 493 23.61 -8.38 -19.37
N ILE C 494 24.57 -8.09 -18.50
CA ILE C 494 25.88 -7.66 -18.94
C ILE C 494 26.55 -8.81 -19.67
N GLN C 495 26.58 -9.99 -19.03
CA GLN C 495 27.20 -11.17 -19.60
C GLN C 495 26.59 -11.53 -20.95
N SER C 496 25.27 -11.33 -21.10
CA SER C 496 24.58 -11.59 -22.35
C SER C 496 25.04 -10.62 -23.45
N ALA C 497 25.46 -9.41 -23.05
CA ALA C 497 25.96 -8.42 -23.99
C ALA C 497 27.42 -8.72 -24.35
N LEU C 498 28.22 -9.17 -23.37
CA LEU C 498 29.58 -9.62 -23.62
C LEU C 498 29.59 -10.79 -24.59
N ALA C 499 28.60 -11.68 -24.47
CA ALA C 499 28.48 -12.81 -25.37
C ALA C 499 28.29 -12.32 -26.79
N LEU C 500 27.55 -11.22 -26.96
CA LEU C 500 27.37 -10.67 -28.29
C LEU C 500 28.62 -9.93 -28.74
N LYS C 501 29.37 -9.34 -27.80
CA LYS C 501 30.64 -8.69 -28.12
C LYS C 501 31.61 -9.68 -28.77
N LYS C 502 31.87 -10.78 -28.05
CA LYS C 502 32.83 -11.80 -28.47
C LYS C 502 32.35 -12.47 -29.77
N ALA C 503 31.04 -12.60 -29.96
CA ALA C 503 30.47 -13.13 -31.19
C ALA C 503 30.79 -12.21 -32.37
N ILE C 504 30.64 -10.89 -32.14
CA ILE C 504 30.81 -9.91 -33.20
C ILE C 504 32.28 -9.79 -33.59
N VAL C 505 33.18 -9.74 -32.59
CA VAL C 505 34.61 -9.69 -32.85
C VAL C 505 35.01 -10.83 -33.79
N ASN C 506 34.54 -12.04 -33.50
CA ASN C 506 34.78 -13.20 -34.35
C ASN C 506 34.16 -12.98 -35.73
N LEU C 507 32.94 -12.41 -35.76
CA LEU C 507 32.25 -12.10 -37.01
C LEU C 507 33.10 -11.16 -37.86
N ILE C 508 33.73 -10.15 -37.24
CA ILE C 508 34.59 -9.21 -37.92
C ILE C 508 35.82 -9.94 -38.47
N LEU C 509 36.41 -10.83 -37.65
CA LEU C 509 37.62 -11.56 -38.02
C LEU C 509 37.35 -12.42 -39.25
N ARG C 510 36.26 -13.19 -39.19
CA ARG C 510 35.88 -14.08 -40.28
C ARG C 510 35.54 -13.24 -41.50
N GLN C 511 34.82 -12.13 -41.32
CA GLN C 511 34.48 -11.22 -42.39
C GLN C 511 35.76 -10.70 -43.05
N ALA C 512 36.75 -10.34 -42.21
CA ALA C 512 38.04 -9.84 -42.65
C ALA C 512 39.06 -10.97 -42.80
N GLU C 513 38.62 -12.21 -43.06
CA GLU C 513 39.47 -13.39 -43.08
C GLU C 513 40.74 -13.14 -43.89
N GLU C 514 40.57 -12.57 -45.11
CA GLU C 514 41.67 -12.35 -46.02
C GLU C 514 42.22 -10.94 -45.85
N THR D 17 49.06 -46.42 -3.56
CA THR D 17 50.07 -45.88 -2.60
C THR D 17 50.43 -44.45 -3.01
N LEU D 18 49.42 -43.57 -3.09
CA LEU D 18 49.61 -42.19 -3.53
C LEU D 18 49.18 -41.23 -2.44
N ALA D 19 50.17 -40.59 -1.79
CA ALA D 19 49.89 -39.71 -0.65
C ALA D 19 49.07 -38.51 -1.10
N ILE D 20 48.08 -38.12 -0.30
CA ILE D 20 47.18 -37.01 -0.60
C ILE D 20 47.92 -35.69 -0.73
N HIS D 21 48.80 -35.39 0.21
CA HIS D 21 49.46 -34.10 0.21
C HIS D 21 50.01 -33.80 -1.20
N THR D 22 50.28 -34.84 -2.00
CA THR D 22 50.77 -34.66 -3.35
C THR D 22 49.58 -34.61 -4.30
N ALA D 23 48.32 -34.70 -3.81
CA ALA D 23 47.18 -34.56 -4.69
C ALA D 23 46.96 -33.08 -5.00
N HIS D 24 47.99 -32.47 -5.59
CA HIS D 24 47.90 -31.17 -6.21
C HIS D 24 47.93 -31.47 -7.69
N LEU D 25 47.32 -32.59 -8.10
CA LEU D 25 47.35 -33.00 -9.49
C LEU D 25 46.03 -32.64 -10.15
N ILE D 26 45.94 -32.94 -11.45
CA ILE D 26 44.85 -32.48 -12.28
C ILE D 26 44.17 -33.67 -12.92
N GLN D 27 42.83 -33.68 -12.94
CA GLN D 27 42.09 -34.60 -13.76
C GLN D 27 42.59 -34.45 -15.20
N PRO D 28 42.84 -35.55 -15.93
CA PRO D 28 43.71 -35.49 -17.12
C PRO D 28 43.07 -34.97 -18.40
N HIS D 29 41.77 -34.69 -18.36
CA HIS D 29 41.02 -34.26 -19.54
C HIS D 29 41.25 -32.79 -19.87
N GLY D 30 41.63 -31.99 -18.87
CA GLY D 30 41.84 -30.57 -19.04
C GLY D 30 43.29 -30.16 -18.77
N LEU D 31 43.65 -28.97 -19.24
CA LEU D 31 44.98 -28.44 -19.07
C LEU D 31 44.94 -27.34 -18.02
N VAL D 32 46.01 -27.30 -17.20
CA VAL D 32 46.25 -26.18 -16.31
C VAL D 32 47.57 -25.52 -16.70
N VAL D 33 47.51 -24.20 -16.81
CA VAL D 33 48.66 -23.40 -17.19
C VAL D 33 48.83 -22.33 -16.13
N VAL D 34 50.09 -21.99 -15.85
CA VAL D 34 50.39 -20.93 -14.92
C VAL D 34 51.14 -19.85 -15.68
N LEU D 35 50.59 -18.64 -15.66
CA LEU D 35 51.16 -17.51 -16.37
C LEU D 35 51.98 -16.65 -15.42
N GLN D 36 53.25 -16.42 -15.81
CA GLN D 36 54.15 -15.52 -15.11
C GLN D 36 53.71 -14.09 -15.37
N GLU D 37 53.91 -13.23 -14.36
CA GLU D 37 53.59 -11.81 -14.50
C GLU D 37 54.84 -11.01 -14.17
N PRO D 38 55.09 -9.87 -14.85
CA PRO D 38 54.15 -9.30 -15.83
C PRO D 38 54.30 -9.76 -17.29
N ASP D 39 55.07 -10.84 -17.48
CA ASP D 39 55.65 -11.30 -18.73
C ASP D 39 54.65 -12.12 -19.55
N LEU D 40 53.65 -12.70 -18.87
CA LEU D 40 52.55 -13.45 -19.47
C LEU D 40 53.08 -14.64 -20.26
N THR D 41 54.16 -15.25 -19.74
CA THR D 41 54.66 -16.51 -20.26
C THR D 41 54.10 -17.65 -19.40
N ILE D 42 54.15 -18.87 -19.92
CA ILE D 42 53.77 -20.06 -19.16
C ILE D 42 54.93 -20.47 -18.25
N SER D 43 54.76 -20.27 -16.94
CA SER D 43 55.76 -20.67 -15.95
C SER D 43 55.66 -22.17 -15.68
N GLN D 44 54.44 -22.69 -15.61
CA GLN D 44 54.21 -24.11 -15.44
C GLN D 44 53.04 -24.56 -16.29
N ILE D 45 53.04 -25.85 -16.64
CA ILE D 45 51.95 -26.42 -17.41
C ILE D 45 51.72 -27.86 -16.95
N SER D 46 50.45 -28.29 -17.08
CA SER D 46 50.07 -29.67 -16.82
C SER D 46 50.79 -30.57 -17.82
N ALA D 47 51.08 -31.80 -17.38
CA ALA D 47 51.95 -32.70 -18.12
C ALA D 47 51.21 -33.38 -19.27
N ASN D 48 49.88 -33.29 -19.28
CA ASN D 48 49.06 -33.88 -20.33
C ASN D 48 49.10 -33.04 -21.60
N CYS D 49 49.77 -31.88 -21.55
CA CYS D 49 49.84 -30.97 -22.68
C CYS D 49 50.44 -31.66 -23.91
N THR D 50 51.36 -32.61 -23.71
CA THR D 50 51.96 -33.35 -24.82
C THR D 50 50.87 -34.06 -25.59
N GLY D 51 50.07 -34.86 -24.87
CA GLY D 51 49.04 -35.69 -25.45
C GLY D 51 47.90 -34.89 -26.08
N ILE D 52 47.59 -33.72 -25.50
CA ILE D 52 46.38 -33.00 -25.83
C ILE D 52 46.66 -31.87 -26.83
N LEU D 53 47.82 -31.23 -26.72
CA LEU D 53 48.20 -30.15 -27.63
C LEU D 53 49.27 -30.63 -28.62
N GLY D 54 49.70 -31.89 -28.48
CA GLY D 54 50.70 -32.43 -29.37
C GLY D 54 52.06 -31.73 -29.23
N ARG D 55 52.16 -30.82 -28.26
CA ARG D 55 53.41 -30.15 -27.94
C ARG D 55 53.81 -30.53 -26.52
N SER D 56 55.12 -30.68 -26.31
CA SER D 56 55.63 -31.15 -25.02
C SER D 56 55.64 -29.99 -24.02
N PRO D 57 55.82 -30.25 -22.72
CA PRO D 57 55.94 -29.17 -21.74
C PRO D 57 57.19 -28.34 -21.98
N GLU D 58 58.26 -29.02 -22.40
CA GLU D 58 59.53 -28.36 -22.66
C GLU D 58 59.34 -27.35 -23.79
N ASP D 59 58.52 -27.70 -24.78
CA ASP D 59 58.22 -26.87 -25.93
C ASP D 59 57.43 -25.63 -25.52
N LEU D 60 56.45 -25.86 -24.64
CA LEU D 60 55.40 -24.90 -24.36
C LEU D 60 55.85 -23.95 -23.25
N LEU D 61 56.60 -24.47 -22.28
CA LEU D 61 57.10 -23.67 -21.18
C LEU D 61 57.84 -22.46 -21.75
N GLY D 62 57.45 -21.26 -21.33
CA GLY D 62 58.08 -20.03 -21.75
C GLY D 62 57.31 -19.32 -22.88
N ARG D 63 56.34 -19.99 -23.49
CA ARG D 63 55.54 -19.37 -24.54
C ARG D 63 54.41 -18.55 -23.92
N THR D 64 54.05 -17.46 -24.58
CA THR D 64 52.86 -16.72 -24.19
C THR D 64 51.65 -17.50 -24.67
N LEU D 65 50.51 -17.27 -24.02
CA LEU D 65 49.30 -18.04 -24.29
C LEU D 65 48.92 -17.86 -25.77
N GLY D 66 49.04 -16.62 -26.26
CA GLY D 66 48.74 -16.31 -27.64
C GLY D 66 49.50 -17.20 -28.61
N GLU D 67 50.78 -17.43 -28.31
CA GLU D 67 51.66 -18.17 -29.19
C GLU D 67 51.17 -19.59 -29.34
N VAL D 68 50.75 -20.17 -28.22
CA VAL D 68 50.29 -21.56 -28.21
C VAL D 68 48.99 -21.70 -29.01
N PHE D 69 48.06 -20.77 -28.79
CA PHE D 69 46.76 -20.84 -29.43
C PHE D 69 46.69 -19.87 -30.60
N ASP D 70 45.47 -19.51 -30.99
CA ASP D 70 45.24 -18.67 -32.14
C ASP D 70 44.48 -17.41 -31.71
N SER D 71 45.10 -16.25 -31.96
CA SER D 71 44.45 -14.96 -31.74
C SER D 71 43.98 -14.82 -30.30
N PHE D 72 44.88 -15.03 -29.33
CA PHE D 72 44.52 -14.81 -27.93
C PHE D 72 44.59 -13.32 -27.62
N GLN D 73 45.59 -12.62 -28.15
CA GLN D 73 45.69 -11.18 -27.98
C GLN D 73 45.74 -10.84 -26.48
N ILE D 74 46.81 -11.31 -25.82
CA ILE D 74 47.01 -11.07 -24.40
C ILE D 74 47.20 -9.56 -24.19
N ASP D 75 46.38 -8.94 -23.34
CA ASP D 75 46.43 -7.49 -23.17
C ASP D 75 47.62 -7.12 -22.29
N PRO D 76 48.60 -6.33 -22.79
CA PRO D 76 49.87 -6.16 -22.09
C PRO D 76 49.68 -5.39 -20.78
N ILE D 77 50.38 -5.84 -19.73
CA ILE D 77 50.17 -5.31 -18.38
C ILE D 77 51.52 -5.01 -17.73
N GLN D 78 51.57 -3.92 -16.96
CA GLN D 78 52.78 -3.46 -16.30
C GLN D 78 53.19 -4.40 -15.16
N SER D 79 52.21 -4.92 -14.39
CA SER D 79 52.49 -5.58 -13.11
C SER D 79 51.77 -6.92 -13.00
N ARG D 80 50.49 -6.91 -12.59
CA ARG D 80 49.69 -8.11 -12.51
C ARG D 80 48.34 -7.86 -13.19
N LEU D 81 47.63 -8.95 -13.49
CA LEU D 81 46.26 -8.87 -13.97
C LEU D 81 45.32 -8.44 -12.85
N THR D 82 44.62 -7.34 -13.08
CA THR D 82 43.56 -6.89 -12.20
C THR D 82 42.44 -7.93 -12.21
N ALA D 83 41.63 -7.94 -11.15
CA ALA D 83 40.49 -8.83 -11.05
C ALA D 83 39.49 -8.52 -12.15
N GLY D 84 39.43 -7.25 -12.57
CA GLY D 84 38.62 -6.85 -13.70
C GLY D 84 39.06 -7.54 -14.99
N GLN D 85 40.38 -7.54 -15.21
CA GLN D 85 40.97 -8.12 -16.40
C GLN D 85 40.77 -9.64 -16.36
N ILE D 86 40.92 -10.22 -15.17
CA ILE D 86 40.77 -11.65 -15.00
C ILE D 86 39.31 -12.05 -15.24
N SER D 87 38.37 -11.23 -14.76
CA SER D 87 36.97 -11.59 -14.79
C SER D 87 36.36 -11.36 -16.18
N SER D 88 36.93 -10.40 -16.92
CA SER D 88 36.50 -10.13 -18.28
C SER D 88 36.93 -11.25 -19.22
N LEU D 89 38.10 -11.86 -18.94
CA LEU D 89 38.62 -12.95 -19.76
C LEU D 89 37.75 -14.20 -19.64
N ASN D 90 36.98 -14.28 -18.55
CA ASN D 90 36.16 -15.45 -18.26
C ASN D 90 34.80 -15.26 -18.90
N PRO D 91 34.31 -16.25 -19.70
CA PRO D 91 35.15 -17.31 -20.24
C PRO D 91 35.72 -16.91 -21.60
N SER D 92 36.80 -17.59 -21.99
CA SER D 92 37.44 -17.39 -23.28
C SER D 92 37.47 -18.71 -24.03
N LYS D 93 37.25 -18.65 -25.34
CA LYS D 93 37.31 -19.84 -26.18
C LYS D 93 38.57 -19.78 -27.03
N LEU D 94 39.50 -20.71 -26.74
CA LEU D 94 40.78 -20.79 -27.41
C LEU D 94 40.79 -22.03 -28.29
N TRP D 95 41.38 -21.92 -29.47
CA TRP D 95 41.51 -23.09 -30.32
C TRP D 95 42.89 -23.16 -30.95
N ALA D 96 43.44 -24.38 -30.98
CA ALA D 96 44.76 -24.56 -31.55
C ALA D 96 44.74 -25.79 -32.46
N ARG D 97 45.27 -25.58 -33.67
CA ARG D 97 45.34 -26.62 -34.67
C ARG D 97 46.48 -27.52 -34.23
N VAL D 98 46.14 -28.68 -33.65
CA VAL D 98 47.16 -29.56 -33.11
C VAL D 98 46.97 -30.96 -33.68
N MET D 99 48.10 -31.65 -33.80
CA MET D 99 48.18 -33.03 -34.27
C MET D 99 47.35 -33.21 -35.54
N GLY D 100 47.47 -32.24 -36.46
CA GLY D 100 46.72 -32.27 -37.70
C GLY D 100 46.38 -30.87 -38.18
N ASP D 101 45.62 -30.81 -39.28
CA ASP D 101 45.21 -29.58 -39.92
C ASP D 101 43.91 -29.05 -39.29
N ASP D 102 43.47 -29.64 -38.18
CA ASP D 102 42.22 -29.33 -37.51
C ASP D 102 42.49 -28.69 -36.14
N PHE D 103 41.81 -27.58 -35.85
CA PHE D 103 41.91 -26.91 -34.56
C PHE D 103 41.07 -27.65 -33.54
N VAL D 104 41.51 -27.61 -32.27
CA VAL D 104 40.77 -28.16 -31.15
C VAL D 104 40.31 -27.01 -30.26
N ILE D 105 39.05 -27.03 -29.80
CA ILE D 105 38.48 -25.90 -29.07
C ILE D 105 38.58 -26.16 -27.57
N PHE D 106 38.92 -25.11 -26.80
CA PHE D 106 38.98 -25.18 -25.35
C PHE D 106 38.24 -24.03 -24.69
N ASP D 107 37.47 -24.35 -23.64
CA ASP D 107 36.93 -23.34 -22.75
C ASP D 107 38.01 -22.98 -21.75
N GLY D 108 38.39 -21.69 -21.72
CA GLY D 108 39.42 -21.20 -20.83
C GLY D 108 38.82 -20.38 -19.68
N VAL D 109 39.43 -20.50 -18.50
CA VAL D 109 38.91 -19.83 -17.31
C VAL D 109 40.08 -19.46 -16.38
N PHE D 110 40.21 -18.17 -16.09
CA PHE D 110 41.35 -17.61 -15.38
C PHE D 110 40.96 -17.22 -13.96
N HIS D 111 41.76 -17.66 -13.00
CA HIS D 111 41.60 -17.23 -11.61
C HIS D 111 42.98 -16.93 -11.05
N ARG D 112 43.04 -16.14 -9.97
CA ARG D 112 44.26 -16.01 -9.21
C ARG D 112 44.16 -16.85 -7.94
N ASN D 113 45.10 -17.79 -7.78
CA ASN D 113 45.08 -18.74 -6.68
C ASN D 113 45.45 -18.01 -5.41
N SER D 114 45.07 -18.57 -4.25
CA SER D 114 45.49 -18.04 -2.96
C SER D 114 47.01 -17.92 -2.90
N ASP D 115 47.70 -18.85 -3.58
CA ASP D 115 49.14 -18.83 -3.72
C ASP D 115 49.55 -17.55 -4.44
N GLY D 116 48.64 -16.95 -5.23
CA GLY D 116 48.87 -15.62 -5.79
C GLY D 116 49.23 -15.66 -7.29
N LEU D 117 49.38 -16.88 -7.82
CA LEU D 117 49.77 -17.07 -9.22
C LEU D 117 48.52 -16.97 -10.08
N LEU D 118 48.67 -16.41 -11.29
CA LEU D 118 47.62 -16.46 -12.30
C LEU D 118 47.53 -17.87 -12.90
N VAL D 119 46.30 -18.36 -13.06
CA VAL D 119 46.09 -19.74 -13.47
C VAL D 119 45.00 -19.75 -14.53
N CYS D 120 45.21 -20.59 -15.54
CA CYS D 120 44.25 -20.75 -16.62
C CYS D 120 43.92 -22.22 -16.80
N GLU D 121 42.62 -22.57 -16.84
CA GLU D 121 42.22 -23.97 -17.03
C GLU D 121 41.47 -24.14 -18.34
N LEU D 122 41.88 -25.16 -19.10
CA LEU D 122 41.39 -25.38 -20.44
C LEU D 122 40.69 -26.73 -20.52
N GLU D 123 39.36 -26.72 -20.58
CA GLU D 123 38.59 -27.92 -20.86
C GLU D 123 38.26 -27.96 -22.33
N PRO D 124 38.57 -29.06 -23.05
CA PRO D 124 38.28 -29.13 -24.47
C PRO D 124 36.77 -29.02 -24.69
N ALA D 125 36.33 -27.86 -25.20
CA ALA D 125 34.92 -27.70 -25.56
C ALA D 125 34.71 -28.42 -26.89
N TYR D 126 33.51 -28.98 -27.06
CA TYR D 126 33.17 -29.72 -28.27
C TYR D 126 31.98 -29.08 -28.99
N THR D 127 32.04 -29.13 -30.33
CA THR D 127 30.94 -28.74 -31.20
C THR D 127 30.22 -27.52 -30.64
N SER D 128 30.98 -26.44 -30.40
CA SER D 128 30.52 -25.23 -29.76
C SER D 128 29.25 -24.64 -30.38
N ASP D 129 29.06 -24.89 -31.69
CA ASP D 129 27.94 -24.36 -32.43
C ASP D 129 26.58 -24.80 -31.88
N ASN D 130 26.52 -26.03 -31.35
CA ASN D 130 25.29 -26.56 -30.78
C ASN D 130 24.91 -25.76 -29.53
N LEU D 131 23.61 -25.83 -29.20
CA LEU D 131 23.07 -25.22 -27.99
C LEU D 131 22.40 -26.29 -27.12
N PRO D 132 23.15 -27.26 -26.55
CA PRO D 132 22.60 -28.18 -25.57
C PRO D 132 22.25 -27.43 -24.29
N PHE D 133 23.09 -26.47 -23.92
CA PHE D 133 22.75 -25.52 -22.89
C PHE D 133 21.33 -24.97 -23.09
N LEU D 134 20.94 -24.53 -24.30
CA LEU D 134 19.58 -24.03 -24.49
C LEU D 134 18.60 -25.18 -24.27
N GLY D 135 18.90 -26.32 -24.90
CA GLY D 135 18.11 -27.52 -24.67
C GLY D 135 17.89 -27.74 -23.17
N PHE D 136 19.01 -27.73 -22.44
CA PHE D 136 19.04 -27.95 -21.01
C PHE D 136 18.19 -26.88 -20.34
N TYR D 137 18.38 -25.62 -20.75
CA TYR D 137 17.65 -24.51 -20.16
C TYR D 137 16.15 -24.66 -20.40
N HIS D 138 15.74 -25.11 -21.58
CA HIS D 138 14.32 -25.27 -21.87
C HIS D 138 13.72 -26.39 -21.03
N MET D 139 14.48 -27.47 -20.83
CA MET D 139 14.01 -28.60 -20.03
C MET D 139 13.95 -28.21 -18.57
N ALA D 140 14.87 -27.32 -18.17
CA ALA D 140 15.02 -26.87 -16.80
C ALA D 140 13.82 -26.03 -16.42
N ARG D 141 13.50 -25.06 -17.28
CA ARG D 141 12.34 -24.21 -17.13
C ARG D 141 11.11 -25.10 -16.90
N ALA D 142 10.98 -26.13 -17.75
CA ALA D 142 9.85 -27.04 -17.70
C ALA D 142 9.90 -27.89 -16.42
N ALA D 143 11.11 -28.27 -16.00
CA ALA D 143 11.29 -29.02 -14.77
C ALA D 143 10.78 -28.23 -13.56
N LEU D 144 11.07 -26.93 -13.55
CA LEU D 144 10.76 -26.09 -12.41
C LEU D 144 9.25 -26.02 -12.24
N ASN D 145 8.51 -25.95 -13.36
CA ASN D 145 7.06 -25.84 -13.26
C ASN D 145 6.43 -27.17 -12.89
N ARG D 146 7.05 -28.27 -13.31
CA ARG D 146 6.62 -29.59 -12.89
C ARG D 146 6.74 -29.64 -11.38
N LEU D 147 7.93 -29.29 -10.86
CA LEU D 147 8.17 -29.31 -9.43
C LEU D 147 7.06 -28.56 -8.68
N ARG D 148 6.73 -27.37 -9.20
CA ARG D 148 5.85 -26.44 -8.53
C ARG D 148 4.42 -26.97 -8.51
N GLN D 149 4.12 -27.92 -9.42
CA GLN D 149 2.76 -28.40 -9.57
C GLN D 149 2.54 -29.72 -8.83
N GLN D 150 3.52 -30.12 -8.02
CA GLN D 150 3.44 -31.33 -7.24
C GLN D 150 2.81 -31.05 -5.88
N ALA D 151 1.99 -31.99 -5.41
CA ALA D 151 1.31 -31.86 -4.11
C ALA D 151 2.21 -32.40 -3.00
N ASN D 152 2.65 -33.66 -3.13
CA ASN D 152 3.45 -34.29 -2.09
C ASN D 152 4.87 -33.76 -2.15
N LEU D 153 5.52 -33.69 -0.99
CA LEU D 153 6.95 -33.39 -0.95
C LEU D 153 7.75 -34.55 -1.55
N ARG D 154 7.26 -35.78 -1.34
CA ARG D 154 7.85 -36.95 -1.98
C ARG D 154 7.80 -36.77 -3.49
N ASP D 155 6.59 -36.69 -4.04
CA ASP D 155 6.39 -36.42 -5.46
C ASP D 155 7.40 -35.35 -5.90
N PHE D 156 7.49 -34.29 -5.11
CA PHE D 156 8.34 -33.14 -5.39
C PHE D 156 9.79 -33.59 -5.58
N TYR D 157 10.34 -34.27 -4.57
CA TYR D 157 11.72 -34.71 -4.59
C TYR D 157 11.97 -35.67 -5.76
N ASP D 158 11.03 -36.61 -5.94
CA ASP D 158 11.15 -37.66 -6.93
C ASP D 158 11.21 -37.03 -8.34
N VAL D 159 10.62 -35.84 -8.49
CA VAL D 159 10.62 -35.16 -9.77
C VAL D 159 11.97 -34.51 -10.02
N ILE D 160 12.58 -33.97 -8.97
CA ILE D 160 13.87 -33.33 -9.12
C ILE D 160 14.82 -34.31 -9.79
N VAL D 161 14.99 -35.47 -9.15
CA VAL D 161 15.94 -36.47 -9.60
C VAL D 161 15.60 -36.93 -11.01
N GLU D 162 14.31 -37.18 -11.28
CA GLU D 162 13.85 -37.66 -12.57
C GLU D 162 14.25 -36.70 -13.69
N GLU D 163 14.01 -35.39 -13.46
CA GLU D 163 14.19 -34.36 -14.47
C GLU D 163 15.67 -34.04 -14.64
N VAL D 164 16.41 -34.04 -13.53
CA VAL D 164 17.85 -33.89 -13.56
C VAL D 164 18.44 -35.02 -14.39
N ARG D 165 18.01 -36.24 -14.09
CA ARG D 165 18.52 -37.40 -14.82
C ARG D 165 18.16 -37.29 -16.29
N ARG D 166 16.94 -36.84 -16.61
CA ARG D 166 16.60 -36.67 -18.01
C ARG D 166 17.54 -35.64 -18.64
N MET D 167 17.64 -34.48 -17.99
CA MET D 167 18.37 -33.35 -18.50
C MET D 167 19.84 -33.72 -18.71
N THR D 168 20.38 -34.51 -17.77
CA THR D 168 21.81 -34.80 -17.73
C THR D 168 22.10 -36.13 -18.44
N GLY D 169 21.33 -37.16 -18.14
CA GLY D 169 21.48 -38.44 -18.79
C GLY D 169 22.40 -39.37 -18.01
N PHE D 170 22.61 -39.03 -16.74
CA PHE D 170 23.38 -39.89 -15.85
C PHE D 170 22.64 -41.22 -15.67
N ASP D 171 23.43 -42.28 -15.46
CA ASP D 171 22.93 -43.62 -15.19
C ASP D 171 22.17 -43.59 -13.86
N ARG D 172 22.65 -42.74 -12.94
CA ARG D 172 21.97 -42.55 -11.66
C ARG D 172 22.10 -41.10 -11.21
N VAL D 173 20.95 -40.55 -10.76
CA VAL D 173 20.88 -39.28 -10.06
C VAL D 173 20.16 -39.54 -8.74
N MET D 174 20.67 -38.93 -7.65
CA MET D 174 20.04 -39.09 -6.34
C MET D 174 20.16 -37.80 -5.54
N LEU D 175 19.20 -37.68 -4.62
CA LEU D 175 19.06 -36.53 -3.76
C LEU D 175 19.42 -36.94 -2.33
N HIS D 176 20.48 -36.29 -1.82
CA HIS D 176 20.94 -36.49 -0.46
C HIS D 176 20.56 -35.29 0.40
N ARG D 177 19.85 -35.55 1.51
CA ARG D 177 19.64 -34.55 2.53
C ARG D 177 20.46 -34.94 3.76
N PHE D 178 21.03 -33.94 4.42
CA PHE D 178 21.74 -34.16 5.66
C PHE D 178 20.80 -33.91 6.83
N ASP D 179 20.90 -34.78 7.84
CA ASP D 179 20.09 -34.68 9.04
C ASP D 179 20.83 -33.77 10.02
N GLU D 180 20.39 -33.80 11.28
CA GLU D 180 20.73 -32.73 12.20
C GLU D 180 22.15 -32.96 12.72
N ASN D 181 22.75 -34.11 12.34
CA ASN D 181 24.16 -34.39 12.65
C ASN D 181 24.97 -34.47 11.37
N ASN D 182 24.32 -34.21 10.23
CA ASN D 182 24.93 -34.17 8.91
C ASN D 182 25.09 -35.57 8.35
N HIS D 183 24.50 -36.58 8.99
CA HIS D 183 24.49 -37.91 8.40
C HIS D 183 23.61 -37.85 7.15
N GLY D 184 23.99 -38.60 6.11
CA GLY D 184 23.30 -38.61 4.84
C GLY D 184 21.99 -39.40 4.92
N ASP D 185 21.07 -39.09 4.00
CA ASP D 185 19.82 -39.79 3.81
C ASP D 185 19.45 -39.64 2.35
N VAL D 186 19.46 -40.75 1.60
CA VAL D 186 19.12 -40.70 0.19
C VAL D 186 17.60 -40.63 0.10
N ILE D 187 17.09 -39.41 -0.11
CA ILE D 187 15.67 -39.15 0.06
C ILE D 187 14.95 -39.34 -1.26
N ALA D 188 15.70 -39.28 -2.38
CA ALA D 188 15.11 -39.54 -3.69
C ALA D 188 16.19 -40.05 -4.63
N GLU D 189 15.75 -40.67 -5.74
CA GLU D 189 16.66 -41.38 -6.63
C GLU D 189 15.97 -41.74 -7.94
N ASP D 190 16.72 -41.58 -9.05
CA ASP D 190 16.37 -42.12 -10.34
C ASP D 190 17.61 -42.82 -10.90
N LYS D 191 17.40 -44.03 -11.43
CA LYS D 191 18.48 -44.92 -11.80
C LYS D 191 17.96 -45.87 -12.88
N ARG D 192 18.88 -46.61 -13.51
CA ARG D 192 18.50 -47.65 -14.45
C ARG D 192 17.76 -48.73 -13.68
N ASP D 193 16.79 -49.36 -14.34
CA ASP D 193 15.94 -50.35 -13.69
C ASP D 193 16.82 -51.43 -13.06
N ASP D 194 17.97 -51.72 -13.70
CA ASP D 194 18.78 -52.89 -13.35
C ASP D 194 19.86 -52.59 -12.30
N MET D 195 20.01 -51.31 -11.95
CA MET D 195 21.03 -50.88 -11.00
C MET D 195 20.47 -51.04 -9.59
N GLU D 196 21.37 -51.19 -8.60
CA GLU D 196 20.91 -51.42 -7.25
C GLU D 196 20.43 -50.09 -6.67
N PRO D 197 19.31 -50.08 -5.91
CA PRO D 197 18.78 -48.84 -5.37
C PRO D 197 19.57 -48.46 -4.12
N TYR D 198 19.83 -47.15 -4.00
CA TYR D 198 20.46 -46.59 -2.82
C TYR D 198 19.45 -45.77 -2.04
N LEU D 199 18.17 -45.83 -2.45
CA LEU D 199 17.14 -45.03 -1.81
C LEU D 199 16.93 -45.48 -0.36
N GLY D 200 16.84 -44.51 0.54
CA GLY D 200 16.56 -44.77 1.94
C GLY D 200 17.84 -44.97 2.75
N LEU D 201 18.95 -45.25 2.04
CA LEU D 201 20.24 -45.49 2.66
C LEU D 201 20.67 -44.26 3.45
N HIS D 202 21.09 -44.47 4.71
CA HIS D 202 21.70 -43.41 5.48
C HIS D 202 23.19 -43.69 5.68
N TYR D 203 24.02 -42.69 5.35
CA TYR D 203 25.45 -42.82 5.52
C TYR D 203 25.97 -41.88 6.61
N PRO D 204 27.10 -42.20 7.28
CA PRO D 204 27.65 -41.33 8.32
C PRO D 204 28.13 -39.98 7.77
N GLU D 205 28.07 -38.96 8.63
CA GLU D 205 28.58 -37.66 8.26
C GLU D 205 30.04 -37.76 7.80
N SER D 206 30.78 -38.68 8.44
CA SER D 206 32.21 -38.83 8.23
C SER D 206 32.57 -39.12 6.78
N ASP D 207 31.64 -39.75 6.03
CA ASP D 207 31.87 -40.18 4.66
C ASP D 207 32.11 -39.00 3.73
N ILE D 208 31.65 -37.81 4.15
CA ILE D 208 31.98 -36.56 3.48
C ILE D 208 32.56 -35.63 4.54
N PRO D 209 33.90 -35.60 4.69
CA PRO D 209 34.56 -34.80 5.73
C PRO D 209 34.19 -33.32 5.69
N GLN D 210 34.20 -32.72 6.89
CA GLN D 210 33.77 -31.35 7.11
C GLN D 210 34.49 -30.37 6.17
N PRO D 211 35.79 -30.54 5.85
CA PRO D 211 36.42 -29.77 4.77
C PRO D 211 35.69 -29.78 3.44
N ALA D 212 35.41 -30.98 2.93
CA ALA D 212 34.80 -31.12 1.61
C ALA D 212 33.48 -30.37 1.58
N ARG D 213 32.74 -30.40 2.70
CA ARG D 213 31.49 -29.67 2.80
C ARG D 213 31.74 -28.17 2.80
N ARG D 214 32.60 -27.71 3.72
CA ARG D 214 32.83 -26.27 3.88
C ARG D 214 33.41 -25.71 2.58
N LEU D 215 33.89 -26.62 1.73
CA LEU D 215 34.46 -26.27 0.44
C LEU D 215 33.37 -26.17 -0.63
N PHE D 216 32.22 -26.82 -0.40
CA PHE D 216 31.09 -26.74 -1.33
C PHE D 216 30.50 -25.33 -1.38
N ILE D 217 30.76 -24.54 -0.34
CA ILE D 217 30.30 -23.17 -0.24
C ILE D 217 31.02 -22.32 -1.28
N HIS D 218 32.31 -22.57 -1.48
CA HIS D 218 33.12 -21.80 -2.41
C HIS D 218 33.07 -22.47 -3.79
N ASN D 219 33.08 -23.81 -3.79
CA ASN D 219 33.06 -24.58 -5.02
C ASN D 219 31.76 -25.38 -5.05
N PRO D 220 30.67 -24.88 -5.69
CA PRO D 220 29.34 -25.49 -5.57
C PRO D 220 29.11 -26.78 -6.37
N ILE D 221 30.01 -27.04 -7.32
CA ILE D 221 29.91 -28.23 -8.14
C ILE D 221 31.22 -29.01 -8.12
N ARG D 222 31.11 -30.33 -7.99
CA ARG D 222 32.25 -31.22 -8.05
C ARG D 222 32.04 -32.18 -9.21
N VAL D 223 32.98 -32.13 -10.16
CA VAL D 223 32.86 -32.94 -11.35
C VAL D 223 34.12 -33.81 -11.47
N ILE D 224 33.87 -35.12 -11.60
CA ILE D 224 34.91 -36.11 -11.84
C ILE D 224 34.49 -36.95 -13.05
N PRO D 225 34.69 -36.45 -14.29
CA PRO D 225 34.11 -37.11 -15.46
C PRO D 225 34.87 -38.36 -15.90
N ASP D 226 36.11 -38.53 -15.41
CA ASP D 226 36.77 -39.83 -15.48
C ASP D 226 37.34 -40.18 -14.12
N VAL D 227 36.73 -41.20 -13.47
CA VAL D 227 37.13 -41.65 -12.16
C VAL D 227 38.44 -42.44 -12.30
N TYR D 228 38.59 -43.16 -13.40
CA TYR D 228 39.73 -44.03 -13.56
C TYR D 228 40.88 -43.27 -14.20
N GLY D 229 40.62 -42.03 -14.61
CA GLY D 229 41.63 -41.18 -15.23
C GLY D 229 42.81 -40.92 -14.30
N VAL D 230 44.00 -41.01 -14.89
CA VAL D 230 45.23 -40.84 -14.14
C VAL D 230 45.52 -39.35 -14.02
N ALA D 231 45.66 -38.89 -12.77
CA ALA D 231 45.85 -37.47 -12.49
C ALA D 231 47.26 -37.09 -12.92
N VAL D 232 47.42 -35.91 -13.52
CA VAL D 232 48.71 -35.45 -14.03
C VAL D 232 49.13 -34.24 -13.19
N PRO D 233 50.44 -34.06 -12.94
CA PRO D 233 50.93 -32.87 -12.23
C PRO D 233 51.28 -31.74 -13.20
N LEU D 234 51.69 -30.60 -12.64
CA LEU D 234 52.32 -29.58 -13.45
C LEU D 234 53.81 -29.86 -13.52
N THR D 235 54.43 -29.44 -14.63
CA THR D 235 55.87 -29.46 -14.75
C THR D 235 56.32 -28.06 -15.16
N PRO D 236 57.27 -27.44 -14.43
CA PRO D 236 57.85 -28.03 -13.23
C PRO D 236 56.76 -28.02 -12.16
N ALA D 237 56.94 -28.87 -11.14
CA ALA D 237 55.96 -28.99 -10.08
C ALA D 237 55.97 -27.74 -9.20
N VAL D 238 57.15 -27.12 -9.08
CA VAL D 238 57.30 -26.00 -8.17
C VAL D 238 57.25 -24.70 -8.96
N ASN D 239 56.26 -23.87 -8.63
CA ASN D 239 56.19 -22.55 -9.25
C ASN D 239 57.46 -21.83 -8.85
N PRO D 240 58.21 -21.24 -9.79
CA PRO D 240 59.51 -20.67 -9.46
C PRO D 240 59.38 -19.57 -8.42
N SER D 241 58.35 -18.72 -8.55
CA SER D 241 58.19 -17.58 -7.66
C SER D 241 57.92 -18.04 -6.22
N THR D 242 57.00 -18.98 -6.07
CA THR D 242 56.65 -19.45 -4.73
C THR D 242 57.60 -20.54 -4.26
N ASN D 243 58.29 -21.19 -5.19
CA ASN D 243 59.11 -22.34 -4.85
C ASN D 243 58.22 -23.28 -4.07
N ARG D 244 56.95 -23.30 -4.45
CA ARG D 244 55.97 -24.12 -3.75
C ARG D 244 54.90 -24.53 -4.75
N ALA D 245 54.36 -25.73 -4.61
CA ALA D 245 53.38 -26.23 -5.57
C ALA D 245 52.11 -25.38 -5.49
N VAL D 246 51.30 -25.44 -6.55
CA VAL D 246 50.18 -24.53 -6.70
C VAL D 246 48.95 -25.09 -5.99
N ASP D 247 48.12 -24.18 -5.49
CA ASP D 247 46.87 -24.54 -4.85
C ASP D 247 45.81 -24.56 -5.93
N LEU D 248 45.16 -25.70 -6.12
CA LEU D 248 44.18 -25.85 -7.19
C LEU D 248 42.77 -25.71 -6.63
N THR D 249 42.64 -25.17 -5.41
CA THR D 249 41.34 -25.12 -4.77
C THR D 249 40.31 -24.54 -5.74
N GLU D 250 40.75 -23.53 -6.49
CA GLU D 250 39.85 -22.79 -7.36
C GLU D 250 39.47 -23.62 -8.58
N SER D 251 40.37 -24.53 -8.98
CA SER D 251 40.18 -25.28 -10.21
C SER D 251 39.06 -26.33 -10.09
N ILE D 252 38.42 -26.60 -11.23
CA ILE D 252 37.44 -27.66 -11.31
C ILE D 252 38.16 -28.94 -11.68
N LEU D 253 39.37 -28.77 -12.21
CA LEU D 253 40.25 -29.86 -12.60
C LEU D 253 41.07 -30.36 -11.41
N ARG D 254 40.85 -29.79 -10.21
CA ARG D 254 41.43 -30.36 -9.01
C ARG D 254 41.03 -31.83 -8.91
N SER D 255 42.02 -32.72 -8.82
CA SER D 255 41.74 -34.15 -8.77
C SER D 255 41.29 -34.52 -7.37
N ALA D 256 40.32 -35.43 -7.30
CA ALA D 256 39.69 -35.80 -6.04
C ALA D 256 40.53 -36.86 -5.35
N TYR D 257 40.36 -36.98 -4.03
CA TYR D 257 41.24 -37.81 -3.22
C TYR D 257 40.86 -39.28 -3.36
N HIS D 258 41.91 -40.12 -3.47
CA HIS D 258 41.83 -41.54 -3.72
C HIS D 258 40.82 -42.20 -2.77
N CYS D 259 40.70 -41.72 -1.53
CA CYS D 259 39.74 -42.31 -0.61
C CYS D 259 38.38 -42.44 -1.30
N HIS D 260 37.92 -41.30 -1.82
CA HIS D 260 36.57 -41.20 -2.35
C HIS D 260 36.50 -41.92 -3.70
N LEU D 261 37.56 -41.81 -4.51
CA LEU D 261 37.61 -42.48 -5.81
C LEU D 261 37.47 -43.99 -5.61
N THR D 262 38.16 -44.54 -4.60
CA THR D 262 38.00 -45.92 -4.21
C THR D 262 36.51 -46.24 -4.02
N TYR D 263 35.87 -45.43 -3.15
CA TYR D 263 34.47 -45.59 -2.84
C TYR D 263 33.68 -45.68 -4.14
N LEU D 264 33.90 -44.72 -5.06
CA LEU D 264 33.23 -44.66 -6.35
C LEU D 264 33.56 -45.89 -7.18
N LYS D 265 34.84 -46.29 -7.21
CA LYS D 265 35.29 -47.35 -8.08
C LYS D 265 34.61 -48.66 -7.70
N ASN D 266 34.62 -48.98 -6.40
CA ASN D 266 34.11 -50.28 -5.97
C ASN D 266 32.58 -50.20 -5.84
N MET D 267 32.05 -49.04 -6.13
CA MET D 267 30.61 -48.85 -6.27
C MET D 267 30.20 -48.98 -7.75
N GLY D 268 31.20 -48.94 -8.64
CA GLY D 268 30.98 -49.21 -10.06
C GLY D 268 30.88 -47.96 -10.91
N VAL D 269 31.32 -46.83 -10.35
CA VAL D 269 31.12 -45.51 -10.91
C VAL D 269 32.36 -45.10 -11.73
N GLY D 270 32.08 -44.53 -12.91
CA GLY D 270 33.09 -44.09 -13.86
C GLY D 270 33.13 -42.57 -14.02
N ALA D 271 32.01 -41.89 -13.67
CA ALA D 271 31.94 -40.44 -13.67
C ALA D 271 30.99 -39.96 -12.58
N SER D 272 31.39 -38.90 -11.88
CA SER D 272 30.53 -38.24 -10.91
C SER D 272 30.22 -36.83 -11.39
N LEU D 273 29.04 -36.35 -10.98
CA LEU D 273 28.76 -34.93 -10.82
C LEU D 273 28.04 -34.74 -9.50
N THR D 274 28.32 -33.61 -8.85
CA THR D 274 27.74 -33.35 -7.53
C THR D 274 27.40 -31.86 -7.45
N ILE D 275 26.13 -31.58 -7.12
CA ILE D 275 25.68 -30.21 -6.97
C ILE D 275 25.33 -30.01 -5.50
N SER D 276 25.99 -29.00 -4.89
CA SER D 276 25.74 -28.64 -3.50
C SER D 276 24.38 -27.96 -3.41
N LEU D 277 23.68 -28.18 -2.29
CA LEU D 277 22.44 -27.48 -2.01
C LEU D 277 22.65 -26.72 -0.71
N ILE D 278 22.98 -25.44 -0.85
CA ILE D 278 23.40 -24.65 0.29
C ILE D 278 22.23 -23.80 0.77
N LYS D 279 22.07 -23.73 2.09
CA LYS D 279 21.01 -22.95 2.69
C LYS D 279 21.65 -22.09 3.77
N ASP D 280 21.64 -20.79 3.54
CA ASP D 280 22.15 -19.83 4.50
C ASP D 280 23.54 -20.26 5.00
N GLY D 281 24.32 -20.85 4.09
CA GLY D 281 25.70 -21.23 4.38
C GLY D 281 25.85 -22.58 5.07
N HIS D 282 24.74 -23.31 5.24
CA HIS D 282 24.81 -24.67 5.76
C HIS D 282 24.43 -25.61 4.62
N LEU D 283 25.33 -26.55 4.32
CA LEU D 283 25.02 -27.51 3.28
C LEU D 283 23.76 -28.26 3.68
N TRP D 284 22.70 -28.15 2.87
CA TRP D 284 21.45 -28.82 3.16
C TRP D 284 21.48 -30.23 2.59
N GLY D 285 22.16 -30.40 1.46
CA GLY D 285 22.10 -31.65 0.74
C GLY D 285 22.82 -31.58 -0.60
N LEU D 286 22.75 -32.71 -1.34
CA LEU D 286 23.43 -32.84 -2.62
C LEU D 286 22.47 -33.37 -3.67
N ILE D 287 22.78 -33.03 -4.92
CA ILE D 287 22.34 -33.82 -6.06
C ILE D 287 23.56 -34.56 -6.57
N ALA D 288 23.61 -35.88 -6.24
CA ALA D 288 24.75 -36.72 -6.55
C ALA D 288 24.46 -37.56 -7.80
N CYS D 289 25.27 -37.32 -8.84
CA CYS D 289 25.08 -38.00 -10.11
C CYS D 289 26.24 -38.96 -10.37
N HIS D 290 25.87 -40.15 -10.82
CA HIS D 290 26.80 -41.23 -11.09
C HIS D 290 26.59 -41.69 -12.53
N HIS D 291 27.70 -42.04 -13.18
CA HIS D 291 27.65 -42.75 -14.46
C HIS D 291 28.59 -43.95 -14.35
N GLN D 292 28.22 -45.06 -14.99
CA GLN D 292 29.06 -46.24 -15.00
C GLN D 292 30.21 -46.08 -15.99
N THR D 293 29.94 -45.40 -17.11
CA THR D 293 30.98 -45.00 -18.04
C THR D 293 31.44 -43.58 -17.76
N PRO D 294 32.66 -43.18 -18.20
CA PRO D 294 33.05 -41.77 -18.21
C PRO D 294 32.05 -40.88 -18.94
N LYS D 295 31.89 -39.65 -18.43
CA LYS D 295 30.88 -38.75 -18.95
C LYS D 295 31.24 -37.33 -18.58
N VAL D 296 31.58 -36.56 -19.63
CA VAL D 296 32.13 -35.22 -19.46
C VAL D 296 31.00 -34.21 -19.40
N ILE D 297 31.27 -33.12 -18.68
CA ILE D 297 30.34 -32.01 -18.55
C ILE D 297 31.08 -30.72 -18.89
N PRO D 298 30.75 -30.08 -20.04
CA PRO D 298 31.43 -28.84 -20.45
C PRO D 298 31.16 -27.64 -19.55
N PHE D 299 32.00 -26.61 -19.68
CA PHE D 299 31.80 -25.37 -18.94
C PHE D 299 30.34 -24.96 -19.03
N GLU D 300 29.83 -24.88 -20.27
CA GLU D 300 28.52 -24.31 -20.52
C GLU D 300 27.46 -24.97 -19.66
N LEU D 301 27.54 -26.31 -19.57
CA LEU D 301 26.51 -27.13 -18.97
C LEU D 301 26.71 -27.19 -17.46
N ARG D 302 27.94 -26.93 -17.00
CA ARG D 302 28.20 -26.84 -15.58
C ARG D 302 27.58 -25.54 -15.06
N LYS D 303 27.79 -24.45 -15.83
CA LYS D 303 27.29 -23.16 -15.42
C LYS D 303 25.76 -23.23 -15.35
N ALA D 304 25.14 -23.91 -16.31
CA ALA D 304 23.70 -24.05 -16.33
C ALA D 304 23.21 -24.94 -15.19
N CYS D 305 23.98 -25.99 -14.87
CA CYS D 305 23.66 -26.84 -13.74
C CYS D 305 23.74 -26.05 -12.43
N GLU D 306 24.76 -25.19 -12.32
CA GLU D 306 24.98 -24.39 -11.13
C GLU D 306 23.75 -23.53 -10.85
N PHE D 307 23.27 -22.87 -11.90
CA PHE D 307 22.16 -21.94 -11.78
C PHE D 307 20.86 -22.71 -11.50
N PHE D 308 20.75 -23.90 -12.11
CA PHE D 308 19.56 -24.73 -11.98
C PHE D 308 19.42 -25.20 -10.53
N GLY D 309 20.51 -25.68 -9.94
CA GLY D 309 20.52 -26.20 -8.58
C GLY D 309 20.16 -25.14 -7.54
N ARG D 310 20.51 -23.89 -7.80
CA ARG D 310 20.16 -22.79 -6.93
C ARG D 310 18.65 -22.67 -6.82
N VAL D 311 18.00 -22.62 -7.98
CA VAL D 311 16.57 -22.39 -8.06
C VAL D 311 15.84 -23.65 -7.62
N VAL D 312 16.38 -24.82 -7.97
CA VAL D 312 15.81 -26.08 -7.53
C VAL D 312 15.82 -26.10 -6.01
N PHE D 313 16.95 -25.76 -5.40
CA PHE D 313 17.03 -25.75 -3.96
C PHE D 313 16.08 -24.72 -3.36
N SER D 314 15.95 -23.55 -4.02
CA SER D 314 15.07 -22.52 -3.51
C SER D 314 13.66 -23.10 -3.31
N ASN D 315 13.19 -23.88 -4.29
CA ASN D 315 11.87 -24.49 -4.23
C ASN D 315 11.85 -25.65 -3.25
N ILE D 316 12.99 -26.33 -3.08
CA ILE D 316 13.12 -27.38 -2.09
C ILE D 316 12.81 -26.79 -0.72
N SER D 317 13.53 -25.71 -0.38
CA SER D 317 13.43 -25.17 0.96
C SER D 317 12.04 -24.61 1.18
N ALA D 318 11.41 -24.16 0.09
CA ALA D 318 10.04 -23.67 0.16
C ALA D 318 9.08 -24.81 0.53
N GLN D 319 9.15 -25.91 -0.23
CA GLN D 319 8.34 -27.07 0.02
C GLN D 319 8.63 -27.66 1.39
N GLU D 320 9.93 -27.78 1.72
CA GLU D 320 10.32 -28.35 3.00
C GLU D 320 9.71 -27.52 4.13
N ASP D 321 9.78 -26.18 3.98
CA ASP D 321 9.34 -25.27 5.02
C ASP D 321 7.83 -25.39 5.18
N THR D 322 7.07 -25.34 4.09
CA THR D 322 5.62 -25.37 4.18
C THR D 322 5.16 -26.68 4.82
N GLU D 323 5.81 -27.80 4.49
CA GLU D 323 5.44 -29.08 5.08
C GLU D 323 5.67 -29.04 6.59
N THR D 324 6.77 -28.42 7.02
CA THR D 324 7.10 -28.39 8.45
C THR D 324 6.15 -27.44 9.19
N PHE D 325 5.59 -26.47 8.47
CA PHE D 325 4.59 -25.61 9.05
C PHE D 325 3.27 -26.37 9.14
N ASP D 326 3.06 -27.32 8.23
CA ASP D 326 1.90 -28.19 8.32
C ASP D 326 1.98 -29.06 9.56
N TYR D 327 3.19 -29.51 9.90
CA TYR D 327 3.38 -30.30 11.11
C TYR D 327 3.00 -29.45 12.30
N ARG D 328 3.39 -28.17 12.28
CA ARG D 328 3.15 -27.29 13.41
C ARG D 328 1.66 -27.10 13.66
N VAL D 329 0.89 -27.05 12.56
CA VAL D 329 -0.55 -26.83 12.65
C VAL D 329 -1.23 -28.09 13.18
N GLN D 330 -0.75 -29.26 12.74
CA GLN D 330 -1.28 -30.54 13.17
C GLN D 330 -1.03 -30.69 14.67
N LEU D 331 0.15 -30.24 15.13
CA LEU D 331 0.48 -30.32 16.55
C LEU D 331 -0.42 -29.38 17.34
N ALA D 332 -0.74 -28.22 16.74
CA ALA D 332 -1.63 -27.27 17.37
C ALA D 332 -3.04 -27.85 17.44
N GLU D 333 -3.42 -28.61 16.41
CA GLU D 333 -4.71 -29.27 16.35
C GLU D 333 -4.84 -30.28 17.49
N HIS D 334 -3.80 -31.10 17.67
CA HIS D 334 -3.74 -32.06 18.77
C HIS D 334 -3.84 -31.31 20.09
N GLU D 335 -3.03 -30.25 20.23
CA GLU D 335 -3.02 -29.42 21.43
C GLU D 335 -4.44 -28.96 21.75
N ALA D 336 -5.21 -28.59 20.72
CA ALA D 336 -6.52 -28.00 20.93
C ALA D 336 -7.56 -29.06 21.33
N VAL D 337 -7.53 -30.20 20.65
CA VAL D 337 -8.46 -31.30 20.89
C VAL D 337 -8.21 -31.87 22.28
N LEU D 338 -6.93 -31.91 22.68
CA LEU D 338 -6.52 -32.43 23.97
C LEU D 338 -6.92 -31.46 25.08
N LEU D 339 -6.77 -30.16 24.82
CA LEU D 339 -7.11 -29.15 25.81
C LEU D 339 -8.61 -29.14 26.04
N ASP D 340 -9.38 -29.40 24.97
CA ASP D 340 -10.83 -29.40 25.03
C ASP D 340 -11.31 -30.59 25.85
N LYS D 341 -10.99 -31.81 25.38
CA LYS D 341 -11.54 -33.03 25.95
C LYS D 341 -11.02 -33.26 27.37
N MET D 342 -9.78 -32.83 27.59
CA MET D 342 -9.13 -33.02 28.89
C MET D 342 -9.95 -32.33 29.98
N THR D 343 -10.50 -31.15 29.66
CA THR D 343 -11.33 -30.41 30.59
C THR D 343 -12.77 -30.93 30.58
N THR D 344 -13.24 -31.47 29.44
CA THR D 344 -14.59 -32.00 29.29
C THR D 344 -14.84 -33.18 30.23
N ALA D 345 -14.01 -34.23 30.12
CA ALA D 345 -14.13 -35.41 30.95
C ALA D 345 -13.86 -35.04 32.40
N ALA D 346 -14.63 -35.63 33.33
CA ALA D 346 -14.54 -35.30 34.75
C ALA D 346 -13.10 -35.43 35.25
N ASP D 347 -12.47 -36.55 34.89
CA ASP D 347 -11.04 -36.73 35.06
C ASP D 347 -10.36 -36.16 33.82
N PHE D 348 -9.32 -35.35 34.02
CA PHE D 348 -8.59 -34.81 32.88
C PHE D 348 -7.81 -35.95 32.20
N VAL D 349 -7.34 -36.88 33.01
CA VAL D 349 -6.62 -38.05 32.54
C VAL D 349 -7.52 -38.86 31.61
N GLU D 350 -8.80 -38.97 31.95
CA GLU D 350 -9.77 -39.73 31.16
C GLU D 350 -10.00 -39.04 29.82
N GLY D 351 -9.80 -37.71 29.75
CA GLY D 351 -9.87 -37.00 28.49
C GLY D 351 -8.71 -37.35 27.55
N LEU D 352 -7.52 -37.50 28.14
CA LEU D 352 -6.29 -37.75 27.42
C LEU D 352 -6.31 -39.17 26.85
N THR D 353 -6.81 -40.12 27.64
CA THR D 353 -6.78 -41.53 27.29
C THR D 353 -7.92 -41.89 26.33
N ASN D 354 -8.90 -40.99 26.17
CA ASN D 354 -9.99 -41.19 25.24
C ASN D 354 -9.58 -40.74 23.84
N HIS D 355 -8.52 -39.93 23.76
CA HIS D 355 -7.96 -39.51 22.48
C HIS D 355 -6.46 -39.83 22.46
N PRO D 356 -6.08 -41.12 22.47
CA PRO D 356 -4.66 -41.51 22.58
C PRO D 356 -3.83 -41.10 21.36
N ASP D 357 -4.48 -41.18 20.20
CA ASP D 357 -3.89 -40.73 18.96
C ASP D 357 -3.33 -39.33 19.19
N ARG D 358 -4.17 -38.43 19.70
CA ARG D 358 -3.77 -37.04 19.88
C ARG D 358 -2.67 -36.98 20.93
N LEU D 359 -2.89 -37.70 22.03
CA LEU D 359 -1.98 -37.66 23.18
C LEU D 359 -0.54 -37.88 22.69
N LEU D 360 -0.37 -38.93 21.88
CA LEU D 360 0.94 -39.31 21.40
C LEU D 360 1.34 -38.33 20.31
N GLY D 361 0.35 -37.95 19.49
CA GLY D 361 0.58 -37.07 18.35
C GLY D 361 1.18 -35.73 18.75
N LEU D 362 0.92 -35.32 20.00
CA LEU D 362 1.36 -34.02 20.47
C LEU D 362 2.89 -33.92 20.44
N THR D 363 3.58 -34.98 20.81
CA THR D 363 5.03 -35.04 20.65
C THR D 363 5.39 -35.94 19.48
N GLY D 364 4.38 -36.54 18.85
CA GLY D 364 4.58 -37.48 17.76
C GLY D 364 5.23 -38.76 18.26
N SER D 365 5.20 -39.02 19.57
CA SER D 365 5.80 -40.24 20.08
C SER D 365 4.89 -41.42 19.78
N GLN D 366 5.42 -42.63 19.98
CA GLN D 366 4.70 -43.86 19.68
C GLN D 366 4.18 -44.51 20.96
N GLY D 367 4.50 -43.93 22.12
CA GLY D 367 4.02 -44.46 23.38
C GLY D 367 4.13 -43.44 24.50
N ALA D 368 3.34 -43.63 25.57
CA ALA D 368 3.26 -42.61 26.61
C ALA D 368 2.75 -43.19 27.93
N ALA D 369 3.05 -42.46 29.02
CA ALA D 369 2.67 -42.90 30.35
C ALA D 369 2.18 -41.71 31.16
N ILE D 370 1.16 -41.95 32.00
CA ILE D 370 0.49 -40.94 32.79
C ILE D 370 0.48 -41.39 34.25
N CYS D 371 1.40 -40.86 35.05
CA CYS D 371 1.36 -41.09 36.49
C CYS D 371 0.68 -39.90 37.15
N PHE D 372 -0.55 -40.11 37.59
CA PHE D 372 -1.30 -39.09 38.32
C PHE D 372 -1.73 -39.69 39.65
N GLY D 373 -1.22 -39.14 40.76
CA GLY D 373 -1.59 -39.58 42.09
C GLY D 373 -1.22 -41.04 42.31
N GLU D 374 -2.22 -41.92 42.41
CA GLU D 374 -1.99 -43.35 42.59
C GLU D 374 -1.91 -44.03 41.22
N LYS D 375 -2.92 -43.78 40.37
CA LYS D 375 -3.10 -44.55 39.15
C LYS D 375 -1.93 -44.28 38.19
N LEU D 376 -1.75 -45.15 37.19
CA LEU D 376 -0.67 -45.04 36.22
C LEU D 376 -1.14 -45.69 34.93
N ILE D 377 -1.14 -44.92 33.83
CA ILE D 377 -1.73 -45.40 32.58
C ILE D 377 -0.65 -45.46 31.49
N LEU D 378 -0.49 -46.65 30.88
CA LEU D 378 0.39 -46.83 29.75
C LEU D 378 -0.43 -46.75 28.47
N VAL D 379 0.13 -46.10 27.44
CA VAL D 379 -0.56 -45.91 26.17
C VAL D 379 0.39 -46.23 25.02
N GLY D 380 -0.13 -46.97 24.02
CA GLY D 380 0.61 -47.25 22.81
C GLY D 380 1.70 -48.30 23.03
N GLU D 381 2.92 -47.99 22.60
CA GLU D 381 4.06 -48.89 22.73
C GLU D 381 4.95 -48.35 23.85
N THR D 382 4.93 -49.03 25.02
CA THR D 382 5.69 -48.62 26.17
C THR D 382 6.38 -49.82 26.82
N PRO D 383 7.42 -49.62 27.64
CA PRO D 383 8.00 -50.72 28.42
C PRO D 383 7.02 -51.35 29.41
N ASP D 384 7.34 -52.53 29.94
CA ASP D 384 6.49 -53.20 30.91
C ASP D 384 6.41 -52.34 32.17
N GLU D 385 5.32 -52.51 32.91
CA GLU D 385 4.97 -51.68 34.05
C GLU D 385 6.13 -51.60 35.05
N LYS D 386 6.82 -52.73 35.25
CA LYS D 386 7.87 -52.82 36.24
C LYS D 386 8.99 -51.83 35.90
N ALA D 387 9.42 -51.85 34.63
CA ALA D 387 10.56 -51.07 34.17
C ALA D 387 10.21 -49.59 34.12
N VAL D 388 8.93 -49.31 33.82
CA VAL D 388 8.44 -47.94 33.80
C VAL D 388 8.43 -47.39 35.21
N GLN D 389 7.94 -48.17 36.18
CA GLN D 389 7.85 -47.72 37.55
C GLN D 389 9.25 -47.37 38.08
N TYR D 390 10.24 -48.20 37.76
CA TYR D 390 11.63 -47.94 38.12
C TYR D 390 12.11 -46.66 37.47
N LEU D 391 11.66 -46.43 36.24
CA LEU D 391 12.05 -45.24 35.48
C LEU D 391 11.52 -43.98 36.16
N LEU D 392 10.24 -43.96 36.51
CA LEU D 392 9.65 -42.81 37.18
C LEU D 392 10.43 -42.50 38.46
N GLN D 393 10.75 -43.57 39.20
CA GLN D 393 11.56 -43.47 40.40
C GLN D 393 12.83 -42.69 40.08
N TRP D 394 13.52 -43.09 39.01
CA TRP D 394 14.75 -42.45 38.57
C TRP D 394 14.54 -40.96 38.28
N LEU D 395 13.39 -40.62 37.69
CA LEU D 395 13.11 -39.26 37.29
C LEU D 395 12.96 -38.34 38.51
N GLU D 396 12.39 -38.86 39.60
CA GLU D 396 12.27 -38.07 40.81
C GLU D 396 13.66 -37.81 41.40
N ASN D 397 14.58 -38.76 41.22
CA ASN D 397 15.94 -38.65 41.71
C ASN D 397 16.68 -37.57 40.92
N ARG D 398 16.37 -37.47 39.62
CA ARG D 398 16.98 -36.45 38.77
C ARG D 398 16.54 -35.05 39.24
N GLU D 399 15.31 -34.96 39.77
CA GLU D 399 14.77 -33.70 40.23
C GLU D 399 14.68 -32.75 39.04
N VAL D 400 13.92 -33.18 38.02
CA VAL D 400 13.77 -32.45 36.77
C VAL D 400 12.99 -31.18 37.03
N GLN D 401 13.51 -30.03 36.56
CA GLN D 401 12.96 -28.75 36.95
C GLN D 401 11.89 -28.30 35.97
N ASP D 402 12.22 -28.24 34.68
CA ASP D 402 11.24 -27.86 33.68
C ASP D 402 10.72 -29.11 33.00
N VAL D 403 11.62 -29.77 32.27
CA VAL D 403 11.24 -30.86 31.40
C VAL D 403 12.47 -31.70 31.13
N PHE D 404 12.26 -32.99 30.92
CA PHE D 404 13.34 -33.88 30.55
C PHE D 404 13.05 -34.46 29.17
N PHE D 405 14.09 -34.51 28.35
CA PHE D 405 13.97 -35.14 27.04
C PHE D 405 15.37 -35.58 26.60
N THR D 406 15.45 -36.78 26.01
CA THR D 406 16.70 -37.30 25.49
C THR D 406 16.44 -38.18 24.27
N SER D 407 17.29 -37.98 23.25
CA SER D 407 17.27 -38.71 22.00
C SER D 407 17.78 -40.14 22.23
N SER D 408 18.66 -40.33 23.21
CA SER D 408 19.19 -41.64 23.58
C SER D 408 19.19 -41.85 25.09
N LEU D 409 18.13 -42.50 25.60
CA LEU D 409 17.91 -42.66 27.02
C LEU D 409 18.85 -43.72 27.57
N SER D 410 19.22 -44.67 26.73
CA SER D 410 20.08 -45.77 27.11
C SER D 410 21.43 -45.24 27.62
N GLN D 411 21.82 -44.03 27.21
CA GLN D 411 23.07 -43.42 27.65
C GLN D 411 22.97 -42.94 29.11
N ILE D 412 21.90 -42.18 29.40
CA ILE D 412 21.79 -41.54 30.71
C ILE D 412 21.33 -42.58 31.73
N TYR D 413 20.36 -43.41 31.32
CA TYR D 413 19.76 -44.44 32.15
C TYR D 413 20.11 -45.80 31.54
N PRO D 414 21.16 -46.48 32.04
CA PRO D 414 21.67 -47.68 31.38
C PRO D 414 20.65 -48.80 31.27
N ASP D 415 19.81 -48.98 32.31
CA ASP D 415 18.84 -50.06 32.38
C ASP D 415 17.88 -50.00 31.18
N ALA D 416 17.83 -48.87 30.48
CA ALA D 416 16.93 -48.67 29.36
C ALA D 416 17.45 -49.35 28.09
N VAL D 417 18.62 -49.96 28.17
CA VAL D 417 19.13 -50.78 27.09
C VAL D 417 18.16 -51.94 26.85
N ASN D 418 17.41 -52.35 27.88
CA ASN D 418 16.53 -53.50 27.76
C ASN D 418 15.36 -53.20 26.83
N PHE D 419 14.80 -52.00 26.98
CA PHE D 419 13.63 -51.61 26.21
C PHE D 419 14.02 -50.54 25.20
N LYS D 420 15.28 -50.58 24.73
CA LYS D 420 15.76 -49.62 23.75
C LYS D 420 14.81 -49.59 22.57
N SER D 421 14.22 -50.74 22.26
CA SER D 421 13.42 -50.89 21.06
C SER D 421 12.04 -50.29 21.23
N VAL D 422 11.74 -49.77 22.42
CA VAL D 422 10.44 -49.16 22.70
C VAL D 422 10.64 -47.73 23.20
N ALA D 423 11.63 -47.53 24.07
CA ALA D 423 11.95 -46.23 24.61
C ALA D 423 13.47 -46.02 24.62
N SER D 424 14.03 -45.80 23.43
CA SER D 424 15.38 -45.26 23.31
C SER D 424 15.30 -43.74 23.49
N GLY D 425 14.20 -43.15 23.03
CA GLY D 425 13.93 -41.74 23.27
C GLY D 425 12.84 -41.56 24.31
N LEU D 426 13.03 -40.57 25.19
CA LEU D 426 12.04 -40.26 26.22
C LEU D 426 11.95 -38.76 26.42
N LEU D 427 10.70 -38.29 26.54
CA LEU D 427 10.38 -36.93 26.95
C LEU D 427 9.41 -37.03 28.13
N ALA D 428 9.81 -36.46 29.26
CA ALA D 428 9.01 -36.50 30.49
C ALA D 428 8.88 -35.11 31.07
N ILE D 429 7.69 -34.82 31.61
CA ILE D 429 7.39 -33.54 32.23
C ILE D 429 6.85 -33.79 33.62
N PRO D 430 7.44 -33.19 34.67
CA PRO D 430 6.88 -33.29 36.02
C PRO D 430 5.66 -32.40 36.17
N ILE D 431 4.47 -32.97 35.98
CA ILE D 431 3.23 -32.24 36.19
C ILE D 431 3.02 -31.99 37.68
N ALA D 432 3.57 -32.84 38.56
CA ALA D 432 3.38 -32.71 39.99
C ALA D 432 4.57 -33.33 40.72
N ARG D 433 4.52 -33.33 42.05
CA ARG D 433 5.60 -33.84 42.89
C ARG D 433 5.96 -35.27 42.51
N HIS D 434 4.93 -36.10 42.45
CA HIS D 434 5.07 -37.52 42.14
C HIS D 434 4.25 -37.88 40.90
N ASN D 435 3.69 -36.87 40.24
CA ASN D 435 2.89 -37.07 39.04
C ASN D 435 3.66 -36.51 37.84
N PHE D 436 3.79 -37.32 36.78
CA PHE D 436 4.55 -36.93 35.60
C PHE D 436 3.91 -37.54 34.35
N LEU D 437 4.22 -36.92 33.19
CA LEU D 437 3.79 -37.41 31.89
C LEU D 437 5.02 -37.83 31.10
N LEU D 438 4.91 -38.94 30.37
CA LEU D 438 6.02 -39.48 29.60
C LEU D 438 5.61 -39.73 28.16
N TRP D 439 6.55 -39.55 27.23
CA TRP D 439 6.42 -40.03 25.87
C TRP D 439 7.65 -40.86 25.50
N PHE D 440 7.40 -42.00 24.84
CA PHE D 440 8.41 -42.98 24.47
C PHE D 440 8.57 -43.05 22.96
N ARG D 441 9.83 -43.12 22.49
CA ARG D 441 10.11 -43.36 21.09
C ARG D 441 11.01 -44.58 20.95
N PRO D 442 10.76 -45.45 19.96
CA PRO D 442 11.64 -46.60 19.70
C PRO D 442 12.89 -46.17 18.95
N GLU D 443 13.89 -47.05 18.92
CA GLU D 443 15.14 -46.79 18.21
C GLU D 443 14.83 -46.53 16.75
N VAL D 444 15.64 -45.68 16.10
CA VAL D 444 15.44 -45.31 14.72
C VAL D 444 15.57 -46.54 13.82
N LEU D 445 16.55 -47.39 14.10
CA LEU D 445 16.89 -48.50 13.24
C LEU D 445 15.67 -49.38 13.00
N GLN D 446 14.62 -49.24 13.81
CA GLN D 446 13.36 -49.95 13.57
C GLN D 446 12.83 -49.61 12.17
N THR D 447 13.07 -48.37 11.70
CA THR D 447 12.76 -48.01 10.33
C THR D 447 13.75 -48.72 9.39
N VAL D 448 13.25 -49.58 8.49
CA VAL D 448 14.10 -50.40 7.64
C VAL D 448 14.04 -49.84 6.21
N ASN D 449 15.16 -49.30 5.75
CA ASN D 449 15.31 -48.85 4.36
C ASN D 449 15.94 -49.98 3.55
N TRP D 450 16.99 -50.62 4.10
CA TRP D 450 17.67 -51.72 3.43
C TRP D 450 17.54 -53.00 4.26
N GLY D 451 17.94 -52.96 5.55
CA GLY D 451 17.91 -54.16 6.39
C GLY D 451 17.68 -53.87 7.87
N LYS D 466 40.86 -53.15 7.14
CA LYS D 466 40.06 -52.61 8.26
C LYS D 466 39.02 -51.60 7.75
N ILE D 467 39.41 -50.67 6.88
CA ILE D 467 38.48 -49.70 6.31
C ILE D 467 37.96 -50.27 5.00
N GLU D 468 36.80 -50.93 5.02
CA GLU D 468 36.08 -51.25 3.78
C GLU D 468 35.35 -49.98 3.34
N LEU D 469 35.37 -49.69 2.03
CA LEU D 469 34.72 -48.51 1.50
C LEU D 469 33.60 -48.94 0.56
N HIS D 470 32.43 -49.28 1.09
CA HIS D 470 31.27 -49.49 0.24
C HIS D 470 30.02 -48.97 0.95
N PRO D 471 28.96 -48.54 0.22
CA PRO D 471 27.73 -48.08 0.87
C PRO D 471 27.24 -48.98 2.00
N ARG D 472 27.18 -50.28 1.74
CA ARG D 472 26.72 -51.24 2.74
C ARG D 472 27.54 -51.14 4.02
N GLN D 473 28.81 -50.76 3.91
CA GLN D 473 29.66 -50.50 5.07
C GLN D 473 29.24 -49.19 5.73
N SER D 474 29.06 -48.16 4.91
CA SER D 474 28.67 -46.85 5.41
C SER D 474 27.36 -46.98 6.19
N PHE D 475 26.41 -47.76 5.65
CA PHE D 475 25.13 -47.97 6.30
C PHE D 475 25.32 -48.72 7.61
N ASP D 476 26.20 -49.73 7.63
CA ASP D 476 26.49 -50.45 8.86
C ASP D 476 27.12 -49.52 9.88
N LEU D 477 27.94 -48.56 9.42
CA LEU D 477 28.57 -47.61 10.31
C LEU D 477 27.54 -46.67 10.91
N TRP D 478 26.68 -46.14 10.03
CA TRP D 478 25.61 -45.25 10.43
C TRP D 478 24.70 -45.96 11.44
N LYS D 479 24.38 -47.22 11.15
CA LYS D 479 23.57 -48.06 12.02
C LYS D 479 24.18 -48.09 13.41
N GLU D 480 25.50 -48.25 13.50
CA GLU D 480 26.21 -48.34 14.77
C GLU D 480 26.07 -47.05 15.56
N ILE D 481 26.01 -45.91 14.86
CA ILE D 481 25.89 -44.60 15.49
C ILE D 481 24.52 -44.46 16.13
N VAL D 482 23.50 -44.98 15.45
CA VAL D 482 22.12 -44.70 15.80
C VAL D 482 21.53 -45.82 16.66
N ARG D 483 22.36 -46.76 17.11
CA ARG D 483 21.86 -47.77 18.04
C ARG D 483 21.53 -47.04 19.34
N LEU D 484 20.53 -47.55 20.06
CA LEU D 484 20.10 -47.03 21.35
C LEU D 484 19.49 -45.63 21.22
N GLN D 485 19.15 -45.23 19.99
CA GLN D 485 18.90 -43.84 19.67
C GLN D 485 17.60 -43.71 18.88
N SER D 486 16.69 -42.88 19.40
CA SER D 486 15.42 -42.58 18.77
C SER D 486 15.61 -41.44 17.76
N LEU D 487 14.50 -41.01 17.17
CA LEU D 487 14.47 -39.81 16.35
C LEU D 487 14.63 -38.62 17.29
N PRO D 488 15.13 -37.46 16.78
CA PRO D 488 15.40 -36.32 17.65
C PRO D 488 14.10 -35.61 18.04
N TRP D 489 14.05 -35.10 19.27
CA TRP D 489 12.89 -34.37 19.76
C TRP D 489 12.90 -32.96 19.17
N GLN D 490 11.98 -32.69 18.23
CA GLN D 490 11.94 -31.40 17.57
C GLN D 490 11.43 -30.34 18.54
N SER D 491 11.88 -29.10 18.33
CA SER D 491 11.58 -28.01 19.24
C SER D 491 10.07 -27.86 19.37
N VAL D 492 9.38 -27.85 18.24
CA VAL D 492 7.94 -27.68 18.17
C VAL D 492 7.26 -28.71 19.07
N GLU D 493 7.79 -29.94 19.11
CA GLU D 493 7.19 -31.03 19.86
C GLU D 493 7.32 -30.77 21.35
N ILE D 494 8.49 -30.25 21.76
CA ILE D 494 8.75 -30.03 23.18
C ILE D 494 7.80 -28.93 23.66
N GLN D 495 7.76 -27.81 22.95
CA GLN D 495 6.91 -26.68 23.31
C GLN D 495 5.45 -27.08 23.38
N SER D 496 5.03 -28.00 22.48
CA SER D 496 3.66 -28.49 22.48
C SER D 496 3.37 -29.32 23.72
N ALA D 497 4.41 -29.96 24.28
CA ALA D 497 4.27 -30.75 25.50
C ALA D 497 4.26 -29.84 26.73
N LEU D 498 5.11 -28.80 26.72
CA LEU D 498 5.10 -27.78 27.77
C LEU D 498 3.75 -27.10 27.84
N ALA D 499 3.13 -26.86 26.69
CA ALA D 499 1.81 -26.25 26.61
C ALA D 499 0.80 -27.12 27.34
N LEU D 500 0.95 -28.44 27.21
CA LEU D 500 0.03 -29.35 27.88
C LEU D 500 0.37 -29.44 29.36
N LYS D 501 1.65 -29.30 29.73
CA LYS D 501 2.04 -29.32 31.13
C LYS D 501 1.40 -28.16 31.87
N LYS D 502 1.58 -26.93 31.35
CA LYS D 502 1.01 -25.71 31.94
C LYS D 502 -0.51 -25.83 32.05
N ALA D 503 -1.13 -26.36 30.98
CA ALA D 503 -2.57 -26.56 30.94
C ALA D 503 -3.02 -27.50 32.04
N ILE D 504 -2.29 -28.62 32.23
CA ILE D 504 -2.60 -29.61 33.26
C ILE D 504 -2.51 -28.97 34.64
N VAL D 505 -1.41 -28.22 34.89
CA VAL D 505 -1.21 -27.58 36.18
C VAL D 505 -2.41 -26.70 36.46
N ASN D 506 -2.84 -25.89 35.48
CA ASN D 506 -3.93 -24.96 35.67
C ASN D 506 -5.23 -25.73 35.97
N LEU D 507 -5.44 -26.83 35.24
CA LEU D 507 -6.63 -27.64 35.43
C LEU D 507 -6.67 -28.22 36.84
N ILE D 508 -5.52 -28.67 37.35
CA ILE D 508 -5.43 -29.22 38.69
C ILE D 508 -5.72 -28.13 39.72
N LEU D 509 -5.19 -26.92 39.50
CA LEU D 509 -5.42 -25.77 40.37
C LEU D 509 -6.92 -25.46 40.43
N ARG D 510 -7.56 -25.40 39.26
CA ARG D 510 -9.00 -25.15 39.17
C ARG D 510 -9.76 -26.22 39.94
N GLN D 511 -9.39 -27.49 39.73
CA GLN D 511 -10.01 -28.62 40.40
C GLN D 511 -9.94 -28.43 41.92
N ALA D 512 -8.77 -28.06 42.44
CA ALA D 512 -8.59 -27.87 43.87
C ALA D 512 -9.40 -26.67 44.36
N GLU D 513 -9.49 -25.63 43.53
CA GLU D 513 -10.18 -24.39 43.87
C GLU D 513 -11.69 -24.54 43.66
N GLU D 514 -12.13 -25.26 42.61
CA GLU D 514 -13.53 -25.19 42.15
C GLU D 514 -14.54 -25.35 43.30
CHA CYC E . -15.55 18.08 -26.14
NA CYC E . -17.99 18.37 -26.63
C1A CYC E . -16.82 18.63 -25.94
C2A CYC E . -17.15 19.53 -24.97
C3A CYC E . -18.49 19.79 -25.08
C4A CYC E . -19.01 19.11 -26.12
CMA CYC E . -19.28 20.68 -24.10
CAA CYC E . -16.18 20.07 -23.90
CBA CYC E . -16.19 21.63 -23.73
CGA CYC E . -15.36 22.40 -24.76
O1A CYC E . -14.09 22.27 -24.58
O2A CYC E . -16.02 23.17 -25.60
CHB CYC E . -20.33 19.03 -26.64
NB CYC E . -20.92 21.41 -26.57
C1B CYC E . -21.22 20.09 -26.79
C2B CYC E . -22.54 20.05 -27.19
C3B CYC E . -23.03 21.33 -27.19
C4B CYC E . -22.00 22.18 -26.83
CMB CYC E . -23.31 18.75 -27.55
CAB CYC E . -24.47 21.79 -27.56
CBB CYC E . -25.25 22.18 -26.26
OB CYC E . -21.98 23.41 -26.69
NC CYC E . -17.54 15.08 -30.13
C1C CYC E . -18.56 14.72 -30.95
C2C CYC E . -18.27 13.32 -31.56
C3C CYC E . -16.86 12.97 -30.98
C4C CYC E . -16.53 14.17 -30.07
CMC CYC E . -19.34 12.34 -31.14
CAC CYC E . -15.86 12.82 -32.16
CBC CYC E . -15.85 11.56 -32.96
OC CYC E . -19.55 15.46 -31.16
CHD CYC E . -15.38 14.25 -29.32
ND CYC E . -15.86 16.19 -27.78
C1D CYC E . -15.03 15.29 -28.41
C2D CYC E . -13.76 15.57 -27.97
C3D CYC E . -13.79 16.62 -27.10
C4D CYC E . -15.12 17.01 -26.96
CMD CYC E . -12.48 14.80 -28.45
CAD CYC E . -12.59 17.26 -26.39
CBD CYC E . -11.91 18.37 -27.22
CGD CYC E . -10.68 18.91 -26.41
O1D CYC E . -9.56 18.49 -26.81
O2D CYC E . -10.87 19.65 -25.39
CHA CYC F . -13.15 12.25 21.59
NA CYC F . -13.05 14.61 22.38
C1A CYC F . -13.57 13.59 21.65
C2A CYC F . -14.65 14.10 20.96
C3A CYC F . -14.73 15.44 21.27
C4A CYC F . -13.76 15.75 22.18
CMA CYC F . -15.73 16.44 20.65
CAA CYC F . -15.51 13.27 19.97
CBA CYC F . -17.06 13.47 20.17
CGA CYC F . -17.76 12.63 21.23
O1A CYC F . -17.84 11.40 20.89
O2A CYC F . -18.23 13.23 22.29
CHB CYC F . -13.42 16.99 22.80
NB CYC F . -15.65 17.83 23.35
C1B CYC F . -14.29 17.96 23.29
C2B CYC F . -13.98 19.20 23.84
C3B CYC F . -15.15 19.81 24.23
C4B CYC F . -16.19 18.95 23.93
CMB CYC F . -12.54 19.76 24.00
CAB CYC F . -15.29 21.22 24.88
CBB CYC F . -15.90 22.19 23.80
OB CYC F . -17.43 19.10 24.12
NC CYC F . -9.20 13.34 24.99
C1C CYC F . -8.55 14.21 25.81
C2C CYC F . -7.10 13.73 26.01
C3C CYC F . -7.04 12.37 25.19
C4C CYC F . -8.43 12.28 24.56
CMC CYC F . -6.12 14.76 25.48
CAC CYC F . -6.75 11.17 26.12
CBC CYC F . -5.39 11.00 26.71
OC CYC F . -9.07 15.22 26.32
CHD CYC F . -8.81 11.25 23.73
ND CYC F . -10.93 12.13 22.76
C1D CYC F . -10.04 11.14 23.06
C2D CYC F . -10.55 9.98 22.54
C3D CYC F . -11.74 10.23 21.95
C4D CYC F . -11.99 11.60 22.08
CMD CYC F . -9.86 8.59 22.65
CAD CYC F . -12.61 9.14 21.25
CBD CYC F . -13.69 8.55 22.20
CGD CYC F . -14.51 7.48 21.42
O1D CYC F . -14.19 6.28 21.57
O2D CYC F . -15.42 7.89 20.63
CHA CYC G . 10.59 2.16 12.19
NA CYC G . 9.43 2.97 10.11
C1A CYC G . 9.80 2.01 11.02
C2A CYC G . 9.27 0.82 10.58
C3A CYC G . 8.62 1.07 9.40
C4A CYC G . 8.68 2.41 9.13
CMA CYC G . 7.96 0.01 8.50
CAA CYC G . 9.50 -0.53 11.29
CBA CYC G . 8.17 -1.33 11.53
CGA CYC G . 7.35 -0.96 12.78
O1A CYC G . 7.88 -1.32 13.86
O2A CYC G . 6.18 -0.43 12.60
CHB CYC G . 8.16 3.19 8.05
NB CYC G . 5.91 2.27 7.95
C1B CYC G . 6.91 3.08 7.47
C2B CYC G . 6.41 3.71 6.37
C3B CYC G . 5.13 3.27 6.15
C4B CYC G . 4.81 2.37 7.15
CMB CYC G . 7.21 4.73 5.53
CAB CYC G . 4.17 3.66 4.98
CBB CYC G . 4.06 2.49 3.94
OB CYC G . 3.74 1.71 7.31
NC CYC G . 11.15 7.36 11.03
C1C CYC G . 10.89 8.43 10.20
C2C CYC G . 11.97 9.51 10.40
C3C CYC G . 12.94 8.85 11.45
C4C CYC G . 12.30 7.50 11.77
CMC CYC G . 12.64 9.80 9.07
CAC CYC G . 13.10 9.75 12.68
CBC CYC G . 13.72 11.10 12.69
OC CYC G . 9.87 8.52 9.50
CHD CYC G . 12.82 6.56 12.63
ND CYC G . 11.59 4.49 12.06
C1D CYC G . 12.37 5.27 12.87
C2D CYC G . 12.66 4.48 13.95
C3D CYC G . 12.05 3.27 13.83
C4D CYC G . 11.37 3.25 12.64
CMD CYC G . 13.55 4.96 15.14
CAD CYC G . 12.15 2.13 14.87
CBD CYC G . 11.01 2.18 15.94
CGD CYC G . 11.23 1.03 16.96
O1D CYC G . 11.79 1.33 18.08
O2D CYC G . 10.87 -0.14 16.60
CHA CYC H . 33.46 -36.72 -1.17
NA CYC H . 31.81 -38.57 -0.73
C1A CYC H . 32.21 -37.35 -1.23
C2A CYC H . 31.11 -36.80 -1.86
C3A CYC H . 30.05 -37.69 -1.68
C4A CYC H . 30.49 -38.79 -1.00
CMA CYC H . 28.60 -37.42 -2.12
CAA CYC H . 31.14 -35.38 -2.50
CBA CYC H . 30.50 -35.38 -3.95
CGA CYC H . 31.37 -35.77 -5.12
O1A CYC H . 32.22 -34.88 -5.35
O2A CYC H . 31.14 -36.86 -5.77
CHB CYC H . 29.81 -39.95 -0.57
NB CYC H . 28.52 -40.44 -2.59
C1B CYC H . 28.87 -40.66 -1.28
C2B CYC H . 28.12 -41.75 -0.87
C3B CYC H . 27.31 -42.17 -1.90
C4B CYC H . 27.58 -41.35 -2.98
CMB CYC H . 28.22 -42.36 0.56
CAB CYC H . 26.30 -43.34 -1.88
CBB CYC H . 24.83 -42.74 -1.83
OB CYC H . 27.07 -41.37 -4.12
NC CYC H . 35.28 -40.84 1.73
C1C CYC H . 35.07 -42.08 2.29
C2C CYC H . 36.10 -42.30 3.42
C3C CYC H . 36.96 -40.99 3.38
C4C CYC H . 36.29 -40.14 2.27
CMC CYC H . 35.38 -42.47 4.76
CAC CYC H . 38.44 -41.31 3.11
CBC CYC H . 39.28 -42.12 4.04
OC CYC H . 34.22 -42.91 1.88
CHD CYC H . 36.70 -38.87 1.89
ND CYC H . 34.83 -38.08 0.48
C1D CYC H . 36.12 -38.04 0.93
C2D CYC H . 36.73 -36.97 0.31
C3D CYC H . 35.85 -36.36 -0.53
C4D CYC H . 34.63 -37.05 -0.42
CMD CYC H . 38.20 -36.54 0.52
CAD CYC H . 36.14 -35.12 -1.41
CBD CYC H . 36.67 -35.50 -2.83
CGD CYC H . 36.98 -34.16 -3.60
O1D CYC H . 38.19 -33.80 -3.65
O2D CYC H . 35.98 -33.54 -4.09
#